data_2NX8
# 
_entry.id   2NX8 
# 
_audit_conform.dict_name       mmcif_pdbx.dic 
_audit_conform.dict_version    5.383 
_audit_conform.dict_location   http://mmcif.pdb.org/dictionaries/ascii/mmcif_pdbx.dic 
# 
loop_
_database_2.database_id 
_database_2.database_code 
_database_2.pdbx_database_accession 
_database_2.pdbx_DOI 
PDB   2NX8         pdb_00002nx8 10.2210/pdb2nx8/pdb 
RCSB  RCSB040414   ?            ?                   
WWPDB D_1000040414 ?            ?                   
# 
loop_
_pdbx_audit_revision_history.ordinal 
_pdbx_audit_revision_history.data_content_type 
_pdbx_audit_revision_history.major_revision 
_pdbx_audit_revision_history.minor_revision 
_pdbx_audit_revision_history.revision_date 
1 'Structure model' 1 0 2007-08-21 
2 'Structure model' 1 1 2011-07-13 
3 'Structure model' 1 2 2021-11-10 
4 'Structure model' 1 3 2023-12-27 
# 
_pdbx_audit_revision_details.ordinal             1 
_pdbx_audit_revision_details.revision_ordinal    1 
_pdbx_audit_revision_details.data_content_type   'Structure model' 
_pdbx_audit_revision_details.provider            repository 
_pdbx_audit_revision_details.type                'Initial release' 
_pdbx_audit_revision_details.description         ? 
_pdbx_audit_revision_details.details             ? 
# 
loop_
_pdbx_audit_revision_group.ordinal 
_pdbx_audit_revision_group.revision_ordinal 
_pdbx_audit_revision_group.data_content_type 
_pdbx_audit_revision_group.group 
1 2 'Structure model' 'Derived calculations'      
2 2 'Structure model' 'Version format compliance' 
3 3 'Structure model' 'Database references'       
4 3 'Structure model' 'Derived calculations'      
5 4 'Structure model' 'Data collection'           
# 
loop_
_pdbx_audit_revision_category.ordinal 
_pdbx_audit_revision_category.revision_ordinal 
_pdbx_audit_revision_category.data_content_type 
_pdbx_audit_revision_category.category 
1 3 'Structure model' database_2         
2 3 'Structure model' struct_conn        
3 3 'Structure model' struct_ref_seq_dif 
4 4 'Structure model' chem_comp_atom     
5 4 'Structure model' chem_comp_bond     
# 
loop_
_pdbx_audit_revision_item.ordinal 
_pdbx_audit_revision_item.revision_ordinal 
_pdbx_audit_revision_item.data_content_type 
_pdbx_audit_revision_item.item 
1  3 'Structure model' '_database_2.pdbx_DOI'                
2  3 'Structure model' '_database_2.pdbx_database_accession' 
3  3 'Structure model' '_struct_conn.ptnr1_auth_comp_id'     
4  3 'Structure model' '_struct_conn.ptnr1_auth_seq_id'      
5  3 'Structure model' '_struct_conn.ptnr1_label_asym_id'    
6  3 'Structure model' '_struct_conn.ptnr1_label_atom_id'    
7  3 'Structure model' '_struct_conn.ptnr1_label_comp_id'    
8  3 'Structure model' '_struct_conn.ptnr1_label_seq_id'     
9  3 'Structure model' '_struct_conn.ptnr2_auth_comp_id'     
10 3 'Structure model' '_struct_conn.ptnr2_auth_seq_id'      
11 3 'Structure model' '_struct_conn.ptnr2_label_asym_id'    
12 3 'Structure model' '_struct_conn.ptnr2_label_atom_id'    
13 3 'Structure model' '_struct_conn.ptnr2_label_comp_id'    
14 3 'Structure model' '_struct_conn.ptnr2_label_seq_id'     
15 3 'Structure model' '_struct_ref_seq_dif.details'         
# 
_pdbx_database_status.status_code                     REL 
_pdbx_database_status.entry_id                        2NX8 
_pdbx_database_status.recvd_initial_deposition_date   2006-11-17 
_pdbx_database_status.deposit_site                    RCSB 
_pdbx_database_status.process_site                    PDBJ 
_pdbx_database_status.status_code_sf                  REL 
_pdbx_database_status.status_code_mr                  ? 
_pdbx_database_status.SG_entry                        Y 
_pdbx_database_status.pdb_format_compatible           Y 
_pdbx_database_status.status_code_cs                  ? 
_pdbx_database_status.status_code_nmr_data            ? 
_pdbx_database_status.methods_development_category    ? 
# 
loop_
_audit_author.name 
_audit_author.pdbx_ordinal 
'Hwang, K.Y.' 1 
'Lee, W.-H.'  2 
'Kim, Y.K.'   3 
# 
_citation.id                        primary 
_citation.title                     'Crystal structure of the tRNA-specific adenosine deaminase from Streptococcus pyogenes' 
_citation.journal_abbrev            Proteins 
_citation.journal_volume            68 
_citation.page_first                1016 
_citation.page_last                 1019 
_citation.year                      2007 
_citation.journal_id_ASTM           PSFGEY 
_citation.country                   US 
_citation.journal_id_ISSN           0887-3585 
_citation.journal_id_CSD            0867 
_citation.book_publisher            ? 
_citation.pdbx_database_id_PubMed   17554781 
_citation.pdbx_database_id_DOI      10.1002/prot.21456 
# 
loop_
_citation_author.citation_id 
_citation_author.name 
_citation_author.ordinal 
_citation_author.identifier_ORCID 
primary 'Lee, W.-H.'      1 ? 
primary 'Kim, Y.K.'       2 ? 
primary 'Nam, K.H.'       3 ? 
primary 'Priyadarshi, A.' 4 ? 
primary 'Lee, E.H.'       5 ? 
primary 'Kim, E.E.'       6 ? 
primary 'Jeon, Y.H.'      7 ? 
primary 'Cheong, C.'      8 ? 
primary 'Hwang, K.Y.'     9 ? 
# 
loop_
_entity.id 
_entity.type 
_entity.src_method 
_entity.pdbx_description 
_entity.formula_weight 
_entity.pdbx_number_of_molecules 
_entity.pdbx_ec 
_entity.pdbx_mutation 
_entity.pdbx_fragment 
_entity.details 
1 polymer     man 'TRNA-specific adenosine deaminase' 20237.133 1   3.5.4.- A27S/A122V ? ? 
2 non-polymer syn 'ZINC ION'                          65.409    1   ?       ?          ? ? 
3 non-polymer syn 'PHOSPHATE ION'                     94.971    1   ?       ?          ? ? 
4 water       nat water                               18.015    138 ?       ?          ? ? 
# 
_entity_name_com.entity_id   1 
_entity_name_com.name        'Hypothetical protein M6_Spy0214' 
# 
_entity_poly.entity_id                      1 
_entity_poly.type                           'polypeptide(L)' 
_entity_poly.nstd_linkage                   no 
_entity_poly.nstd_monomer                   no 
_entity_poly.pdbx_seq_one_letter_code       
;MELGESFLMPYSLEEQTYFMQEALKESEKSLQKAEIPIGCVIVKDGEIIGRGHNAREESNQAIMHAEMMAINEANAHEGN
WRLLDTTLFVTIEPCVMCSGAIGLARIPHVIYGASNQKFGGVDSLYQILTDERLNHRVQVERGLLAADCANIMQTFFRQG
RERKKIAKHLIKEQSDPFD
;
_entity_poly.pdbx_seq_one_letter_code_can   
;MELGESFLMPYSLEEQTYFMQEALKESEKSLQKAEIPIGCVIVKDGEIIGRGHNAREESNQAIMHAEMMAINEANAHEGN
WRLLDTTLFVTIEPCVMCSGAIGLARIPHVIYGASNQKFGGVDSLYQILTDERLNHRVQVERGLLAADCANIMQTFFRQG
RERKKIAKHLIKEQSDPFD
;
_entity_poly.pdbx_strand_id                 A 
_entity_poly.pdbx_target_identifier         ? 
# 
loop_
_pdbx_entity_nonpoly.entity_id 
_pdbx_entity_nonpoly.name 
_pdbx_entity_nonpoly.comp_id 
2 'ZINC ION'      ZN  
3 'PHOSPHATE ION' PO4 
4 water           HOH 
# 
loop_
_entity_poly_seq.entity_id 
_entity_poly_seq.num 
_entity_poly_seq.mon_id 
_entity_poly_seq.hetero 
1 1   MET n 
1 2   GLU n 
1 3   LEU n 
1 4   GLY n 
1 5   GLU n 
1 6   SER n 
1 7   PHE n 
1 8   LEU n 
1 9   MET n 
1 10  PRO n 
1 11  TYR n 
1 12  SER n 
1 13  LEU n 
1 14  GLU n 
1 15  GLU n 
1 16  GLN n 
1 17  THR n 
1 18  TYR n 
1 19  PHE n 
1 20  MET n 
1 21  GLN n 
1 22  GLU n 
1 23  ALA n 
1 24  LEU n 
1 25  LYS n 
1 26  GLU n 
1 27  SER n 
1 28  GLU n 
1 29  LYS n 
1 30  SER n 
1 31  LEU n 
1 32  GLN n 
1 33  LYS n 
1 34  ALA n 
1 35  GLU n 
1 36  ILE n 
1 37  PRO n 
1 38  ILE n 
1 39  GLY n 
1 40  CYS n 
1 41  VAL n 
1 42  ILE n 
1 43  VAL n 
1 44  LYS n 
1 45  ASP n 
1 46  GLY n 
1 47  GLU n 
1 48  ILE n 
1 49  ILE n 
1 50  GLY n 
1 51  ARG n 
1 52  GLY n 
1 53  HIS n 
1 54  ASN n 
1 55  ALA n 
1 56  ARG n 
1 57  GLU n 
1 58  GLU n 
1 59  SER n 
1 60  ASN n 
1 61  GLN n 
1 62  ALA n 
1 63  ILE n 
1 64  MET n 
1 65  HIS n 
1 66  ALA n 
1 67  GLU n 
1 68  MET n 
1 69  MET n 
1 70  ALA n 
1 71  ILE n 
1 72  ASN n 
1 73  GLU n 
1 74  ALA n 
1 75  ASN n 
1 76  ALA n 
1 77  HIS n 
1 78  GLU n 
1 79  GLY n 
1 80  ASN n 
1 81  TRP n 
1 82  ARG n 
1 83  LEU n 
1 84  LEU n 
1 85  ASP n 
1 86  THR n 
1 87  THR n 
1 88  LEU n 
1 89  PHE n 
1 90  VAL n 
1 91  THR n 
1 92  ILE n 
1 93  GLU n 
1 94  PRO n 
1 95  CYS n 
1 96  VAL n 
1 97  MET n 
1 98  CYS n 
1 99  SER n 
1 100 GLY n 
1 101 ALA n 
1 102 ILE n 
1 103 GLY n 
1 104 LEU n 
1 105 ALA n 
1 106 ARG n 
1 107 ILE n 
1 108 PRO n 
1 109 HIS n 
1 110 VAL n 
1 111 ILE n 
1 112 TYR n 
1 113 GLY n 
1 114 ALA n 
1 115 SER n 
1 116 ASN n 
1 117 GLN n 
1 118 LYS n 
1 119 PHE n 
1 120 GLY n 
1 121 GLY n 
1 122 VAL n 
1 123 ASP n 
1 124 SER n 
1 125 LEU n 
1 126 TYR n 
1 127 GLN n 
1 128 ILE n 
1 129 LEU n 
1 130 THR n 
1 131 ASP n 
1 132 GLU n 
1 133 ARG n 
1 134 LEU n 
1 135 ASN n 
1 136 HIS n 
1 137 ARG n 
1 138 VAL n 
1 139 GLN n 
1 140 VAL n 
1 141 GLU n 
1 142 ARG n 
1 143 GLY n 
1 144 LEU n 
1 145 LEU n 
1 146 ALA n 
1 147 ALA n 
1 148 ASP n 
1 149 CYS n 
1 150 ALA n 
1 151 ASN n 
1 152 ILE n 
1 153 MET n 
1 154 GLN n 
1 155 THR n 
1 156 PHE n 
1 157 PHE n 
1 158 ARG n 
1 159 GLN n 
1 160 GLY n 
1 161 ARG n 
1 162 GLU n 
1 163 ARG n 
1 164 LYS n 
1 165 LYS n 
1 166 ILE n 
1 167 ALA n 
1 168 LYS n 
1 169 HIS n 
1 170 LEU n 
1 171 ILE n 
1 172 LYS n 
1 173 GLU n 
1 174 GLN n 
1 175 SER n 
1 176 ASP n 
1 177 PRO n 
1 178 PHE n 
1 179 ASP n 
# 
_entity_src_gen.entity_id                          1 
_entity_src_gen.pdbx_src_id                        1 
_entity_src_gen.pdbx_alt_source_flag               sample 
_entity_src_gen.pdbx_seq_type                      ? 
_entity_src_gen.pdbx_beg_seq_num                   ? 
_entity_src_gen.pdbx_end_seq_num                   ? 
_entity_src_gen.gene_src_common_name               ? 
_entity_src_gen.gene_src_genus                     Streptococcus 
_entity_src_gen.pdbx_gene_src_gene                 ? 
_entity_src_gen.gene_src_species                   'Streptococcus pyogenes' 
_entity_src_gen.gene_src_strain                    MGAS10394 
_entity_src_gen.gene_src_tissue                    ? 
_entity_src_gen.gene_src_tissue_fraction           ? 
_entity_src_gen.gene_src_details                   ? 
_entity_src_gen.pdbx_gene_src_fragment             ? 
_entity_src_gen.pdbx_gene_src_scientific_name      'Streptococcus pyogenes serotype M6' 
_entity_src_gen.pdbx_gene_src_ncbi_taxonomy_id     301450 
_entity_src_gen.pdbx_gene_src_variant              ? 
_entity_src_gen.pdbx_gene_src_cell_line            ? 
_entity_src_gen.pdbx_gene_src_atcc                 ? 
_entity_src_gen.pdbx_gene_src_organ                ? 
_entity_src_gen.pdbx_gene_src_organelle            ? 
_entity_src_gen.pdbx_gene_src_cell                 ? 
_entity_src_gen.pdbx_gene_src_cellular_location    ? 
_entity_src_gen.host_org_common_name               ? 
_entity_src_gen.pdbx_host_org_scientific_name      'Escherichia coli BL21(DE3)' 
_entity_src_gen.pdbx_host_org_ncbi_taxonomy_id     469008 
_entity_src_gen.host_org_genus                     Escherichia 
_entity_src_gen.pdbx_host_org_gene                 ? 
_entity_src_gen.pdbx_host_org_organ                ? 
_entity_src_gen.host_org_species                   'Escherichia coli' 
_entity_src_gen.pdbx_host_org_tissue               ? 
_entity_src_gen.pdbx_host_org_tissue_fraction      ? 
_entity_src_gen.pdbx_host_org_strain               'BL 21 DE3' 
_entity_src_gen.pdbx_host_org_variant              ? 
_entity_src_gen.pdbx_host_org_cell_line            ? 
_entity_src_gen.pdbx_host_org_atcc                 ? 
_entity_src_gen.pdbx_host_org_culture_collection   ? 
_entity_src_gen.pdbx_host_org_cell                 ? 
_entity_src_gen.pdbx_host_org_organelle            ? 
_entity_src_gen.pdbx_host_org_cellular_location    ? 
_entity_src_gen.pdbx_host_org_vector_type          Plasmid 
_entity_src_gen.pdbx_host_org_vector               ? 
_entity_src_gen.host_org_details                   ? 
_entity_src_gen.expression_system_id               ? 
_entity_src_gen.plasmid_name                       'pET 22b' 
_entity_src_gen.plasmid_details                    ? 
_entity_src_gen.pdbx_description                   ? 
# 
loop_
_chem_comp.id 
_chem_comp.type 
_chem_comp.mon_nstd_flag 
_chem_comp.name 
_chem_comp.pdbx_synonyms 
_chem_comp.formula 
_chem_comp.formula_weight 
ALA 'L-peptide linking' y ALANINE         ? 'C3 H7 N O2'     89.093  
ARG 'L-peptide linking' y ARGININE        ? 'C6 H15 N4 O2 1' 175.209 
ASN 'L-peptide linking' y ASPARAGINE      ? 'C4 H8 N2 O3'    132.118 
ASP 'L-peptide linking' y 'ASPARTIC ACID' ? 'C4 H7 N O4'     133.103 
CYS 'L-peptide linking' y CYSTEINE        ? 'C3 H7 N O2 S'   121.158 
GLN 'L-peptide linking' y GLUTAMINE       ? 'C5 H10 N2 O3'   146.144 
GLU 'L-peptide linking' y 'GLUTAMIC ACID' ? 'C5 H9 N O4'     147.129 
GLY 'peptide linking'   y GLYCINE         ? 'C2 H5 N O2'     75.067  
HIS 'L-peptide linking' y HISTIDINE       ? 'C6 H10 N3 O2 1' 156.162 
HOH non-polymer         . WATER           ? 'H2 O'           18.015  
ILE 'L-peptide linking' y ISOLEUCINE      ? 'C6 H13 N O2'    131.173 
LEU 'L-peptide linking' y LEUCINE         ? 'C6 H13 N O2'    131.173 
LYS 'L-peptide linking' y LYSINE          ? 'C6 H15 N2 O2 1' 147.195 
MET 'L-peptide linking' y METHIONINE      ? 'C5 H11 N O2 S'  149.211 
PHE 'L-peptide linking' y PHENYLALANINE   ? 'C9 H11 N O2'    165.189 
PO4 non-polymer         . 'PHOSPHATE ION' ? 'O4 P -3'        94.971  
PRO 'L-peptide linking' y PROLINE         ? 'C5 H9 N O2'     115.130 
SER 'L-peptide linking' y SERINE          ? 'C3 H7 N O3'     105.093 
THR 'L-peptide linking' y THREONINE       ? 'C4 H9 N O3'     119.119 
TRP 'L-peptide linking' y TRYPTOPHAN      ? 'C11 H12 N2 O2'  204.225 
TYR 'L-peptide linking' y TYROSINE        ? 'C9 H11 N O3'    181.189 
VAL 'L-peptide linking' y VALINE          ? 'C5 H11 N O2'    117.146 
ZN  non-polymer         . 'ZINC ION'      ? 'Zn 2'           65.409  
# 
loop_
_pdbx_poly_seq_scheme.asym_id 
_pdbx_poly_seq_scheme.entity_id 
_pdbx_poly_seq_scheme.seq_id 
_pdbx_poly_seq_scheme.mon_id 
_pdbx_poly_seq_scheme.ndb_seq_num 
_pdbx_poly_seq_scheme.pdb_seq_num 
_pdbx_poly_seq_scheme.auth_seq_num 
_pdbx_poly_seq_scheme.pdb_mon_id 
_pdbx_poly_seq_scheme.auth_mon_id 
_pdbx_poly_seq_scheme.pdb_strand_id 
_pdbx_poly_seq_scheme.pdb_ins_code 
_pdbx_poly_seq_scheme.hetero 
A 1 1   MET 1   1   ?   ?   ?   A . n 
A 1 2   GLU 2   2   ?   ?   ?   A . n 
A 1 3   LEU 3   3   ?   ?   ?   A . n 
A 1 4   GLY 4   4   ?   ?   ?   A . n 
A 1 5   GLU 5   5   ?   ?   ?   A . n 
A 1 6   SER 6   6   6   SER SER A . n 
A 1 7   PHE 7   7   7   PHE PHE A . n 
A 1 8   LEU 8   8   8   LEU LEU A . n 
A 1 9   MET 9   9   9   MET MET A . n 
A 1 10  PRO 10  10  10  PRO PRO A . n 
A 1 11  TYR 11  11  11  TYR TYR A . n 
A 1 12  SER 12  12  12  SER SER A . n 
A 1 13  LEU 13  13  13  LEU LEU A . n 
A 1 14  GLU 14  14  14  GLU GLU A . n 
A 1 15  GLU 15  15  15  GLU GLU A . n 
A 1 16  GLN 16  16  16  GLN GLN A . n 
A 1 17  THR 17  17  17  THR THR A . n 
A 1 18  TYR 18  18  18  TYR TYR A . n 
A 1 19  PHE 19  19  19  PHE PHE A . n 
A 1 20  MET 20  20  20  MET MET A . n 
A 1 21  GLN 21  21  21  GLN GLN A . n 
A 1 22  GLU 22  22  22  GLU GLU A . n 
A 1 23  ALA 23  23  23  ALA ALA A . n 
A 1 24  LEU 24  24  24  LEU LEU A . n 
A 1 25  LYS 25  25  25  LYS LYS A . n 
A 1 26  GLU 26  26  26  GLU GLU A . n 
A 1 27  SER 27  27  27  SER SER A . n 
A 1 28  GLU 28  28  28  GLU GLU A . n 
A 1 29  LYS 29  29  29  LYS LYS A . n 
A 1 30  SER 30  30  30  SER SER A . n 
A 1 31  LEU 31  31  31  LEU LEU A . n 
A 1 32  GLN 32  32  32  GLN GLN A . n 
A 1 33  LYS 33  33  33  LYS LYS A . n 
A 1 34  ALA 34  34  34  ALA ALA A . n 
A 1 35  GLU 35  35  35  GLU GLU A . n 
A 1 36  ILE 36  36  36  ILE ILE A . n 
A 1 37  PRO 37  37  37  PRO PRO A . n 
A 1 38  ILE 38  38  38  ILE ILE A . n 
A 1 39  GLY 39  39  39  GLY GLY A . n 
A 1 40  CYS 40  40  40  CYS CYS A . n 
A 1 41  VAL 41  41  41  VAL VAL A . n 
A 1 42  ILE 42  42  42  ILE ILE A . n 
A 1 43  VAL 43  43  43  VAL VAL A . n 
A 1 44  LYS 44  44  44  LYS LYS A . n 
A 1 45  ASP 45  45  45  ASP ASP A . n 
A 1 46  GLY 46  46  46  GLY GLY A . n 
A 1 47  GLU 47  47  47  GLU GLU A . n 
A 1 48  ILE 48  48  48  ILE ILE A . n 
A 1 49  ILE 49  49  49  ILE ILE A . n 
A 1 50  GLY 50  50  50  GLY GLY A . n 
A 1 51  ARG 51  51  51  ARG ARG A . n 
A 1 52  GLY 52  52  52  GLY GLY A . n 
A 1 53  HIS 53  53  53  HIS HIS A . n 
A 1 54  ASN 54  54  54  ASN ASN A . n 
A 1 55  ALA 55  55  55  ALA ALA A . n 
A 1 56  ARG 56  56  56  ARG ARG A . n 
A 1 57  GLU 57  57  57  GLU GLU A . n 
A 1 58  GLU 58  58  58  GLU GLU A . n 
A 1 59  SER 59  59  59  SER SER A . n 
A 1 60  ASN 60  60  60  ASN ASN A . n 
A 1 61  GLN 61  61  61  GLN GLN A . n 
A 1 62  ALA 62  62  62  ALA ALA A . n 
A 1 63  ILE 63  63  63  ILE ILE A . n 
A 1 64  MET 64  64  64  MET MET A . n 
A 1 65  HIS 65  65  65  HIS HIS A . n 
A 1 66  ALA 66  66  66  ALA ALA A . n 
A 1 67  GLU 67  67  67  GLU GLU A . n 
A 1 68  MET 68  68  68  MET MET A . n 
A 1 69  MET 69  69  69  MET MET A . n 
A 1 70  ALA 70  70  70  ALA ALA A . n 
A 1 71  ILE 71  71  71  ILE ILE A . n 
A 1 72  ASN 72  72  72  ASN ASN A . n 
A 1 73  GLU 73  73  73  GLU GLU A . n 
A 1 74  ALA 74  74  74  ALA ALA A . n 
A 1 75  ASN 75  75  75  ASN ASN A . n 
A 1 76  ALA 76  76  76  ALA ALA A . n 
A 1 77  HIS 77  77  77  HIS HIS A . n 
A 1 78  GLU 78  78  78  GLU GLU A . n 
A 1 79  GLY 79  79  79  GLY GLY A . n 
A 1 80  ASN 80  80  80  ASN ASN A . n 
A 1 81  TRP 81  81  81  TRP TRP A . n 
A 1 82  ARG 82  82  82  ARG ARG A . n 
A 1 83  LEU 83  83  83  LEU LEU A . n 
A 1 84  LEU 84  84  84  LEU LEU A . n 
A 1 85  ASP 85  85  85  ASP ASP A . n 
A 1 86  THR 86  86  86  THR THR A . n 
A 1 87  THR 87  87  87  THR THR A . n 
A 1 88  LEU 88  88  88  LEU LEU A . n 
A 1 89  PHE 89  89  89  PHE PHE A . n 
A 1 90  VAL 90  90  90  VAL VAL A . n 
A 1 91  THR 91  91  91  THR THR A . n 
A 1 92  ILE 92  92  92  ILE ILE A . n 
A 1 93  GLU 93  93  93  GLU GLU A . n 
A 1 94  PRO 94  94  94  PRO PRO A . n 
A 1 95  CYS 95  95  95  CYS CYS A . n 
A 1 96  VAL 96  96  96  VAL VAL A . n 
A 1 97  MET 97  97  97  MET MET A . n 
A 1 98  CYS 98  98  98  CYS CYS A . n 
A 1 99  SER 99  99  99  SER SER A . n 
A 1 100 GLY 100 100 100 GLY GLY A . n 
A 1 101 ALA 101 101 101 ALA ALA A . n 
A 1 102 ILE 102 102 102 ILE ILE A . n 
A 1 103 GLY 103 103 103 GLY GLY A . n 
A 1 104 LEU 104 104 104 LEU LEU A . n 
A 1 105 ALA 105 105 105 ALA ALA A . n 
A 1 106 ARG 106 106 106 ARG ARG A . n 
A 1 107 ILE 107 107 107 ILE ILE A . n 
A 1 108 PRO 108 108 108 PRO PRO A . n 
A 1 109 HIS 109 109 109 HIS HIS A . n 
A 1 110 VAL 110 110 110 VAL VAL A . n 
A 1 111 ILE 111 111 111 ILE ILE A . n 
A 1 112 TYR 112 112 112 TYR TYR A . n 
A 1 113 GLY 113 113 113 GLY GLY A . n 
A 1 114 ALA 114 114 114 ALA ALA A . n 
A 1 115 SER 115 115 115 SER SER A . n 
A 1 116 ASN 116 116 116 ASN ASN A . n 
A 1 117 GLN 117 117 117 GLN GLN A . n 
A 1 118 LYS 118 118 118 LYS LYS A . n 
A 1 119 PHE 119 119 119 PHE PHE A . n 
A 1 120 GLY 120 120 120 GLY GLY A . n 
A 1 121 GLY 121 121 121 GLY GLY A . n 
A 1 122 VAL 122 122 122 VAL VAL A . n 
A 1 123 ASP 123 123 123 ASP ASP A . n 
A 1 124 SER 124 124 124 SER SER A . n 
A 1 125 LEU 125 125 125 LEU LEU A . n 
A 1 126 TYR 126 126 126 TYR TYR A . n 
A 1 127 GLN 127 127 127 GLN GLN A . n 
A 1 128 ILE 128 128 128 ILE ILE A . n 
A 1 129 LEU 129 129 129 LEU LEU A . n 
A 1 130 THR 130 130 130 THR THR A . n 
A 1 131 ASP 131 131 131 ASP ASP A . n 
A 1 132 GLU 132 132 132 GLU GLU A . n 
A 1 133 ARG 133 133 133 ARG ARG A . n 
A 1 134 LEU 134 134 134 LEU LEU A . n 
A 1 135 ASN 135 135 135 ASN ASN A . n 
A 1 136 HIS 136 136 136 HIS HIS A . n 
A 1 137 ARG 137 137 137 ARG ARG A . n 
A 1 138 VAL 138 138 138 VAL VAL A . n 
A 1 139 GLN 139 139 139 GLN GLN A . n 
A 1 140 VAL 140 140 140 VAL VAL A . n 
A 1 141 GLU 141 141 141 GLU GLU A . n 
A 1 142 ARG 142 142 142 ARG ARG A . n 
A 1 143 GLY 143 143 143 GLY GLY A . n 
A 1 144 LEU 144 144 144 LEU LEU A . n 
A 1 145 LEU 145 145 145 LEU LEU A . n 
A 1 146 ALA 146 146 146 ALA ALA A . n 
A 1 147 ALA 147 147 147 ALA ALA A . n 
A 1 148 ASP 148 148 148 ASP ASP A . n 
A 1 149 CYS 149 149 149 CYS CYS A . n 
A 1 150 ALA 150 150 150 ALA ALA A . n 
A 1 151 ASN 151 151 151 ASN ASN A . n 
A 1 152 ILE 152 152 152 ILE ILE A . n 
A 1 153 MET 153 153 153 MET MET A . n 
A 1 154 GLN 154 154 154 GLN GLN A . n 
A 1 155 THR 155 155 155 THR THR A . n 
A 1 156 PHE 156 156 156 PHE PHE A . n 
A 1 157 PHE 157 157 157 PHE PHE A . n 
A 1 158 ARG 158 158 158 ARG ARG A . n 
A 1 159 GLN 159 159 159 GLN GLN A . n 
A 1 160 GLY 160 160 160 GLY GLY A . n 
A 1 161 ARG 161 161 161 ARG ARG A . n 
A 1 162 GLU 162 162 162 GLU GLU A . n 
A 1 163 ARG 163 163 163 ARG ARG A . n 
A 1 164 LYS 164 164 164 LYS LYS A . n 
A 1 165 LYS 165 165 165 LYS LYS A . n 
A 1 166 ILE 166 166 166 ILE ILE A . n 
A 1 167 ALA 167 167 167 ALA ALA A . n 
A 1 168 LYS 168 168 168 LYS LYS A . n 
A 1 169 HIS 169 169 169 HIS HIS A . n 
A 1 170 LEU 170 170 170 LEU LEU A . n 
A 1 171 ILE 171 171 171 ILE ILE A . n 
A 1 172 LYS 172 172 172 LYS LYS A . n 
A 1 173 GLU 173 173 173 GLU GLU A . n 
A 1 174 GLN 174 174 ?   ?   ?   A . n 
A 1 175 SER 175 175 ?   ?   ?   A . n 
A 1 176 ASP 176 176 ?   ?   ?   A . n 
A 1 177 PRO 177 177 ?   ?   ?   A . n 
A 1 178 PHE 178 178 ?   ?   ?   A . n 
A 1 179 ASP 179 179 ?   ?   ?   A . n 
# 
loop_
_pdbx_nonpoly_scheme.asym_id 
_pdbx_nonpoly_scheme.entity_id 
_pdbx_nonpoly_scheme.mon_id 
_pdbx_nonpoly_scheme.ndb_seq_num 
_pdbx_nonpoly_scheme.pdb_seq_num 
_pdbx_nonpoly_scheme.auth_seq_num 
_pdbx_nonpoly_scheme.pdb_mon_id 
_pdbx_nonpoly_scheme.auth_mon_id 
_pdbx_nonpoly_scheme.pdb_strand_id 
_pdbx_nonpoly_scheme.pdb_ins_code 
B 2 ZN  1   999  999  ZN  ZN  A . 
C 3 PO4 1   2055 2055 PO4 PO4 A . 
D 4 HOH 1   2056 1    HOH TIP A . 
D 4 HOH 2   2057 2    HOH TIP A . 
D 4 HOH 3   2058 3    HOH TIP A . 
D 4 HOH 4   2059 4    HOH TIP A . 
D 4 HOH 5   2060 5    HOH TIP A . 
D 4 HOH 6   2061 6    HOH TIP A . 
D 4 HOH 7   2062 7    HOH TIP A . 
D 4 HOH 8   2063 8    HOH TIP A . 
D 4 HOH 9   2064 9    HOH TIP A . 
D 4 HOH 10  2065 10   HOH TIP A . 
D 4 HOH 11  2066 11   HOH TIP A . 
D 4 HOH 12  2067 13   HOH TIP A . 
D 4 HOH 13  2068 16   HOH TIP A . 
D 4 HOH 14  2069 17   HOH TIP A . 
D 4 HOH 15  2070 18   HOH TIP A . 
D 4 HOH 16  2071 19   HOH TIP A . 
D 4 HOH 17  2072 20   HOH TIP A . 
D 4 HOH 18  2073 21   HOH TIP A . 
D 4 HOH 19  2074 22   HOH TIP A . 
D 4 HOH 20  2075 23   HOH TIP A . 
D 4 HOH 21  2076 24   HOH TIP A . 
D 4 HOH 22  2077 26   HOH TIP A . 
D 4 HOH 23  2078 27   HOH TIP A . 
D 4 HOH 24  2079 28   HOH TIP A . 
D 4 HOH 25  2080 29   HOH TIP A . 
D 4 HOH 26  2081 30   HOH TIP A . 
D 4 HOH 27  2082 31   HOH TIP A . 
D 4 HOH 28  2083 32   HOH TIP A . 
D 4 HOH 29  2084 33   HOH TIP A . 
D 4 HOH 30  2085 34   HOH TIP A . 
D 4 HOH 31  2086 35   HOH TIP A . 
D 4 HOH 32  2087 36   HOH TIP A . 
D 4 HOH 33  2088 38   HOH TIP A . 
D 4 HOH 34  2089 39   HOH TIP A . 
D 4 HOH 35  2090 40   HOH TIP A . 
D 4 HOH 36  2091 41   HOH TIP A . 
D 4 HOH 37  2092 42   HOH TIP A . 
D 4 HOH 38  2093 43   HOH TIP A . 
D 4 HOH 39  2094 44   HOH TIP A . 
D 4 HOH 40  2095 45   HOH TIP A . 
D 4 HOH 41  2096 46   HOH TIP A . 
D 4 HOH 42  2097 47   HOH TIP A . 
D 4 HOH 43  2098 48   HOH TIP A . 
D 4 HOH 44  2099 49   HOH TIP A . 
D 4 HOH 45  2100 50   HOH TIP A . 
D 4 HOH 46  2101 51   HOH TIP A . 
D 4 HOH 47  2102 52   HOH TIP A . 
D 4 HOH 48  2103 53   HOH TIP A . 
D 4 HOH 49  2104 55   HOH TIP A . 
D 4 HOH 50  2105 56   HOH TIP A . 
D 4 HOH 51  2106 57   HOH TIP A . 
D 4 HOH 52  2107 58   HOH TIP A . 
D 4 HOH 53  2108 59   HOH TIP A . 
D 4 HOH 54  2109 60   HOH TIP A . 
D 4 HOH 55  2110 61   HOH TIP A . 
D 4 HOH 56  2111 62   HOH TIP A . 
D 4 HOH 57  2112 63   HOH TIP A . 
D 4 HOH 58  2113 64   HOH TIP A . 
D 4 HOH 59  2114 65   HOH TIP A . 
D 4 HOH 60  2115 66   HOH TIP A . 
D 4 HOH 61  2116 67   HOH TIP A . 
D 4 HOH 62  2117 68   HOH TIP A . 
D 4 HOH 63  2118 69   HOH TIP A . 
D 4 HOH 64  2119 70   HOH TIP A . 
D 4 HOH 65  2120 71   HOH TIP A . 
D 4 HOH 66  2121 72   HOH TIP A . 
D 4 HOH 67  2122 73   HOH TIP A . 
D 4 HOH 68  2123 74   HOH TIP A . 
D 4 HOH 69  2124 75   HOH TIP A . 
D 4 HOH 70  2125 76   HOH TIP A . 
D 4 HOH 71  2126 77   HOH TIP A . 
D 4 HOH 72  2127 78   HOH TIP A . 
D 4 HOH 73  2128 79   HOH TIP A . 
D 4 HOH 74  2129 80   HOH TIP A . 
D 4 HOH 75  2130 81   HOH TIP A . 
D 4 HOH 76  2131 82   HOH TIP A . 
D 4 HOH 77  2132 83   HOH TIP A . 
D 4 HOH 78  2133 84   HOH TIP A . 
D 4 HOH 79  2134 85   HOH TIP A . 
D 4 HOH 80  2135 86   HOH TIP A . 
D 4 HOH 81  2136 87   HOH TIP A . 
D 4 HOH 82  2137 88   HOH TIP A . 
D 4 HOH 83  2138 89   HOH TIP A . 
D 4 HOH 84  2139 91   HOH TIP A . 
D 4 HOH 85  2140 92   HOH TIP A . 
D 4 HOH 86  2141 93   HOH TIP A . 
D 4 HOH 87  2142 94   HOH TIP A . 
D 4 HOH 88  2143 96   HOH TIP A . 
D 4 HOH 89  2144 97   HOH TIP A . 
D 4 HOH 90  2145 98   HOH TIP A . 
D 4 HOH 91  2146 99   HOH TIP A . 
D 4 HOH 92  2147 100  HOH TIP A . 
D 4 HOH 93  2148 101  HOH TIP A . 
D 4 HOH 94  2149 102  HOH TIP A . 
D 4 HOH 95  2150 103  HOH TIP A . 
D 4 HOH 96  2151 104  HOH TIP A . 
D 4 HOH 97  2152 106  HOH TIP A . 
D 4 HOH 98  2153 107  HOH TIP A . 
D 4 HOH 99  2154 108  HOH TIP A . 
D 4 HOH 100 2155 109  HOH TIP A . 
D 4 HOH 101 2156 110  HOH TIP A . 
D 4 HOH 102 2157 111  HOH TIP A . 
D 4 HOH 103 2158 112  HOH TIP A . 
D 4 HOH 104 2159 113  HOH TIP A . 
D 4 HOH 105 2160 114  HOH TIP A . 
D 4 HOH 106 2161 115  HOH TIP A . 
D 4 HOH 107 2162 116  HOH TIP A . 
D 4 HOH 108 2163 117  HOH TIP A . 
D 4 HOH 109 2164 118  HOH TIP A . 
D 4 HOH 110 2165 119  HOH TIP A . 
D 4 HOH 111 2166 120  HOH TIP A . 
D 4 HOH 112 2167 121  HOH TIP A . 
D 4 HOH 113 2168 122  HOH TIP A . 
D 4 HOH 114 2169 123  HOH TIP A . 
D 4 HOH 115 2170 124  HOH TIP A . 
D 4 HOH 116 2171 125  HOH TIP A . 
D 4 HOH 117 2172 126  HOH TIP A . 
D 4 HOH 118 2173 127  HOH TIP A . 
D 4 HOH 119 2174 128  HOH TIP A . 
D 4 HOH 120 2175 129  HOH TIP A . 
D 4 HOH 121 2176 130  HOH TIP A . 
D 4 HOH 122 2177 131  HOH TIP A . 
D 4 HOH 123 2178 132  HOH TIP A . 
D 4 HOH 124 2179 133  HOH TIP A . 
D 4 HOH 125 2180 134  HOH TIP A . 
D 4 HOH 126 2181 135  HOH TIP A . 
D 4 HOH 127 2182 136  HOH TIP A . 
D 4 HOH 128 2183 137  HOH TIP A . 
D 4 HOH 129 2184 138  HOH TIP A . 
D 4 HOH 130 2185 139  HOH TIP A . 
D 4 HOH 131 2186 140  HOH TIP A . 
D 4 HOH 132 2187 141  HOH TIP A . 
D 4 HOH 133 2188 142  HOH TIP A . 
D 4 HOH 134 2189 143  HOH TIP A . 
D 4 HOH 135 2190 144  HOH TIP A . 
D 4 HOH 136 2191 145  HOH TIP A . 
D 4 HOH 137 2192 146  HOH TIP A . 
D 4 HOH 138 2193 147  HOH TIP A . 
# 
loop_
_software.name 
_software.classification 
_software.version 
_software.citation_id 
_software.pdbx_ordinal 
CNS      refinement        1.1     ? 1 
ADSC     'data collection' Quantum ? 2 
HKL-2000 'data reduction'  .       ? 3 
HKL-2000 'data scaling'    .       ? 4 
SOLVE    phasing           .       ? 5 
# 
_cell.entry_id           2NX8 
_cell.length_a           80.091 
_cell.length_b           80.091 
_cell.length_c           81.104 
_cell.angle_alpha        90.00 
_cell.angle_beta         90.00 
_cell.angle_gamma        90.00 
_cell.Z_PDB              8 
_cell.pdbx_unique_axis   ? 
_cell.length_a_esd       ? 
_cell.length_b_esd       ? 
_cell.length_c_esd       ? 
_cell.angle_alpha_esd    ? 
_cell.angle_beta_esd     ? 
_cell.angle_gamma_esd    ? 
# 
_symmetry.entry_id                         2NX8 
_symmetry.space_group_name_H-M             'P 42 21 2' 
_symmetry.pdbx_full_space_group_name_H-M   ? 
_symmetry.cell_setting                     ? 
_symmetry.Int_Tables_number                94 
_symmetry.space_group_name_Hall            ? 
# 
_exptl.entry_id          2NX8 
_exptl.method            'X-RAY DIFFRACTION' 
_exptl.crystals_number   5 
# 
_exptl_crystal.id                    1 
_exptl_crystal.density_meas          ? 
_exptl_crystal.density_Matthews      3.3 
_exptl_crystal.density_percent_sol   62.7 
_exptl_crystal.description           'The file contains Friedel pairs.' 
_exptl_crystal.F_000                 ? 
_exptl_crystal.preparation           ? 
# 
_exptl_crystal_grow.crystal_id      1 
_exptl_crystal_grow.method          'VAPOR DIFFUSION, HANGING DROP' 
_exptl_crystal_grow.temp            298 
_exptl_crystal_grow.temp_details    ? 
_exptl_crystal_grow.pH              7.5 
_exptl_crystal_grow.pdbx_details    
'0.1M HEPES, 2% PEG 1000, 1.7M Ammonium sulfate, pH 7.5, VAPOR DIFFUSION, HANGING DROP, temperature 298K' 
_exptl_crystal_grow.pdbx_pH_range   . 
# 
_diffrn.id                     1 
_diffrn.ambient_temp           77 
_diffrn.ambient_temp_details   ? 
_diffrn.crystal_id             1 
# 
_diffrn_detector.diffrn_id              1 
_diffrn_detector.detector               CCD 
_diffrn_detector.type                   'ADSC QUANTUM 210' 
_diffrn_detector.pdbx_collection_date   2004-12-08 
_diffrn_detector.details                ? 
# 
_diffrn_radiation.diffrn_id                        1 
_diffrn_radiation.wavelength_id                    1 
_diffrn_radiation.pdbx_monochromatic_or_laue_m_l   M 
_diffrn_radiation.monochromator                    Wiggler 
_diffrn_radiation.pdbx_diffrn_protocol             MAD 
_diffrn_radiation.pdbx_scattering_type             x-ray 
# 
loop_
_diffrn_radiation_wavelength.id 
_diffrn_radiation_wavelength.wavelength 
_diffrn_radiation_wavelength.wt 
1 1.2834 1.0 
2 1.2827 1.0 
3 1.2573 1.0 
4 1.28   1.0 
# 
_diffrn_source.diffrn_id                   1 
_diffrn_source.source                      SYNCHROTRON 
_diffrn_source.type                        'PAL/PLS BEAMLINE 4A' 
_diffrn_source.pdbx_synchrotron_site       PAL/PLS 
_diffrn_source.pdbx_synchrotron_beamline   4A 
_diffrn_source.pdbx_wavelength             ? 
_diffrn_source.pdbx_wavelength_list        '1.2834, 1.2827, 1.2573, 1.28' 
# 
_reflns.entry_id                     2NX8 
_reflns.observed_criterion_sigma_I   0.0 
_reflns.observed_criterion_sigma_F   0.0 
_reflns.d_resolution_low             20 
_reflns.d_resolution_high            2.0 
_reflns.number_obs                   30630 
_reflns.number_all                   ? 
_reflns.percent_possible_obs         89.9 
_reflns.pdbx_Rmerge_I_obs            0.081 
_reflns.pdbx_Rsym_value              0.078 
_reflns.pdbx_netI_over_sigmaI        29.6 
_reflns.B_iso_Wilson_estimate        15.0 
_reflns.pdbx_redundancy              4.4 
_reflns.R_free_details               ? 
_reflns.limit_h_max                  ? 
_reflns.limit_h_min                  ? 
_reflns.limit_k_max                  ? 
_reflns.limit_k_min                  ? 
_reflns.limit_l_max                  ? 
_reflns.limit_l_min                  ? 
_reflns.observed_criterion_F_max     ? 
_reflns.observed_criterion_F_min     ? 
_reflns.pdbx_chi_squared             ? 
_reflns.pdbx_scaling_rejects         ? 
_reflns.pdbx_ordinal                 1 
_reflns.pdbx_diffrn_id               1 
# 
_reflns_shell.d_res_high             2.0 
_reflns_shell.d_res_low              2.07 
_reflns_shell.percent_possible_all   89.9 
_reflns_shell.Rmerge_I_obs           0.081 
_reflns_shell.pdbx_Rsym_value        ? 
_reflns_shell.meanI_over_sigI_obs    ? 
_reflns_shell.pdbx_redundancy        ? 
_reflns_shell.percent_possible_obs   ? 
_reflns_shell.number_unique_all      ? 
_reflns_shell.number_measured_all    ? 
_reflns_shell.number_measured_obs    ? 
_reflns_shell.number_unique_obs      ? 
_reflns_shell.pdbx_chi_squared       ? 
_reflns_shell.pdbx_ordinal           1 
_reflns_shell.pdbx_diffrn_id         1 
# 
_refine.entry_id                                 2NX8 
_refine.ls_number_reflns_obs                     30630 
_refine.ls_number_reflns_all                     ? 
_refine.pdbx_ls_sigma_I                          ? 
_refine.pdbx_ls_sigma_F                          0.0 
_refine.pdbx_data_cutoff_high_absF               349075.33 
_refine.pdbx_data_cutoff_low_absF                0.000000 
_refine.pdbx_data_cutoff_high_rms_absF           ? 
_refine.ls_d_res_low                             19.66 
_refine.ls_d_res_high                            2.00 
_refine.ls_percent_reflns_obs                    89.9 
_refine.ls_R_factor_obs                          0.214 
_refine.ls_R_factor_all                          ? 
_refine.ls_R_factor_R_work                       0.214 
_refine.ls_R_factor_R_free                       0.242 
_refine.ls_R_factor_R_free_error                 0.006 
_refine.ls_R_factor_R_free_error_details         ? 
_refine.ls_percent_reflns_R_free                 4.8 
_refine.ls_number_reflns_R_free                  1482 
_refine.ls_number_parameters                     ? 
_refine.ls_number_restraints                     ? 
_refine.occupancy_min                            ? 
_refine.occupancy_max                            ? 
_refine.correlation_coeff_Fo_to_Fc               ? 
_refine.correlation_coeff_Fo_to_Fc_free          ? 
_refine.B_iso_mean                               34.1 
_refine.aniso_B[1][1]                            2.78 
_refine.aniso_B[2][2]                            2.78 
_refine.aniso_B[3][3]                            -5.56 
_refine.aniso_B[1][2]                            0.00 
_refine.aniso_B[1][3]                            0.00 
_refine.aniso_B[2][3]                            0.00 
_refine.solvent_model_details                    'FLAT MODEL' 
_refine.solvent_model_param_ksol                 0.403394 
_refine.solvent_model_param_bsol                 52.1025 
_refine.pdbx_solvent_vdw_probe_radii             ? 
_refine.pdbx_solvent_ion_probe_radii             ? 
_refine.pdbx_solvent_shrinkage_radii             ? 
_refine.pdbx_ls_cross_valid_method               THROUGHOUT 
_refine.details                                  'The file contains Friedel pairs.' 
_refine.pdbx_starting_model                      ? 
_refine.pdbx_method_to_determine_struct          MAD 
_refine.pdbx_isotropic_thermal_model             RESTRAINED 
_refine.pdbx_stereochemistry_target_values       'Engh & Huber' 
_refine.pdbx_stereochem_target_val_spec_case     ? 
_refine.pdbx_R_Free_selection_details            RANDOM 
_refine.pdbx_overall_ESU_R                       ? 
_refine.pdbx_overall_ESU_R_Free                  ? 
_refine.overall_SU_ML                            ? 
_refine.overall_SU_B                             ? 
_refine.ls_redundancy_reflns_obs                 ? 
_refine.B_iso_min                                ? 
_refine.B_iso_max                                ? 
_refine.overall_SU_R_Cruickshank_DPI             ? 
_refine.overall_SU_R_free                        ? 
_refine.ls_wR_factor_R_free                      ? 
_refine.ls_wR_factor_R_work                      ? 
_refine.overall_FOM_free_R_set                   ? 
_refine.overall_FOM_work_R_set                   ? 
_refine.pdbx_refine_id                           'X-RAY DIFFRACTION' 
_refine.pdbx_diffrn_id                           1 
_refine.pdbx_TLS_residual_ADP_flag               ? 
_refine.pdbx_overall_phase_error                 ? 
_refine.pdbx_overall_SU_R_free_Cruickshank_DPI   ? 
_refine.pdbx_overall_SU_R_Blow_DPI               ? 
_refine.pdbx_overall_SU_R_free_Blow_DPI          ? 
# 
_refine_analyze.entry_id                        2NX8 
_refine_analyze.Luzzati_coordinate_error_obs    0.24 
_refine_analyze.Luzzati_sigma_a_obs             0.29 
_refine_analyze.Luzzati_d_res_low_obs           5.00 
_refine_analyze.Luzzati_coordinate_error_free   0.28 
_refine_analyze.Luzzati_sigma_a_free            0.28 
_refine_analyze.Luzzati_d_res_low_free          ? 
_refine_analyze.number_disordered_residues      ? 
_refine_analyze.occupancy_sum_hydrogen          ? 
_refine_analyze.occupancy_sum_non_hydrogen      ? 
_refine_analyze.pdbx_Luzzati_d_res_high_obs     ? 
_refine_analyze.pdbx_refine_id                  'X-RAY DIFFRACTION' 
# 
_refine_hist.pdbx_refine_id                   'X-RAY DIFFRACTION' 
_refine_hist.cycle_id                         LAST 
_refine_hist.pdbx_number_atoms_protein        1326 
_refine_hist.pdbx_number_atoms_nucleic_acid   0 
_refine_hist.pdbx_number_atoms_ligand         6 
_refine_hist.number_atoms_solvent             138 
_refine_hist.number_atoms_total               1470 
_refine_hist.d_res_high                       2.00 
_refine_hist.d_res_low                        19.66 
# 
loop_
_refine_ls_restr.type 
_refine_ls_restr.dev_ideal 
_refine_ls_restr.dev_ideal_target 
_refine_ls_restr.weight 
_refine_ls_restr.number 
_refine_ls_restr.pdbx_refine_id 
_refine_ls_restr.pdbx_restraint_function 
c_bond_d           0.006 ? ? ? 'X-RAY DIFFRACTION' ? 
c_angle_deg        1.0   ? ? ? 'X-RAY DIFFRACTION' ? 
c_dihedral_angle_d 21.2  ? ? ? 'X-RAY DIFFRACTION' ? 
c_improper_angle_d 0.62  ? ? ? 'X-RAY DIFFRACTION' ? 
# 
_refine_ls_shell.pdbx_total_number_of_bins_used   6 
_refine_ls_shell.d_res_high                       2.00 
_refine_ls_shell.d_res_low                        2.13 
_refine_ls_shell.number_reflns_R_work             3689 
_refine_ls_shell.R_factor_R_work                  0.3 
_refine_ls_shell.percent_reflns_obs               68.5 
_refine_ls_shell.R_factor_R_free                  0.309 
_refine_ls_shell.R_factor_R_free_error            0.023 
_refine_ls_shell.percent_reflns_R_free            4.7 
_refine_ls_shell.number_reflns_R_free             181 
_refine_ls_shell.number_reflns_all                ? 
_refine_ls_shell.R_factor_all                     ? 
_refine_ls_shell.number_reflns_obs                ? 
_refine_ls_shell.redundancy_reflns_obs            ? 
_refine_ls_shell.pdbx_refine_id                   'X-RAY DIFFRACTION' 
# 
loop_
_pdbx_xplor_file.serial_no 
_pdbx_xplor_file.param_file 
_pdbx_xplor_file.topol_file 
_pdbx_xplor_file.pdbx_refine_id 
1 protein_rep.param protein.top 'X-RAY DIFFRACTION' 
2 dna-rna_rep.param dna-rna.top 'X-RAY DIFFRACTION' 
3 water_rep.param   water.top   'X-RAY DIFFRACTION' 
4 ion.param         ion.top     'X-RAY DIFFRACTION' 
5 po4.par           po4.top     'X-RAY DIFFRACTION' 
# 
_struct.entry_id                  2NX8 
_struct.title                     'The crystal structure of the tRNA-specific adenosine deaminase from Streptococcus pyogenes' 
_struct.pdbx_model_details        ? 
_struct.pdbx_CASP_flag            ? 
_struct.pdbx_model_type_details   ? 
# 
_struct_keywords.entry_id        2NX8 
_struct_keywords.pdbx_keywords   HYDROLASE 
_struct_keywords.text            'tRNA, adenosine, deaminase, tad, HYDROLASE' 
# 
loop_
_struct_asym.id 
_struct_asym.pdbx_blank_PDB_chainid_flag 
_struct_asym.pdbx_modified 
_struct_asym.entity_id 
_struct_asym.details 
A N N 1 ? 
B N N 2 ? 
C N N 3 ? 
D N N 4 ? 
# 
_struct_ref.id                         1 
_struct_ref.db_name                    UNP 
_struct_ref.db_code                    Y214_STRP6 
_struct_ref.pdbx_db_accession          Q5XE14 
_struct_ref.entity_id                  1 
_struct_ref.pdbx_seq_one_letter_code   
;MPYSLEEQTYFMQEALKEAEKSLQKAEIPIGCVIVKDGEIIGRGHNAREESNQAIMHAEMMAINEANAHEGNWRLLDTTL
FVTIEPCVMCSGAIGLARIPHVIYGASNQKFGGADSLYQILTDERLNHRVQVERGLLAADCANIMQTFFRQGRERKKIAK
HLIKEQSDPFD
;
_struct_ref.pdbx_align_begin           1 
_struct_ref.pdbx_db_isoform            ? 
# 
_struct_ref_seq.align_id                      1 
_struct_ref_seq.ref_id                        1 
_struct_ref_seq.pdbx_PDB_id_code              2NX8 
_struct_ref_seq.pdbx_strand_id                A 
_struct_ref_seq.seq_align_beg                 9 
_struct_ref_seq.pdbx_seq_align_beg_ins_code   ? 
_struct_ref_seq.seq_align_end                 179 
_struct_ref_seq.pdbx_seq_align_end_ins_code   ? 
_struct_ref_seq.pdbx_db_accession             Q5XE14 
_struct_ref_seq.db_align_beg                  1 
_struct_ref_seq.pdbx_db_align_beg_ins_code    ? 
_struct_ref_seq.db_align_end                  171 
_struct_ref_seq.pdbx_db_align_end_ins_code    ? 
_struct_ref_seq.pdbx_auth_seq_align_beg       9 
_struct_ref_seq.pdbx_auth_seq_align_end       179 
# 
loop_
_struct_ref_seq_dif.align_id 
_struct_ref_seq_dif.pdbx_pdb_id_code 
_struct_ref_seq_dif.mon_id 
_struct_ref_seq_dif.pdbx_pdb_strand_id 
_struct_ref_seq_dif.seq_num 
_struct_ref_seq_dif.pdbx_pdb_ins_code 
_struct_ref_seq_dif.pdbx_seq_db_name 
_struct_ref_seq_dif.pdbx_seq_db_accession_code 
_struct_ref_seq_dif.db_mon_id 
_struct_ref_seq_dif.pdbx_seq_db_seq_num 
_struct_ref_seq_dif.details 
_struct_ref_seq_dif.pdbx_auth_seq_num 
_struct_ref_seq_dif.pdbx_ordinal 
1 2NX8 MET A 1   ? UNP Q5XE14 ?   ?   'SEE REMARK 999'      1   1  
1 2NX8 GLU A 2   ? UNP Q5XE14 ?   ?   'SEE REMARK 999'      2   2  
1 2NX8 LEU A 3   ? UNP Q5XE14 ?   ?   'SEE REMARK 999'      3   3  
1 2NX8 GLY A 4   ? UNP Q5XE14 ?   ?   'SEE REMARK 999'      4   4  
1 2NX8 GLU A 5   ? UNP Q5XE14 ?   ?   'SEE REMARK 999'      5   5  
1 2NX8 SER A 6   ? UNP Q5XE14 ?   ?   'SEE REMARK 999'      6   6  
1 2NX8 PHE A 7   ? UNP Q5XE14 ?   ?   'SEE REMARK 999'      7   7  
1 2NX8 LEU A 8   ? UNP Q5XE14 ?   ?   'SEE REMARK 999'      8   8  
1 2NX8 SER A 27  ? UNP Q5XE14 ALA 19  'engineered mutation' 27  9  
1 2NX8 VAL A 122 ? UNP Q5XE14 ALA 114 'engineered mutation' 122 10 
# 
_pdbx_struct_assembly.id                   1 
_pdbx_struct_assembly.details              author_and_software_defined_assembly 
_pdbx_struct_assembly.method_details       PISA,PQS 
_pdbx_struct_assembly.oligomeric_details   dimeric 
_pdbx_struct_assembly.oligomeric_count     2 
# 
loop_
_pdbx_struct_assembly_prop.biol_id 
_pdbx_struct_assembly_prop.type 
_pdbx_struct_assembly_prop.value 
_pdbx_struct_assembly_prop.details 
1 'ABSA (A^2)' 3480  ? 
1 MORE         -115  ? 
1 'SSA (A^2)'  16330 ? 
# 
_pdbx_struct_assembly_gen.assembly_id       1 
_pdbx_struct_assembly_gen.oper_expression   1,2 
_pdbx_struct_assembly_gen.asym_id_list      A,B,C,D 
# 
loop_
_pdbx_struct_oper_list.id 
_pdbx_struct_oper_list.type 
_pdbx_struct_oper_list.name 
_pdbx_struct_oper_list.symmetry_operation 
_pdbx_struct_oper_list.matrix[1][1] 
_pdbx_struct_oper_list.matrix[1][2] 
_pdbx_struct_oper_list.matrix[1][3] 
_pdbx_struct_oper_list.vector[1] 
_pdbx_struct_oper_list.matrix[2][1] 
_pdbx_struct_oper_list.matrix[2][2] 
_pdbx_struct_oper_list.matrix[2][3] 
_pdbx_struct_oper_list.vector[2] 
_pdbx_struct_oper_list.matrix[3][1] 
_pdbx_struct_oper_list.matrix[3][2] 
_pdbx_struct_oper_list.matrix[3][3] 
_pdbx_struct_oper_list.vector[3] 
1 'identity operation'         1_555 x,y,z  1.0000000000  0.0000000000 0.0000000000 0.0000000000  0.0000000000 1.0000000000 0.0000000000 0.0000000000  0.0000000000 0.0000000000 1.0000000000  0.0000000000  
2 'crystal symmetry operation' 7_555 y,x,-z -0.9994137216 0.0337104051 0.0059851212 -2.3387774328 0.0337104051 0.9383136110 0.3441383094 -4.3322933229 0.0059851212 0.3441383094 -0.9388998894 24.6301676329 
# 
_struct_biol.id        1 
_struct_biol.details   ? 
# 
loop_
_struct_conf.conf_type_id 
_struct_conf.id 
_struct_conf.pdbx_PDB_helix_id 
_struct_conf.beg_label_comp_id 
_struct_conf.beg_label_asym_id 
_struct_conf.beg_label_seq_id 
_struct_conf.pdbx_beg_PDB_ins_code 
_struct_conf.end_label_comp_id 
_struct_conf.end_label_asym_id 
_struct_conf.end_label_seq_id 
_struct_conf.pdbx_end_PDB_ins_code 
_struct_conf.beg_auth_comp_id 
_struct_conf.beg_auth_asym_id 
_struct_conf.beg_auth_seq_id 
_struct_conf.end_auth_comp_id 
_struct_conf.end_auth_asym_id 
_struct_conf.end_auth_seq_id 
_struct_conf.pdbx_PDB_helix_class 
_struct_conf.details 
_struct_conf.pdbx_PDB_helix_length 
HELX_P HELX_P1 1 SER A 12  ? LYS A 33  ? SER A 12  LYS A 33  1 ? 22 
HELX_P HELX_P2 2 ALA A 55  ? ASN A 60  ? ALA A 55  ASN A 60  1 ? 6  
HELX_P HELX_P3 3 HIS A 65  ? GLY A 79  ? HIS A 65  GLY A 79  1 ? 15 
HELX_P HELX_P4 4 CYS A 95  ? ALA A 105 ? CYS A 95  ALA A 105 1 ? 11 
HELX_P HELX_P5 5 GLN A 127 ? ASP A 131 ? GLN A 127 ASP A 131 5 ? 5  
HELX_P HELX_P6 6 LEU A 145 ? GLU A 173 ? LEU A 145 GLU A 173 1 ? 29 
# 
_struct_conf_type.id          HELX_P 
_struct_conf_type.criteria    ? 
_struct_conf_type.reference   ? 
# 
loop_
_struct_conn.id 
_struct_conn.conn_type_id 
_struct_conn.pdbx_leaving_atom_flag 
_struct_conn.pdbx_PDB_id 
_struct_conn.ptnr1_label_asym_id 
_struct_conn.ptnr1_label_comp_id 
_struct_conn.ptnr1_label_seq_id 
_struct_conn.ptnr1_label_atom_id 
_struct_conn.pdbx_ptnr1_label_alt_id 
_struct_conn.pdbx_ptnr1_PDB_ins_code 
_struct_conn.pdbx_ptnr1_standard_comp_id 
_struct_conn.ptnr1_symmetry 
_struct_conn.ptnr2_label_asym_id 
_struct_conn.ptnr2_label_comp_id 
_struct_conn.ptnr2_label_seq_id 
_struct_conn.ptnr2_label_atom_id 
_struct_conn.pdbx_ptnr2_label_alt_id 
_struct_conn.pdbx_ptnr2_PDB_ins_code 
_struct_conn.ptnr1_auth_asym_id 
_struct_conn.ptnr1_auth_comp_id 
_struct_conn.ptnr1_auth_seq_id 
_struct_conn.ptnr2_auth_asym_id 
_struct_conn.ptnr2_auth_comp_id 
_struct_conn.ptnr2_auth_seq_id 
_struct_conn.ptnr2_symmetry 
_struct_conn.pdbx_ptnr3_label_atom_id 
_struct_conn.pdbx_ptnr3_label_seq_id 
_struct_conn.pdbx_ptnr3_label_comp_id 
_struct_conn.pdbx_ptnr3_label_asym_id 
_struct_conn.pdbx_ptnr3_label_alt_id 
_struct_conn.pdbx_ptnr3_PDB_ins_code 
_struct_conn.details 
_struct_conn.pdbx_dist_value 
_struct_conn.pdbx_value_order 
_struct_conn.pdbx_role 
metalc1 metalc ? ? A HIS 65 ND1 ? ? ? 1_555 B ZN . ZN ? ? A HIS 65 A ZN 999 1_555 ? ? ? ? ? ? ? 2.167 ? ? 
metalc2 metalc ? ? A CYS 95 SG  ? ? ? 1_555 B ZN . ZN ? ? A CYS 95 A ZN 999 1_555 ? ? ? ? ? ? ? 2.336 ? ? 
metalc3 metalc ? ? A CYS 98 SG  ? ? ? 1_555 B ZN . ZN ? ? A CYS 98 A ZN 999 1_555 ? ? ? ? ? ? ? 2.348 ? ? 
# 
_struct_conn_type.id          metalc 
_struct_conn_type.criteria    ? 
_struct_conn_type.reference   ? 
# 
loop_
_pdbx_struct_conn_angle.id 
_pdbx_struct_conn_angle.ptnr1_label_atom_id 
_pdbx_struct_conn_angle.ptnr1_label_alt_id 
_pdbx_struct_conn_angle.ptnr1_label_asym_id 
_pdbx_struct_conn_angle.ptnr1_label_comp_id 
_pdbx_struct_conn_angle.ptnr1_label_seq_id 
_pdbx_struct_conn_angle.ptnr1_auth_atom_id 
_pdbx_struct_conn_angle.ptnr1_auth_asym_id 
_pdbx_struct_conn_angle.ptnr1_auth_comp_id 
_pdbx_struct_conn_angle.ptnr1_auth_seq_id 
_pdbx_struct_conn_angle.ptnr1_PDB_ins_code 
_pdbx_struct_conn_angle.ptnr1_symmetry 
_pdbx_struct_conn_angle.ptnr2_label_atom_id 
_pdbx_struct_conn_angle.ptnr2_label_alt_id 
_pdbx_struct_conn_angle.ptnr2_label_asym_id 
_pdbx_struct_conn_angle.ptnr2_label_comp_id 
_pdbx_struct_conn_angle.ptnr2_label_seq_id 
_pdbx_struct_conn_angle.ptnr2_auth_atom_id 
_pdbx_struct_conn_angle.ptnr2_auth_asym_id 
_pdbx_struct_conn_angle.ptnr2_auth_comp_id 
_pdbx_struct_conn_angle.ptnr2_auth_seq_id 
_pdbx_struct_conn_angle.ptnr2_PDB_ins_code 
_pdbx_struct_conn_angle.ptnr2_symmetry 
_pdbx_struct_conn_angle.ptnr3_label_atom_id 
_pdbx_struct_conn_angle.ptnr3_label_alt_id 
_pdbx_struct_conn_angle.ptnr3_label_asym_id 
_pdbx_struct_conn_angle.ptnr3_label_comp_id 
_pdbx_struct_conn_angle.ptnr3_label_seq_id 
_pdbx_struct_conn_angle.ptnr3_auth_atom_id 
_pdbx_struct_conn_angle.ptnr3_auth_asym_id 
_pdbx_struct_conn_angle.ptnr3_auth_comp_id 
_pdbx_struct_conn_angle.ptnr3_auth_seq_id 
_pdbx_struct_conn_angle.ptnr3_PDB_ins_code 
_pdbx_struct_conn_angle.ptnr3_symmetry 
_pdbx_struct_conn_angle.value 
_pdbx_struct_conn_angle.value_esd 
1 ND1 ? A HIS 65 ? A HIS 65 ? 1_555 ZN ? B ZN . ? A ZN 999 ? 1_555 SG ? A CYS 95 ? A CYS 95 ? 1_555 110.3 ? 
2 ND1 ? A HIS 65 ? A HIS 65 ? 1_555 ZN ? B ZN . ? A ZN 999 ? 1_555 SG ? A CYS 98 ? A CYS 98 ? 1_555 115.1 ? 
3 SG  ? A CYS 95 ? A CYS 95 ? 1_555 ZN ? B ZN . ? A ZN 999 ? 1_555 SG ? A CYS 98 ? A CYS 98 ? 1_555 121.4 ? 
# 
_struct_sheet.id               A 
_struct_sheet.type             ? 
_struct_sheet.number_strands   5 
_struct_sheet.details          ? 
# 
loop_
_struct_sheet_order.sheet_id 
_struct_sheet_order.range_id_1 
_struct_sheet_order.range_id_2 
_struct_sheet_order.offset 
_struct_sheet_order.sense 
A 1 2 ? anti-parallel 
A 2 3 ? anti-parallel 
A 3 4 ? parallel      
A 4 5 ? parallel      
# 
loop_
_struct_sheet_range.sheet_id 
_struct_sheet_range.id 
_struct_sheet_range.beg_label_comp_id 
_struct_sheet_range.beg_label_asym_id 
_struct_sheet_range.beg_label_seq_id 
_struct_sheet_range.pdbx_beg_PDB_ins_code 
_struct_sheet_range.end_label_comp_id 
_struct_sheet_range.end_label_asym_id 
_struct_sheet_range.end_label_seq_id 
_struct_sheet_range.pdbx_end_PDB_ins_code 
_struct_sheet_range.beg_auth_comp_id 
_struct_sheet_range.beg_auth_asym_id 
_struct_sheet_range.beg_auth_seq_id 
_struct_sheet_range.end_auth_comp_id 
_struct_sheet_range.end_auth_asym_id 
_struct_sheet_range.end_auth_seq_id 
A 1 GLU A 47  ? HIS A 53  ? GLU A 47  HIS A 53  
A 2 GLY A 39  ? LYS A 44  ? GLY A 39  LYS A 44  
A 3 THR A 86  ? ILE A 92  ? THR A 86  ILE A 92  
A 4 HIS A 109 ? ALA A 114 ? HIS A 109 ALA A 114 
A 5 GLN A 139 ? ARG A 142 ? GLN A 139 ARG A 142 
# 
loop_
_pdbx_struct_sheet_hbond.sheet_id 
_pdbx_struct_sheet_hbond.range_id_1 
_pdbx_struct_sheet_hbond.range_id_2 
_pdbx_struct_sheet_hbond.range_1_label_atom_id 
_pdbx_struct_sheet_hbond.range_1_label_comp_id 
_pdbx_struct_sheet_hbond.range_1_label_asym_id 
_pdbx_struct_sheet_hbond.range_1_label_seq_id 
_pdbx_struct_sheet_hbond.range_1_PDB_ins_code 
_pdbx_struct_sheet_hbond.range_1_auth_atom_id 
_pdbx_struct_sheet_hbond.range_1_auth_comp_id 
_pdbx_struct_sheet_hbond.range_1_auth_asym_id 
_pdbx_struct_sheet_hbond.range_1_auth_seq_id 
_pdbx_struct_sheet_hbond.range_2_label_atom_id 
_pdbx_struct_sheet_hbond.range_2_label_comp_id 
_pdbx_struct_sheet_hbond.range_2_label_asym_id 
_pdbx_struct_sheet_hbond.range_2_label_seq_id 
_pdbx_struct_sheet_hbond.range_2_PDB_ins_code 
_pdbx_struct_sheet_hbond.range_2_auth_atom_id 
_pdbx_struct_sheet_hbond.range_2_auth_comp_id 
_pdbx_struct_sheet_hbond.range_2_auth_asym_id 
_pdbx_struct_sheet_hbond.range_2_auth_seq_id 
A 1 2 O GLU A 47  ? O GLU A 47  N LYS A 44  ? N LYS A 44  
A 2 3 N VAL A 43  ? N VAL A 43  O THR A 87  ? O THR A 87  
A 3 4 N LEU A 88  ? N LEU A 88  O ILE A 111 ? O ILE A 111 
A 4 5 N VAL A 110 ? N VAL A 110 O GLU A 141 ? O GLU A 141 
# 
loop_
_pdbx_validate_symm_contact.id 
_pdbx_validate_symm_contact.PDB_model_num 
_pdbx_validate_symm_contact.auth_atom_id_1 
_pdbx_validate_symm_contact.auth_asym_id_1 
_pdbx_validate_symm_contact.auth_comp_id_1 
_pdbx_validate_symm_contact.auth_seq_id_1 
_pdbx_validate_symm_contact.PDB_ins_code_1 
_pdbx_validate_symm_contact.label_alt_id_1 
_pdbx_validate_symm_contact.site_symmetry_1 
_pdbx_validate_symm_contact.auth_atom_id_2 
_pdbx_validate_symm_contact.auth_asym_id_2 
_pdbx_validate_symm_contact.auth_comp_id_2 
_pdbx_validate_symm_contact.auth_seq_id_2 
_pdbx_validate_symm_contact.PDB_ins_code_2 
_pdbx_validate_symm_contact.label_alt_id_2 
_pdbx_validate_symm_contact.site_symmetry_2 
_pdbx_validate_symm_contact.dist 
1 1 O A HOH 2145 ? ? 1_555 O A HOH 2145 ? ? 2_565 1.26 
2 1 O A HOH 2066 ? ? 1_555 O A HOH 2066 ? ? 7_555 1.41 
# 
loop_
_pdbx_validate_torsion.id 
_pdbx_validate_torsion.PDB_model_num 
_pdbx_validate_torsion.auth_comp_id 
_pdbx_validate_torsion.auth_asym_id 
_pdbx_validate_torsion.auth_seq_id 
_pdbx_validate_torsion.PDB_ins_code 
_pdbx_validate_torsion.label_alt_id 
_pdbx_validate_torsion.phi 
_pdbx_validate_torsion.psi 
1 1 ALA A 55  ? ? -148.03 37.66  
2 1 ASP A 123 ? ? -136.07 -41.01 
3 1 SER A 124 ? ? -60.47  -78.34 
4 1 ASN A 135 ? ? 55.89   17.77  
5 1 LYS A 172 ? ? -53.56  -75.22 
# 
_pdbx_database_remark.id     999 
_pdbx_database_remark.text   
;SEQUENCE 
The first 8 residues(MELGESFL) are not present in 
UniProt entry(Q5XE14 Y214_STRP6), though are present 
in the original translation from the underlying genomic 
DNA sequence.
;
# 
loop_
_pdbx_unobs_or_zero_occ_residues.id 
_pdbx_unobs_or_zero_occ_residues.PDB_model_num 
_pdbx_unobs_or_zero_occ_residues.polymer_flag 
_pdbx_unobs_or_zero_occ_residues.occupancy_flag 
_pdbx_unobs_or_zero_occ_residues.auth_asym_id 
_pdbx_unobs_or_zero_occ_residues.auth_comp_id 
_pdbx_unobs_or_zero_occ_residues.auth_seq_id 
_pdbx_unobs_or_zero_occ_residues.PDB_ins_code 
_pdbx_unobs_or_zero_occ_residues.label_asym_id 
_pdbx_unobs_or_zero_occ_residues.label_comp_id 
_pdbx_unobs_or_zero_occ_residues.label_seq_id 
1  1 Y 1 A MET 1   ? A MET 1   
2  1 Y 1 A GLU 2   ? A GLU 2   
3  1 Y 1 A LEU 3   ? A LEU 3   
4  1 Y 1 A GLY 4   ? A GLY 4   
5  1 Y 1 A GLU 5   ? A GLU 5   
6  1 Y 1 A GLN 174 ? A GLN 174 
7  1 Y 1 A SER 175 ? A SER 175 
8  1 Y 1 A ASP 176 ? A ASP 176 
9  1 Y 1 A PRO 177 ? A PRO 177 
10 1 Y 1 A PHE 178 ? A PHE 178 
11 1 Y 1 A ASP 179 ? A ASP 179 
# 
loop_
_chem_comp_atom.comp_id 
_chem_comp_atom.atom_id 
_chem_comp_atom.type_symbol 
_chem_comp_atom.pdbx_aromatic_flag 
_chem_comp_atom.pdbx_stereo_config 
_chem_comp_atom.pdbx_ordinal 
ALA N    N  N N 1   
ALA CA   C  N S 2   
ALA C    C  N N 3   
ALA O    O  N N 4   
ALA CB   C  N N 5   
ALA OXT  O  N N 6   
ALA H    H  N N 7   
ALA H2   H  N N 8   
ALA HA   H  N N 9   
ALA HB1  H  N N 10  
ALA HB2  H  N N 11  
ALA HB3  H  N N 12  
ALA HXT  H  N N 13  
ARG N    N  N N 14  
ARG CA   C  N S 15  
ARG C    C  N N 16  
ARG O    O  N N 17  
ARG CB   C  N N 18  
ARG CG   C  N N 19  
ARG CD   C  N N 20  
ARG NE   N  N N 21  
ARG CZ   C  N N 22  
ARG NH1  N  N N 23  
ARG NH2  N  N N 24  
ARG OXT  O  N N 25  
ARG H    H  N N 26  
ARG H2   H  N N 27  
ARG HA   H  N N 28  
ARG HB2  H  N N 29  
ARG HB3  H  N N 30  
ARG HG2  H  N N 31  
ARG HG3  H  N N 32  
ARG HD2  H  N N 33  
ARG HD3  H  N N 34  
ARG HE   H  N N 35  
ARG HH11 H  N N 36  
ARG HH12 H  N N 37  
ARG HH21 H  N N 38  
ARG HH22 H  N N 39  
ARG HXT  H  N N 40  
ASN N    N  N N 41  
ASN CA   C  N S 42  
ASN C    C  N N 43  
ASN O    O  N N 44  
ASN CB   C  N N 45  
ASN CG   C  N N 46  
ASN OD1  O  N N 47  
ASN ND2  N  N N 48  
ASN OXT  O  N N 49  
ASN H    H  N N 50  
ASN H2   H  N N 51  
ASN HA   H  N N 52  
ASN HB2  H  N N 53  
ASN HB3  H  N N 54  
ASN HD21 H  N N 55  
ASN HD22 H  N N 56  
ASN HXT  H  N N 57  
ASP N    N  N N 58  
ASP CA   C  N S 59  
ASP C    C  N N 60  
ASP O    O  N N 61  
ASP CB   C  N N 62  
ASP CG   C  N N 63  
ASP OD1  O  N N 64  
ASP OD2  O  N N 65  
ASP OXT  O  N N 66  
ASP H    H  N N 67  
ASP H2   H  N N 68  
ASP HA   H  N N 69  
ASP HB2  H  N N 70  
ASP HB3  H  N N 71  
ASP HD2  H  N N 72  
ASP HXT  H  N N 73  
CYS N    N  N N 74  
CYS CA   C  N R 75  
CYS C    C  N N 76  
CYS O    O  N N 77  
CYS CB   C  N N 78  
CYS SG   S  N N 79  
CYS OXT  O  N N 80  
CYS H    H  N N 81  
CYS H2   H  N N 82  
CYS HA   H  N N 83  
CYS HB2  H  N N 84  
CYS HB3  H  N N 85  
CYS HG   H  N N 86  
CYS HXT  H  N N 87  
GLN N    N  N N 88  
GLN CA   C  N S 89  
GLN C    C  N N 90  
GLN O    O  N N 91  
GLN CB   C  N N 92  
GLN CG   C  N N 93  
GLN CD   C  N N 94  
GLN OE1  O  N N 95  
GLN NE2  N  N N 96  
GLN OXT  O  N N 97  
GLN H    H  N N 98  
GLN H2   H  N N 99  
GLN HA   H  N N 100 
GLN HB2  H  N N 101 
GLN HB3  H  N N 102 
GLN HG2  H  N N 103 
GLN HG3  H  N N 104 
GLN HE21 H  N N 105 
GLN HE22 H  N N 106 
GLN HXT  H  N N 107 
GLU N    N  N N 108 
GLU CA   C  N S 109 
GLU C    C  N N 110 
GLU O    O  N N 111 
GLU CB   C  N N 112 
GLU CG   C  N N 113 
GLU CD   C  N N 114 
GLU OE1  O  N N 115 
GLU OE2  O  N N 116 
GLU OXT  O  N N 117 
GLU H    H  N N 118 
GLU H2   H  N N 119 
GLU HA   H  N N 120 
GLU HB2  H  N N 121 
GLU HB3  H  N N 122 
GLU HG2  H  N N 123 
GLU HG3  H  N N 124 
GLU HE2  H  N N 125 
GLU HXT  H  N N 126 
GLY N    N  N N 127 
GLY CA   C  N N 128 
GLY C    C  N N 129 
GLY O    O  N N 130 
GLY OXT  O  N N 131 
GLY H    H  N N 132 
GLY H2   H  N N 133 
GLY HA2  H  N N 134 
GLY HA3  H  N N 135 
GLY HXT  H  N N 136 
HIS N    N  N N 137 
HIS CA   C  N S 138 
HIS C    C  N N 139 
HIS O    O  N N 140 
HIS CB   C  N N 141 
HIS CG   C  Y N 142 
HIS ND1  N  Y N 143 
HIS CD2  C  Y N 144 
HIS CE1  C  Y N 145 
HIS NE2  N  Y N 146 
HIS OXT  O  N N 147 
HIS H    H  N N 148 
HIS H2   H  N N 149 
HIS HA   H  N N 150 
HIS HB2  H  N N 151 
HIS HB3  H  N N 152 
HIS HD1  H  N N 153 
HIS HD2  H  N N 154 
HIS HE1  H  N N 155 
HIS HE2  H  N N 156 
HIS HXT  H  N N 157 
HOH O    O  N N 158 
HOH H1   H  N N 159 
HOH H2   H  N N 160 
ILE N    N  N N 161 
ILE CA   C  N S 162 
ILE C    C  N N 163 
ILE O    O  N N 164 
ILE CB   C  N S 165 
ILE CG1  C  N N 166 
ILE CG2  C  N N 167 
ILE CD1  C  N N 168 
ILE OXT  O  N N 169 
ILE H    H  N N 170 
ILE H2   H  N N 171 
ILE HA   H  N N 172 
ILE HB   H  N N 173 
ILE HG12 H  N N 174 
ILE HG13 H  N N 175 
ILE HG21 H  N N 176 
ILE HG22 H  N N 177 
ILE HG23 H  N N 178 
ILE HD11 H  N N 179 
ILE HD12 H  N N 180 
ILE HD13 H  N N 181 
ILE HXT  H  N N 182 
LEU N    N  N N 183 
LEU CA   C  N S 184 
LEU C    C  N N 185 
LEU O    O  N N 186 
LEU CB   C  N N 187 
LEU CG   C  N N 188 
LEU CD1  C  N N 189 
LEU CD2  C  N N 190 
LEU OXT  O  N N 191 
LEU H    H  N N 192 
LEU H2   H  N N 193 
LEU HA   H  N N 194 
LEU HB2  H  N N 195 
LEU HB3  H  N N 196 
LEU HG   H  N N 197 
LEU HD11 H  N N 198 
LEU HD12 H  N N 199 
LEU HD13 H  N N 200 
LEU HD21 H  N N 201 
LEU HD22 H  N N 202 
LEU HD23 H  N N 203 
LEU HXT  H  N N 204 
LYS N    N  N N 205 
LYS CA   C  N S 206 
LYS C    C  N N 207 
LYS O    O  N N 208 
LYS CB   C  N N 209 
LYS CG   C  N N 210 
LYS CD   C  N N 211 
LYS CE   C  N N 212 
LYS NZ   N  N N 213 
LYS OXT  O  N N 214 
LYS H    H  N N 215 
LYS H2   H  N N 216 
LYS HA   H  N N 217 
LYS HB2  H  N N 218 
LYS HB3  H  N N 219 
LYS HG2  H  N N 220 
LYS HG3  H  N N 221 
LYS HD2  H  N N 222 
LYS HD3  H  N N 223 
LYS HE2  H  N N 224 
LYS HE3  H  N N 225 
LYS HZ1  H  N N 226 
LYS HZ2  H  N N 227 
LYS HZ3  H  N N 228 
LYS HXT  H  N N 229 
MET N    N  N N 230 
MET CA   C  N S 231 
MET C    C  N N 232 
MET O    O  N N 233 
MET CB   C  N N 234 
MET CG   C  N N 235 
MET SD   S  N N 236 
MET CE   C  N N 237 
MET OXT  O  N N 238 
MET H    H  N N 239 
MET H2   H  N N 240 
MET HA   H  N N 241 
MET HB2  H  N N 242 
MET HB3  H  N N 243 
MET HG2  H  N N 244 
MET HG3  H  N N 245 
MET HE1  H  N N 246 
MET HE2  H  N N 247 
MET HE3  H  N N 248 
MET HXT  H  N N 249 
PHE N    N  N N 250 
PHE CA   C  N S 251 
PHE C    C  N N 252 
PHE O    O  N N 253 
PHE CB   C  N N 254 
PHE CG   C  Y N 255 
PHE CD1  C  Y N 256 
PHE CD2  C  Y N 257 
PHE CE1  C  Y N 258 
PHE CE2  C  Y N 259 
PHE CZ   C  Y N 260 
PHE OXT  O  N N 261 
PHE H    H  N N 262 
PHE H2   H  N N 263 
PHE HA   H  N N 264 
PHE HB2  H  N N 265 
PHE HB3  H  N N 266 
PHE HD1  H  N N 267 
PHE HD2  H  N N 268 
PHE HE1  H  N N 269 
PHE HE2  H  N N 270 
PHE HZ   H  N N 271 
PHE HXT  H  N N 272 
PO4 P    P  N N 273 
PO4 O1   O  N N 274 
PO4 O2   O  N N 275 
PO4 O3   O  N N 276 
PO4 O4   O  N N 277 
PRO N    N  N N 278 
PRO CA   C  N S 279 
PRO C    C  N N 280 
PRO O    O  N N 281 
PRO CB   C  N N 282 
PRO CG   C  N N 283 
PRO CD   C  N N 284 
PRO OXT  O  N N 285 
PRO H    H  N N 286 
PRO HA   H  N N 287 
PRO HB2  H  N N 288 
PRO HB3  H  N N 289 
PRO HG2  H  N N 290 
PRO HG3  H  N N 291 
PRO HD2  H  N N 292 
PRO HD3  H  N N 293 
PRO HXT  H  N N 294 
SER N    N  N N 295 
SER CA   C  N S 296 
SER C    C  N N 297 
SER O    O  N N 298 
SER CB   C  N N 299 
SER OG   O  N N 300 
SER OXT  O  N N 301 
SER H    H  N N 302 
SER H2   H  N N 303 
SER HA   H  N N 304 
SER HB2  H  N N 305 
SER HB3  H  N N 306 
SER HG   H  N N 307 
SER HXT  H  N N 308 
THR N    N  N N 309 
THR CA   C  N S 310 
THR C    C  N N 311 
THR O    O  N N 312 
THR CB   C  N R 313 
THR OG1  O  N N 314 
THR CG2  C  N N 315 
THR OXT  O  N N 316 
THR H    H  N N 317 
THR H2   H  N N 318 
THR HA   H  N N 319 
THR HB   H  N N 320 
THR HG1  H  N N 321 
THR HG21 H  N N 322 
THR HG22 H  N N 323 
THR HG23 H  N N 324 
THR HXT  H  N N 325 
TRP N    N  N N 326 
TRP CA   C  N S 327 
TRP C    C  N N 328 
TRP O    O  N N 329 
TRP CB   C  N N 330 
TRP CG   C  Y N 331 
TRP CD1  C  Y N 332 
TRP CD2  C  Y N 333 
TRP NE1  N  Y N 334 
TRP CE2  C  Y N 335 
TRP CE3  C  Y N 336 
TRP CZ2  C  Y N 337 
TRP CZ3  C  Y N 338 
TRP CH2  C  Y N 339 
TRP OXT  O  N N 340 
TRP H    H  N N 341 
TRP H2   H  N N 342 
TRP HA   H  N N 343 
TRP HB2  H  N N 344 
TRP HB3  H  N N 345 
TRP HD1  H  N N 346 
TRP HE1  H  N N 347 
TRP HE3  H  N N 348 
TRP HZ2  H  N N 349 
TRP HZ3  H  N N 350 
TRP HH2  H  N N 351 
TRP HXT  H  N N 352 
TYR N    N  N N 353 
TYR CA   C  N S 354 
TYR C    C  N N 355 
TYR O    O  N N 356 
TYR CB   C  N N 357 
TYR CG   C  Y N 358 
TYR CD1  C  Y N 359 
TYR CD2  C  Y N 360 
TYR CE1  C  Y N 361 
TYR CE2  C  Y N 362 
TYR CZ   C  Y N 363 
TYR OH   O  N N 364 
TYR OXT  O  N N 365 
TYR H    H  N N 366 
TYR H2   H  N N 367 
TYR HA   H  N N 368 
TYR HB2  H  N N 369 
TYR HB3  H  N N 370 
TYR HD1  H  N N 371 
TYR HD2  H  N N 372 
TYR HE1  H  N N 373 
TYR HE2  H  N N 374 
TYR HH   H  N N 375 
TYR HXT  H  N N 376 
VAL N    N  N N 377 
VAL CA   C  N S 378 
VAL C    C  N N 379 
VAL O    O  N N 380 
VAL CB   C  N N 381 
VAL CG1  C  N N 382 
VAL CG2  C  N N 383 
VAL OXT  O  N N 384 
VAL H    H  N N 385 
VAL H2   H  N N 386 
VAL HA   H  N N 387 
VAL HB   H  N N 388 
VAL HG11 H  N N 389 
VAL HG12 H  N N 390 
VAL HG13 H  N N 391 
VAL HG21 H  N N 392 
VAL HG22 H  N N 393 
VAL HG23 H  N N 394 
VAL HXT  H  N N 395 
ZN  ZN   ZN N N 396 
# 
loop_
_chem_comp_bond.comp_id 
_chem_comp_bond.atom_id_1 
_chem_comp_bond.atom_id_2 
_chem_comp_bond.value_order 
_chem_comp_bond.pdbx_aromatic_flag 
_chem_comp_bond.pdbx_stereo_config 
_chem_comp_bond.pdbx_ordinal 
ALA N   CA   sing N N 1   
ALA N   H    sing N N 2   
ALA N   H2   sing N N 3   
ALA CA  C    sing N N 4   
ALA CA  CB   sing N N 5   
ALA CA  HA   sing N N 6   
ALA C   O    doub N N 7   
ALA C   OXT  sing N N 8   
ALA CB  HB1  sing N N 9   
ALA CB  HB2  sing N N 10  
ALA CB  HB3  sing N N 11  
ALA OXT HXT  sing N N 12  
ARG N   CA   sing N N 13  
ARG N   H    sing N N 14  
ARG N   H2   sing N N 15  
ARG CA  C    sing N N 16  
ARG CA  CB   sing N N 17  
ARG CA  HA   sing N N 18  
ARG C   O    doub N N 19  
ARG C   OXT  sing N N 20  
ARG CB  CG   sing N N 21  
ARG CB  HB2  sing N N 22  
ARG CB  HB3  sing N N 23  
ARG CG  CD   sing N N 24  
ARG CG  HG2  sing N N 25  
ARG CG  HG3  sing N N 26  
ARG CD  NE   sing N N 27  
ARG CD  HD2  sing N N 28  
ARG CD  HD3  sing N N 29  
ARG NE  CZ   sing N N 30  
ARG NE  HE   sing N N 31  
ARG CZ  NH1  sing N N 32  
ARG CZ  NH2  doub N N 33  
ARG NH1 HH11 sing N N 34  
ARG NH1 HH12 sing N N 35  
ARG NH2 HH21 sing N N 36  
ARG NH2 HH22 sing N N 37  
ARG OXT HXT  sing N N 38  
ASN N   CA   sing N N 39  
ASN N   H    sing N N 40  
ASN N   H2   sing N N 41  
ASN CA  C    sing N N 42  
ASN CA  CB   sing N N 43  
ASN CA  HA   sing N N 44  
ASN C   O    doub N N 45  
ASN C   OXT  sing N N 46  
ASN CB  CG   sing N N 47  
ASN CB  HB2  sing N N 48  
ASN CB  HB3  sing N N 49  
ASN CG  OD1  doub N N 50  
ASN CG  ND2  sing N N 51  
ASN ND2 HD21 sing N N 52  
ASN ND2 HD22 sing N N 53  
ASN OXT HXT  sing N N 54  
ASP N   CA   sing N N 55  
ASP N   H    sing N N 56  
ASP N   H2   sing N N 57  
ASP CA  C    sing N N 58  
ASP CA  CB   sing N N 59  
ASP CA  HA   sing N N 60  
ASP C   O    doub N N 61  
ASP C   OXT  sing N N 62  
ASP CB  CG   sing N N 63  
ASP CB  HB2  sing N N 64  
ASP CB  HB3  sing N N 65  
ASP CG  OD1  doub N N 66  
ASP CG  OD2  sing N N 67  
ASP OD2 HD2  sing N N 68  
ASP OXT HXT  sing N N 69  
CYS N   CA   sing N N 70  
CYS N   H    sing N N 71  
CYS N   H2   sing N N 72  
CYS CA  C    sing N N 73  
CYS CA  CB   sing N N 74  
CYS CA  HA   sing N N 75  
CYS C   O    doub N N 76  
CYS C   OXT  sing N N 77  
CYS CB  SG   sing N N 78  
CYS CB  HB2  sing N N 79  
CYS CB  HB3  sing N N 80  
CYS SG  HG   sing N N 81  
CYS OXT HXT  sing N N 82  
GLN N   CA   sing N N 83  
GLN N   H    sing N N 84  
GLN N   H2   sing N N 85  
GLN CA  C    sing N N 86  
GLN CA  CB   sing N N 87  
GLN CA  HA   sing N N 88  
GLN C   O    doub N N 89  
GLN C   OXT  sing N N 90  
GLN CB  CG   sing N N 91  
GLN CB  HB2  sing N N 92  
GLN CB  HB3  sing N N 93  
GLN CG  CD   sing N N 94  
GLN CG  HG2  sing N N 95  
GLN CG  HG3  sing N N 96  
GLN CD  OE1  doub N N 97  
GLN CD  NE2  sing N N 98  
GLN NE2 HE21 sing N N 99  
GLN NE2 HE22 sing N N 100 
GLN OXT HXT  sing N N 101 
GLU N   CA   sing N N 102 
GLU N   H    sing N N 103 
GLU N   H2   sing N N 104 
GLU CA  C    sing N N 105 
GLU CA  CB   sing N N 106 
GLU CA  HA   sing N N 107 
GLU C   O    doub N N 108 
GLU C   OXT  sing N N 109 
GLU CB  CG   sing N N 110 
GLU CB  HB2  sing N N 111 
GLU CB  HB3  sing N N 112 
GLU CG  CD   sing N N 113 
GLU CG  HG2  sing N N 114 
GLU CG  HG3  sing N N 115 
GLU CD  OE1  doub N N 116 
GLU CD  OE2  sing N N 117 
GLU OE2 HE2  sing N N 118 
GLU OXT HXT  sing N N 119 
GLY N   CA   sing N N 120 
GLY N   H    sing N N 121 
GLY N   H2   sing N N 122 
GLY CA  C    sing N N 123 
GLY CA  HA2  sing N N 124 
GLY CA  HA3  sing N N 125 
GLY C   O    doub N N 126 
GLY C   OXT  sing N N 127 
GLY OXT HXT  sing N N 128 
HIS N   CA   sing N N 129 
HIS N   H    sing N N 130 
HIS N   H2   sing N N 131 
HIS CA  C    sing N N 132 
HIS CA  CB   sing N N 133 
HIS CA  HA   sing N N 134 
HIS C   O    doub N N 135 
HIS C   OXT  sing N N 136 
HIS CB  CG   sing N N 137 
HIS CB  HB2  sing N N 138 
HIS CB  HB3  sing N N 139 
HIS CG  ND1  sing Y N 140 
HIS CG  CD2  doub Y N 141 
HIS ND1 CE1  doub Y N 142 
HIS ND1 HD1  sing N N 143 
HIS CD2 NE2  sing Y N 144 
HIS CD2 HD2  sing N N 145 
HIS CE1 NE2  sing Y N 146 
HIS CE1 HE1  sing N N 147 
HIS NE2 HE2  sing N N 148 
HIS OXT HXT  sing N N 149 
HOH O   H1   sing N N 150 
HOH O   H2   sing N N 151 
ILE N   CA   sing N N 152 
ILE N   H    sing N N 153 
ILE N   H2   sing N N 154 
ILE CA  C    sing N N 155 
ILE CA  CB   sing N N 156 
ILE CA  HA   sing N N 157 
ILE C   O    doub N N 158 
ILE C   OXT  sing N N 159 
ILE CB  CG1  sing N N 160 
ILE CB  CG2  sing N N 161 
ILE CB  HB   sing N N 162 
ILE CG1 CD1  sing N N 163 
ILE CG1 HG12 sing N N 164 
ILE CG1 HG13 sing N N 165 
ILE CG2 HG21 sing N N 166 
ILE CG2 HG22 sing N N 167 
ILE CG2 HG23 sing N N 168 
ILE CD1 HD11 sing N N 169 
ILE CD1 HD12 sing N N 170 
ILE CD1 HD13 sing N N 171 
ILE OXT HXT  sing N N 172 
LEU N   CA   sing N N 173 
LEU N   H    sing N N 174 
LEU N   H2   sing N N 175 
LEU CA  C    sing N N 176 
LEU CA  CB   sing N N 177 
LEU CA  HA   sing N N 178 
LEU C   O    doub N N 179 
LEU C   OXT  sing N N 180 
LEU CB  CG   sing N N 181 
LEU CB  HB2  sing N N 182 
LEU CB  HB3  sing N N 183 
LEU CG  CD1  sing N N 184 
LEU CG  CD2  sing N N 185 
LEU CG  HG   sing N N 186 
LEU CD1 HD11 sing N N 187 
LEU CD1 HD12 sing N N 188 
LEU CD1 HD13 sing N N 189 
LEU CD2 HD21 sing N N 190 
LEU CD2 HD22 sing N N 191 
LEU CD2 HD23 sing N N 192 
LEU OXT HXT  sing N N 193 
LYS N   CA   sing N N 194 
LYS N   H    sing N N 195 
LYS N   H2   sing N N 196 
LYS CA  C    sing N N 197 
LYS CA  CB   sing N N 198 
LYS CA  HA   sing N N 199 
LYS C   O    doub N N 200 
LYS C   OXT  sing N N 201 
LYS CB  CG   sing N N 202 
LYS CB  HB2  sing N N 203 
LYS CB  HB3  sing N N 204 
LYS CG  CD   sing N N 205 
LYS CG  HG2  sing N N 206 
LYS CG  HG3  sing N N 207 
LYS CD  CE   sing N N 208 
LYS CD  HD2  sing N N 209 
LYS CD  HD3  sing N N 210 
LYS CE  NZ   sing N N 211 
LYS CE  HE2  sing N N 212 
LYS CE  HE3  sing N N 213 
LYS NZ  HZ1  sing N N 214 
LYS NZ  HZ2  sing N N 215 
LYS NZ  HZ3  sing N N 216 
LYS OXT HXT  sing N N 217 
MET N   CA   sing N N 218 
MET N   H    sing N N 219 
MET N   H2   sing N N 220 
MET CA  C    sing N N 221 
MET CA  CB   sing N N 222 
MET CA  HA   sing N N 223 
MET C   O    doub N N 224 
MET C   OXT  sing N N 225 
MET CB  CG   sing N N 226 
MET CB  HB2  sing N N 227 
MET CB  HB3  sing N N 228 
MET CG  SD   sing N N 229 
MET CG  HG2  sing N N 230 
MET CG  HG3  sing N N 231 
MET SD  CE   sing N N 232 
MET CE  HE1  sing N N 233 
MET CE  HE2  sing N N 234 
MET CE  HE3  sing N N 235 
MET OXT HXT  sing N N 236 
PHE N   CA   sing N N 237 
PHE N   H    sing N N 238 
PHE N   H2   sing N N 239 
PHE CA  C    sing N N 240 
PHE CA  CB   sing N N 241 
PHE CA  HA   sing N N 242 
PHE C   O    doub N N 243 
PHE C   OXT  sing N N 244 
PHE CB  CG   sing N N 245 
PHE CB  HB2  sing N N 246 
PHE CB  HB3  sing N N 247 
PHE CG  CD1  doub Y N 248 
PHE CG  CD2  sing Y N 249 
PHE CD1 CE1  sing Y N 250 
PHE CD1 HD1  sing N N 251 
PHE CD2 CE2  doub Y N 252 
PHE CD2 HD2  sing N N 253 
PHE CE1 CZ   doub Y N 254 
PHE CE1 HE1  sing N N 255 
PHE CE2 CZ   sing Y N 256 
PHE CE2 HE2  sing N N 257 
PHE CZ  HZ   sing N N 258 
PHE OXT HXT  sing N N 259 
PO4 P   O1   doub N N 260 
PO4 P   O2   sing N N 261 
PO4 P   O3   sing N N 262 
PO4 P   O4   sing N N 263 
PRO N   CA   sing N N 264 
PRO N   CD   sing N N 265 
PRO N   H    sing N N 266 
PRO CA  C    sing N N 267 
PRO CA  CB   sing N N 268 
PRO CA  HA   sing N N 269 
PRO C   O    doub N N 270 
PRO C   OXT  sing N N 271 
PRO CB  CG   sing N N 272 
PRO CB  HB2  sing N N 273 
PRO CB  HB3  sing N N 274 
PRO CG  CD   sing N N 275 
PRO CG  HG2  sing N N 276 
PRO CG  HG3  sing N N 277 
PRO CD  HD2  sing N N 278 
PRO CD  HD3  sing N N 279 
PRO OXT HXT  sing N N 280 
SER N   CA   sing N N 281 
SER N   H    sing N N 282 
SER N   H2   sing N N 283 
SER CA  C    sing N N 284 
SER CA  CB   sing N N 285 
SER CA  HA   sing N N 286 
SER C   O    doub N N 287 
SER C   OXT  sing N N 288 
SER CB  OG   sing N N 289 
SER CB  HB2  sing N N 290 
SER CB  HB3  sing N N 291 
SER OG  HG   sing N N 292 
SER OXT HXT  sing N N 293 
THR N   CA   sing N N 294 
THR N   H    sing N N 295 
THR N   H2   sing N N 296 
THR CA  C    sing N N 297 
THR CA  CB   sing N N 298 
THR CA  HA   sing N N 299 
THR C   O    doub N N 300 
THR C   OXT  sing N N 301 
THR CB  OG1  sing N N 302 
THR CB  CG2  sing N N 303 
THR CB  HB   sing N N 304 
THR OG1 HG1  sing N N 305 
THR CG2 HG21 sing N N 306 
THR CG2 HG22 sing N N 307 
THR CG2 HG23 sing N N 308 
THR OXT HXT  sing N N 309 
TRP N   CA   sing N N 310 
TRP N   H    sing N N 311 
TRP N   H2   sing N N 312 
TRP CA  C    sing N N 313 
TRP CA  CB   sing N N 314 
TRP CA  HA   sing N N 315 
TRP C   O    doub N N 316 
TRP C   OXT  sing N N 317 
TRP CB  CG   sing N N 318 
TRP CB  HB2  sing N N 319 
TRP CB  HB3  sing N N 320 
TRP CG  CD1  doub Y N 321 
TRP CG  CD2  sing Y N 322 
TRP CD1 NE1  sing Y N 323 
TRP CD1 HD1  sing N N 324 
TRP CD2 CE2  doub Y N 325 
TRP CD2 CE3  sing Y N 326 
TRP NE1 CE2  sing Y N 327 
TRP NE1 HE1  sing N N 328 
TRP CE2 CZ2  sing Y N 329 
TRP CE3 CZ3  doub Y N 330 
TRP CE3 HE3  sing N N 331 
TRP CZ2 CH2  doub Y N 332 
TRP CZ2 HZ2  sing N N 333 
TRP CZ3 CH2  sing Y N 334 
TRP CZ3 HZ3  sing N N 335 
TRP CH2 HH2  sing N N 336 
TRP OXT HXT  sing N N 337 
TYR N   CA   sing N N 338 
TYR N   H    sing N N 339 
TYR N   H2   sing N N 340 
TYR CA  C    sing N N 341 
TYR CA  CB   sing N N 342 
TYR CA  HA   sing N N 343 
TYR C   O    doub N N 344 
TYR C   OXT  sing N N 345 
TYR CB  CG   sing N N 346 
TYR CB  HB2  sing N N 347 
TYR CB  HB3  sing N N 348 
TYR CG  CD1  doub Y N 349 
TYR CG  CD2  sing Y N 350 
TYR CD1 CE1  sing Y N 351 
TYR CD1 HD1  sing N N 352 
TYR CD2 CE2  doub Y N 353 
TYR CD2 HD2  sing N N 354 
TYR CE1 CZ   doub Y N 355 
TYR CE1 HE1  sing N N 356 
TYR CE2 CZ   sing Y N 357 
TYR CE2 HE2  sing N N 358 
TYR CZ  OH   sing N N 359 
TYR OH  HH   sing N N 360 
TYR OXT HXT  sing N N 361 
VAL N   CA   sing N N 362 
VAL N   H    sing N N 363 
VAL N   H2   sing N N 364 
VAL CA  C    sing N N 365 
VAL CA  CB   sing N N 366 
VAL CA  HA   sing N N 367 
VAL C   O    doub N N 368 
VAL C   OXT  sing N N 369 
VAL CB  CG1  sing N N 370 
VAL CB  CG2  sing N N 371 
VAL CB  HB   sing N N 372 
VAL CG1 HG11 sing N N 373 
VAL CG1 HG12 sing N N 374 
VAL CG1 HG13 sing N N 375 
VAL CG2 HG21 sing N N 376 
VAL CG2 HG22 sing N N 377 
VAL CG2 HG23 sing N N 378 
VAL OXT HXT  sing N N 379 
# 
_atom_sites.entry_id                    2NX8 
_atom_sites.fract_transf_matrix[1][1]   -0.00198422 
_atom_sites.fract_transf_matrix[1][2]   -0.01017056 
_atom_sites.fract_transf_matrix[1][3]   0.00696582 
_atom_sites.fract_transf_matrix[2][1]   0.00168189 
_atom_sites.fract_transf_matrix[2][2]   -0.00721286 
_atom_sites.fract_transf_matrix[2][3]   -0.01005217 
_atom_sites.fract_transf_matrix[3][1]   0.01205948 
_atom_sites.fract_transf_matrix[3][2]   -0.00065090 
_atom_sites.fract_transf_matrix[3][3]   0.00248479 
_atom_sites.fract_transf_vector[1]      0.093380 
_atom_sites.fract_transf_vector[2]      0.313652 
_atom_sites.fract_transf_vector[3]      -0.017908 
# 
loop_
_atom_type.symbol 
C  
N  
O  
P  
S  
ZN 
# 
loop_
_atom_site.group_PDB 
_atom_site.id 
_atom_site.type_symbol 
_atom_site.label_atom_id 
_atom_site.label_alt_id 
_atom_site.label_comp_id 
_atom_site.label_asym_id 
_atom_site.label_entity_id 
_atom_site.label_seq_id 
_atom_site.pdbx_PDB_ins_code 
_atom_site.Cartn_x 
_atom_site.Cartn_y 
_atom_site.Cartn_z 
_atom_site.occupancy 
_atom_site.B_iso_or_equiv 
_atom_site.pdbx_formal_charge 
_atom_site.auth_seq_id 
_atom_site.auth_comp_id 
_atom_site.auth_asym_id 
_atom_site.auth_atom_id 
_atom_site.pdbx_PDB_model_num 
ATOM   1    N  N   . SER A 1 6   ? 22.551  12.244  1.760   1.00 52.26  ? 6    SER A N   1 
ATOM   2    C  CA  . SER A 1 6   ? 21.307  12.190  2.586   1.00 51.84  ? 6    SER A CA  1 
ATOM   3    C  C   . SER A 1 6   ? 20.207  11.423  1.852   1.00 50.31  ? 6    SER A C   1 
ATOM   4    O  O   . SER A 1 6   ? 19.878  10.294  2.214   1.00 50.45  ? 6    SER A O   1 
ATOM   5    C  CB  . SER A 1 6   ? 20.826  13.609  2.898   1.00 53.67  ? 6    SER A CB  1 
ATOM   6    O  OG  . SER A 1 6   ? 19.653  13.583  3.692   1.00 55.18  ? 6    SER A OG  1 
ATOM   7    N  N   . PHE A 1 7   ? 19.643  12.044  0.820   1.00 47.96  ? 7    PHE A N   1 
ATOM   8    C  CA  . PHE A 1 7   ? 18.582  11.422  0.032   1.00 45.94  ? 7    PHE A CA  1 
ATOM   9    C  C   . PHE A 1 7   ? 19.146  10.230  -0.738  1.00 43.40  ? 7    PHE A C   1 
ATOM   10   O  O   . PHE A 1 7   ? 20.067  10.386  -1.533  1.00 43.41  ? 7    PHE A O   1 
ATOM   11   C  CB  . PHE A 1 7   ? 18.002  12.443  -0.950  1.00 45.71  ? 7    PHE A CB  1 
ATOM   12   C  CG  . PHE A 1 7   ? 16.775  11.965  -1.665  1.00 45.81  ? 7    PHE A CG  1 
ATOM   13   C  CD1 . PHE A 1 7   ? 15.524  12.064  -1.068  1.00 45.98  ? 7    PHE A CD1 1 
ATOM   14   C  CD2 . PHE A 1 7   ? 16.870  11.405  -2.935  1.00 45.07  ? 7    PHE A CD2 1 
ATOM   15   C  CE1 . PHE A 1 7   ? 14.383  11.615  -1.726  1.00 46.18  ? 7    PHE A CE1 1 
ATOM   16   C  CE2 . PHE A 1 7   ? 15.736  10.952  -3.599  1.00 46.01  ? 7    PHE A CE2 1 
ATOM   17   C  CZ  . PHE A 1 7   ? 14.490  11.058  -2.993  1.00 45.50  ? 7    PHE A CZ  1 
ATOM   18   N  N   . LEU A 1 8   ? 18.594  9.044   -0.511  1.00 42.40  ? 8    LEU A N   1 
ATOM   19   C  CA  . LEU A 1 8   ? 19.081  7.850   -1.194  1.00 42.32  ? 8    LEU A CA  1 
ATOM   20   C  C   . LEU A 1 8   ? 18.299  7.506   -2.458  1.00 41.43  ? 8    LEU A C   1 
ATOM   21   O  O   . LEU A 1 8   ? 17.116  7.817   -2.578  1.00 40.64  ? 8    LEU A O   1 
ATOM   22   C  CB  . LEU A 1 8   ? 19.073  6.652   -0.239  1.00 44.32  ? 8    LEU A CB  1 
ATOM   23   C  CG  . LEU A 1 8   ? 20.042  6.729   0.949   1.00 46.55  ? 8    LEU A CG  1 
ATOM   24   C  CD1 . LEU A 1 8   ? 19.891  5.482   1.812   1.00 45.54  ? 8    LEU A CD1 1 
ATOM   25   C  CD2 . LEU A 1 8   ? 21.481  6.866   0.447   1.00 46.40  ? 8    LEU A CD2 1 
ATOM   26   N  N   . MET A 1 9   ? 18.982  6.861   -3.400  1.00 40.51  ? 9    MET A N   1 
ATOM   27   C  CA  . MET A 1 9   ? 18.382  6.463   -4.668  1.00 38.47  ? 9    MET A CA  1 
ATOM   28   C  C   . MET A 1 9   ? 18.885  5.084   -5.076  1.00 35.96  ? 9    MET A C   1 
ATOM   29   O  O   . MET A 1 9   ? 19.673  4.944   -6.008  1.00 36.20  ? 9    MET A O   1 
ATOM   30   C  CB  . MET A 1 9   ? 18.718  7.489   -5.755  1.00 40.34  ? 9    MET A CB  1 
ATOM   31   C  CG  . MET A 1 9   ? 18.256  8.911   -5.422  1.00 43.58  ? 9    MET A CG  1 
ATOM   32   S  SD  . MET A 1 9   ? 18.664  10.132  -6.697  1.00 49.36  ? 9    MET A SD  1 
ATOM   33   C  CE  . MET A 1 9   ? 17.261  11.259  -6.598  1.00 49.34  ? 9    MET A CE  1 
ATOM   34   N  N   . PRO A 1 10  ? 18.435  4.039   -4.369  1.00 33.86  ? 10   PRO A N   1 
ATOM   35   C  CA  . PRO A 1 10  ? 18.860  2.673   -4.683  1.00 31.83  ? 10   PRO A CA  1 
ATOM   36   C  C   . PRO A 1 10  ? 18.341  2.172   -6.029  1.00 30.91  ? 10   PRO A C   1 
ATOM   37   O  O   . PRO A 1 10  ? 18.902  1.242   -6.608  1.00 31.76  ? 10   PRO A O   1 
ATOM   38   C  CB  . PRO A 1 10  ? 18.293  1.866   -3.518  1.00 29.35  ? 10   PRO A CB  1 
ATOM   39   C  CG  . PRO A 1 10  ? 17.040  2.607   -3.190  1.00 28.34  ? 10   PRO A CG  1 
ATOM   40   C  CD  . PRO A 1 10  ? 17.488  4.046   -3.237  1.00 30.65  ? 10   PRO A CD  1 
ATOM   41   N  N   . TYR A 1 11  ? 17.279  2.797   -6.532  1.00 29.46  ? 11   TYR A N   1 
ATOM   42   C  CA  . TYR A 1 11  ? 16.683  2.365   -7.793  1.00 26.89  ? 11   TYR A CA  1 
ATOM   43   C  C   . TYR A 1 11  ? 16.404  3.489   -8.783  1.00 26.84  ? 11   TYR A C   1 
ATOM   44   O  O   . TYR A 1 11  ? 16.060  4.605   -8.400  1.00 26.06  ? 11   TYR A O   1 
ATOM   45   C  CB  . TYR A 1 11  ? 15.380  1.621   -7.504  1.00 26.59  ? 11   TYR A CB  1 
ATOM   46   C  CG  . TYR A 1 11  ? 15.539  0.512   -6.491  1.00 26.16  ? 11   TYR A CG  1 
ATOM   47   C  CD1 . TYR A 1 11  ? 16.295  -0.622  -6.786  1.00 26.24  ? 11   TYR A CD1 1 
ATOM   48   C  CD2 . TYR A 1 11  ? 14.985  0.624   -5.216  1.00 25.74  ? 11   TYR A CD2 1 
ATOM   49   C  CE1 . TYR A 1 11  ? 16.501  -1.618  -5.840  1.00 25.14  ? 11   TYR A CE1 1 
ATOM   50   C  CE2 . TYR A 1 11  ? 15.186  -0.369  -4.250  1.00 25.68  ? 11   TYR A CE2 1 
ATOM   51   C  CZ  . TYR A 1 11  ? 15.946  -1.486  -4.571  1.00 26.58  ? 11   TYR A CZ  1 
ATOM   52   O  OH  . TYR A 1 11  ? 16.156  -2.471  -3.632  1.00 27.12  ? 11   TYR A OH  1 
ATOM   53   N  N   . SER A 1 12  ? 16.558  3.183   -10.065 1.00 26.06  ? 12   SER A N   1 
ATOM   54   C  CA  . SER A 1 12  ? 16.286  4.165   -11.106 1.00 27.29  ? 12   SER A CA  1 
ATOM   55   C  C   . SER A 1 12  ? 14.772  4.368   -11.164 1.00 27.53  ? 12   SER A C   1 
ATOM   56   O  O   . SER A 1 12  ? 14.011  3.654   -10.500 1.00 27.15  ? 12   SER A O   1 
ATOM   57   C  CB  . SER A 1 12  ? 16.772  3.653   -12.461 1.00 27.31  ? 12   SER A CB  1 
ATOM   58   O  OG  . SER A 1 12  ? 16.095  2.457   -12.812 1.00 25.24  ? 12   SER A OG  1 
ATOM   59   N  N   . LEU A 1 13  ? 14.344  5.341   -11.959 1.00 28.34  ? 13   LEU A N   1 
ATOM   60   C  CA  . LEU A 1 13  ? 12.928  5.625   -12.124 1.00 27.87  ? 13   LEU A CA  1 
ATOM   61   C  C   . LEU A 1 13  ? 12.243  4.444   -12.825 1.00 27.63  ? 13   LEU A C   1 
ATOM   62   O  O   . LEU A 1 13  ? 11.076  4.145   -12.555 1.00 27.84  ? 13   LEU A O   1 
ATOM   63   C  CB  . LEU A 1 13  ? 12.745  6.908   -12.940 1.00 29.55  ? 13   LEU A CB  1 
ATOM   64   C  CG  . LEU A 1 13  ? 11.321  7.447   -13.034 1.00 30.68  ? 13   LEU A CG  1 
ATOM   65   C  CD1 . LEU A 1 13  ? 10.810  7.749   -11.634 1.00 31.82  ? 13   LEU A CD1 1 
ATOM   66   C  CD2 . LEU A 1 13  ? 11.294  8.698   -13.892 1.00 30.40  ? 13   LEU A CD2 1 
ATOM   67   N  N   . GLU A 1 14  ? 12.967  3.771   -13.717 1.00 26.19  ? 14   GLU A N   1 
ATOM   68   C  CA  . GLU A 1 14  ? 12.412  2.622   -14.428 1.00 26.72  ? 14   GLU A CA  1 
ATOM   69   C  C   . GLU A 1 14  ? 12.221  1.455   -13.466 1.00 26.70  ? 14   GLU A C   1 
ATOM   70   O  O   . GLU A 1 14  ? 11.240  0.722   -13.543 1.00 25.70  ? 14   GLU A O   1 
ATOM   71   C  CB  . GLU A 1 14  ? 13.333  2.176   -15.570 1.00 26.46  ? 14   GLU A CB  1 
ATOM   72   C  CG  . GLU A 1 14  ? 13.470  3.161   -16.723 1.00 27.77  ? 14   GLU A CG  1 
ATOM   73   C  CD  . GLU A 1 14  ? 14.234  4.407   -16.343 1.00 29.47  ? 14   GLU A CD  1 
ATOM   74   O  OE1 . GLU A 1 14  ? 15.234  4.303   -15.594 1.00 30.10  ? 14   GLU A OE1 1 
ATOM   75   O  OE2 . GLU A 1 14  ? 13.843  5.497   -16.808 1.00 33.70  ? 14   GLU A OE2 1 
ATOM   76   N  N   . GLU A 1 15  ? 13.186  1.266   -12.578 1.00 26.80  ? 15   GLU A N   1 
ATOM   77   C  CA  . GLU A 1 15  ? 13.096  0.198   -11.601 1.00 26.39  ? 15   GLU A CA  1 
ATOM   78   C  C   . GLU A 1 15  ? 11.928  0.498   -10.662 1.00 25.37  ? 15   GLU A C   1 
ATOM   79   O  O   . GLU A 1 15  ? 11.124  -0.385  -10.359 1.00 24.72  ? 15   GLU A O   1 
ATOM   80   C  CB  . GLU A 1 15  ? 14.410  0.091   -10.830 1.00 28.82  ? 15   GLU A CB  1 
ATOM   81   C  CG  . GLU A 1 15  ? 15.589  -0.212  -11.748 1.00 30.98  ? 15   GLU A CG  1 
ATOM   82   C  CD  . GLU A 1 15  ? 16.913  -0.327  -11.019 1.00 29.65  ? 15   GLU A CD  1 
ATOM   83   O  OE1 . GLU A 1 15  ? 17.276  0.607   -10.275 1.00 31.61  ? 15   GLU A OE1 1 
ATOM   84   O  OE2 . GLU A 1 15  ? 17.597  -1.351  -11.203 1.00 28.96  ? 15   GLU A OE2 1 
ATOM   85   N  N   . GLN A 1 16  ? 11.825  1.749   -10.220 1.00 25.30  ? 16   GLN A N   1 
ATOM   86   C  CA  . GLN A 1 16  ? 10.737  2.142   -9.332  1.00 25.64  ? 16   GLN A CA  1 
ATOM   87   C  C   . GLN A 1 16  ? 9.398   1.918   -10.024 1.00 25.35  ? 16   GLN A C   1 
ATOM   88   O  O   . GLN A 1 16  ? 8.457   1.410   -9.424  1.00 24.00  ? 16   GLN A O   1 
ATOM   89   C  CB  . GLN A 1 16  ? 10.858  3.612   -8.941  1.00 27.01  ? 16   GLN A CB  1 
ATOM   90   C  CG  . GLN A 1 16  ? 11.977  3.907   -7.964  1.00 27.53  ? 16   GLN A CG  1 
ATOM   91   C  CD  . GLN A 1 16  ? 11.914  5.321   -7.434  1.00 31.41  ? 16   GLN A CD  1 
ATOM   92   O  OE1 . GLN A 1 16  ? 12.871  5.816   -6.839  1.00 35.09  ? 16   GLN A OE1 1 
ATOM   93   N  NE2 . GLN A 1 16  ? 10.778  5.980   -7.639  1.00 31.50  ? 16   GLN A NE2 1 
ATOM   94   N  N   . THR A 1 17  ? 9.323   2.298   -11.295 1.00 24.99  ? 17   THR A N   1 
ATOM   95   C  CA  . THR A 1 17  ? 8.100   2.130   -12.060 1.00 22.43  ? 17   THR A CA  1 
ATOM   96   C  C   . THR A 1 17  ? 7.728   0.655   -12.123 1.00 22.87  ? 17   THR A C   1 
ATOM   97   O  O   . THR A 1 17  ? 6.559   0.299   -11.974 1.00 24.98  ? 17   THR A O   1 
ATOM   98   C  CB  . THR A 1 17  ? 8.261   2.688   -13.491 1.00 24.28  ? 17   THR A CB  1 
ATOM   99   O  OG1 . THR A 1 17  ? 8.552   4.091   -13.423 1.00 24.62  ? 17   THR A OG1 1 
ATOM   100  C  CG2 . THR A 1 17  ? 6.979   2.486   -14.294 1.00 19.69  ? 17   THR A CG2 1 
ATOM   101  N  N   . TYR A 1 18  ? 8.718   -0.206  -12.337 1.00 21.05  ? 18   TYR A N   1 
ATOM   102  C  CA  . TYR A 1 18  ? 8.459   -1.640  -12.400 1.00 21.83  ? 18   TYR A CA  1 
ATOM   103  C  C   . TYR A 1 18  ? 7.800   -2.124  -11.107 1.00 23.47  ? 18   TYR A C   1 
ATOM   104  O  O   . TYR A 1 18  ? 6.793   -2.835  -11.137 1.00 23.06  ? 18   TYR A O   1 
ATOM   105  C  CB  . TYR A 1 18  ? 9.760   -2.422  -12.615 1.00 20.22  ? 18   TYR A CB  1 
ATOM   106  C  CG  . TYR A 1 18  ? 9.581   -3.918  -12.438 1.00 21.87  ? 18   TYR A CG  1 
ATOM   107  C  CD1 . TYR A 1 18  ? 8.876   -4.673  -13.375 1.00 21.67  ? 18   TYR A CD1 1 
ATOM   108  C  CD2 . TYR A 1 18  ? 10.030  -4.559  -11.284 1.00 23.20  ? 18   TYR A CD2 1 
ATOM   109  C  CE1 . TYR A 1 18  ? 8.614   -6.026  -13.161 1.00 22.66  ? 18   TYR A CE1 1 
ATOM   110  C  CE2 . TYR A 1 18  ? 9.767   -5.909  -11.059 1.00 21.68  ? 18   TYR A CE2 1 
ATOM   111  C  CZ  . TYR A 1 18  ? 9.059   -6.635  -11.996 1.00 23.19  ? 18   TYR A CZ  1 
ATOM   112  O  OH  . TYR A 1 18  ? 8.777   -7.965  -11.758 1.00 25.07  ? 18   TYR A OH  1 
ATOM   113  N  N   . PHE A 1 19  ? 8.382   -1.733  -9.975  1.00 23.93  ? 19   PHE A N   1 
ATOM   114  C  CA  . PHE A 1 19  ? 7.885   -2.133  -8.664  1.00 22.63  ? 19   PHE A CA  1 
ATOM   115  C  C   . PHE A 1 19  ? 6.490   -1.591  -8.350  1.00 22.37  ? 19   PHE A C   1 
ATOM   116  O  O   . PHE A 1 19  ? 5.667   -2.299  -7.782  1.00 24.07  ? 19   PHE A O   1 
ATOM   117  C  CB  . PHE A 1 19  ? 8.881   -1.714  -7.578  1.00 19.15  ? 19   PHE A CB  1 
ATOM   118  C  CG  . PHE A 1 19  ? 10.219  -2.401  -7.678  1.00 17.93  ? 19   PHE A CG  1 
ATOM   119  C  CD1 . PHE A 1 19  ? 10.302  -3.785  -7.757  1.00 19.99  ? 19   PHE A CD1 1 
ATOM   120  C  CD2 . PHE A 1 19  ? 11.399  -1.664  -7.642  1.00 19.61  ? 19   PHE A CD2 1 
ATOM   121  C  CE1 . PHE A 1 19  ? 11.543  -4.428  -7.794  1.00 20.82  ? 19   PHE A CE1 1 
ATOM   122  C  CE2 . PHE A 1 19  ? 12.642  -2.293  -7.678  1.00 20.20  ? 19   PHE A CE2 1 
ATOM   123  C  CZ  . PHE A 1 19  ? 12.714  -3.681  -7.754  1.00 19.55  ? 19   PHE A CZ  1 
ATOM   124  N  N   . MET A 1 20  ? 6.217   -0.341  -8.712  1.00 22.82  ? 20   MET A N   1 
ATOM   125  C  CA  . MET A 1 20  ? 4.893   0.217   -8.463  1.00 22.06  ? 20   MET A CA  1 
ATOM   126  C  C   . MET A 1 20  ? 3.865   -0.491  -9.351  1.00 23.58  ? 20   MET A C   1 
ATOM   127  O  O   . MET A 1 20  ? 2.722   -0.715  -8.941  1.00 22.94  ? 20   MET A O   1 
ATOM   128  C  CB  . MET A 1 20  ? 4.867   1.725   -8.730  1.00 20.29  ? 20   MET A CB  1 
ATOM   129  C  CG  . MET A 1 20  ? 3.566   2.389   -8.296  1.00 21.07  ? 20   MET A CG  1 
ATOM   130  S  SD  . MET A 1 20  ? 3.267   2.163   -6.506  1.00 23.29  ? 20   MET A SD  1 
ATOM   131  C  CE  . MET A 1 20  ? 4.119   3.566   -5.848  1.00 20.41  ? 20   MET A CE  1 
ATOM   132  N  N   . GLN A 1 21  ? 4.268   -0.849  -10.567 1.00 22.94  ? 21   GLN A N   1 
ATOM   133  C  CA  . GLN A 1 21  ? 3.358   -1.555  -11.459 1.00 24.20  ? 21   GLN A CA  1 
ATOM   134  C  C   . GLN A 1 21  ? 3.084   -2.934  -10.869 1.00 22.98  ? 21   GLN A C   1 
ATOM   135  O  O   . GLN A 1 21  ? 1.998   -3.481  -11.038 1.00 23.53  ? 21   GLN A O   1 
ATOM   136  C  CB  . GLN A 1 21  ? 3.951   -1.670  -12.864 1.00 24.31  ? 21   GLN A CB  1 
ATOM   137  C  CG  . GLN A 1 21  ? 4.120   -0.320  -13.528 1.00 27.40  ? 21   GLN A CG  1 
ATOM   138  C  CD  . GLN A 1 21  ? 4.590   -0.405  -14.964 1.00 27.96  ? 21   GLN A CD  1 
ATOM   139  O  OE1 . GLN A 1 21  ? 5.437   -1.230  -15.313 1.00 29.32  ? 21   GLN A OE1 1 
ATOM   140  N  NE2 . GLN A 1 21  ? 4.057   0.471   -15.804 1.00 29.52  ? 21   GLN A NE2 1 
ATOM   141  N  N   . GLU A 1 22  ? 4.073   -3.494  -10.181 1.00 22.78  ? 22   GLU A N   1 
ATOM   142  C  CA  . GLU A 1 22  ? 3.889   -4.789  -9.533  1.00 24.38  ? 22   GLU A CA  1 
ATOM   143  C  C   . GLU A 1 22  ? 2.876   -4.606  -8.401  1.00 23.17  ? 22   GLU A C   1 
ATOM   144  O  O   . GLU A 1 22  ? 2.073   -5.495  -8.135  1.00 25.17  ? 22   GLU A O   1 
ATOM   145  C  CB  . GLU A 1 22  ? 5.211   -5.319  -8.961  1.00 24.17  ? 22   GLU A CB  1 
ATOM   146  C  CG  . GLU A 1 22  ? 6.134   -5.979  -9.981  1.00 26.86  ? 22   GLU A CG  1 
ATOM   147  C  CD  . GLU A 1 22  ? 5.478   -7.142  -10.721 1.00 30.93  ? 22   GLU A CD  1 
ATOM   148  O  OE1 . GLU A 1 22  ? 5.224   -8.194  -10.095 1.00 29.84  ? 22   GLU A OE1 1 
ATOM   149  O  OE2 . GLU A 1 22  ? 5.214   -6.999  -11.936 1.00 31.46  ? 22   GLU A OE2 1 
ATOM   150  N  N   . ALA A 1 23  ? 2.914   -3.451  -7.741  1.00 22.23  ? 23   ALA A N   1 
ATOM   151  C  CA  . ALA A 1 23  ? 1.983   -3.166  -6.646  1.00 21.74  ? 23   ALA A CA  1 
ATOM   152  C  C   . ALA A 1 23  ? 0.591   -2.929  -7.225  1.00 23.12  ? 23   ALA A C   1 
ATOM   153  O  O   . ALA A 1 23  ? -0.422  -3.212  -6.577  1.00 21.37  ? 23   ALA A O   1 
ATOM   154  C  CB  . ALA A 1 23  ? 2.442   -1.943  -5.856  1.00 19.59  ? 23   ALA A CB  1 
ATOM   155  N  N   . LEU A 1 24  ? 0.542   -2.405  -8.451  1.00 22.09  ? 24   LEU A N   1 
ATOM   156  C  CA  . LEU A 1 24  ? -0.736  -2.166  -9.110  1.00 21.38  ? 24   LEU A CA  1 
ATOM   157  C  C   . LEU A 1 24  ? -1.343  -3.510  -9.480  1.00 20.68  ? 24   LEU A C   1 
ATOM   158  O  O   . LEU A 1 24  ? -2.565  -3.676  -9.464  1.00 21.49  ? 24   LEU A O   1 
ATOM   159  C  CB  . LEU A 1 24  ? -0.553  -1.290  -10.351 1.00 21.23  ? 24   LEU A CB  1 
ATOM   160  C  CG  . LEU A 1 24  ? -0.580  0.214   -10.053 1.00 21.40  ? 24   LEU A CG  1 
ATOM   161  C  CD1 . LEU A 1 24  ? -0.060  1.004   -11.254 1.00 23.23  ? 24   LEU A CD1 1 
ATOM   162  C  CD2 . LEU A 1 24  ? -2.007  0.633   -9.710  1.00 19.48  ? 24   LEU A CD2 1 
ATOM   163  N  N   . LYS A 1 25  ? -0.490  -4.478  -9.801  1.00 21.36  ? 25   LYS A N   1 
ATOM   164  C  CA  . LYS A 1 25  ? -0.983  -5.814  -10.128 1.00 22.91  ? 25   LYS A CA  1 
ATOM   165  C  C   . LYS A 1 25  ? -1.576  -6.431  -8.856  1.00 24.81  ? 25   LYS A C   1 
ATOM   166  O  O   . LYS A 1 25  ? -2.511  -7.230  -8.921  1.00 26.97  ? 25   LYS A O   1 
ATOM   167  C  CB  . LYS A 1 25  ? 0.141   -6.700  -10.665 1.00 23.40  ? 25   LYS A CB  1 
ATOM   168  C  CG  . LYS A 1 25  ? 0.665   -6.285  -12.038 1.00 28.09  ? 25   LYS A CG  1 
ATOM   169  C  CD  . LYS A 1 25  ? 1.796   -7.199  -12.501 1.00 27.45  ? 25   LYS A CD  1 
ATOM   170  C  CE  . LYS A 1 25  ? 2.387   -6.734  -13.823 1.00 28.57  ? 25   LYS A CE  1 
ATOM   171  N  NZ  . LYS A 1 25  ? 3.532   -7.606  -14.227 1.00 30.41  ? 25   LYS A NZ  1 
ATOM   172  N  N   . GLU A 1 26  ? -1.027  -6.072  -7.698  1.00 24.17  ? 26   GLU A N   1 
ATOM   173  C  CA  . GLU A 1 26  ? -1.562  -6.587  -6.441  1.00 25.36  ? 26   GLU A CA  1 
ATOM   174  C  C   . GLU A 1 26  ? -2.906  -5.910  -6.234  1.00 25.85  ? 26   GLU A C   1 
ATOM   175  O  O   . GLU A 1 26  ? -3.863  -6.517  -5.767  1.00 28.08  ? 26   GLU A O   1 
ATOM   176  C  CB  . GLU A 1 26  ? -0.632  -6.260  -5.271  1.00 24.37  ? 26   GLU A CB  1 
ATOM   177  C  CG  . GLU A 1 26  ? 0.620   -7.113  -5.225  1.00 25.52  ? 26   GLU A CG  1 
ATOM   178  C  CD  . GLU A 1 26  ? 0.309   -8.602  -5.279  1.00 29.60  ? 26   GLU A CD  1 
ATOM   179  O  OE1 . GLU A 1 26  ? -0.541  -9.076  -4.493  1.00 33.94  ? 26   GLU A OE1 1 
ATOM   180  O  OE2 . GLU A 1 26  ? 0.918   -9.306  -6.103  1.00 32.35  ? 26   GLU A OE2 1 
ATOM   181  N  N   . SER A 1 27  ? -2.956  -4.641  -6.610  1.00 26.99  ? 27   SER A N   1 
ATOM   182  C  CA  . SER A 1 27  ? -4.149  -3.822  -6.500  1.00 28.53  ? 27   SER A CA  1 
ATOM   183  C  C   . SER A 1 27  ? -5.290  -4.429  -7.317  1.00 30.11  ? 27   SER A C   1 
ATOM   184  O  O   . SER A 1 27  ? -6.456  -4.371  -6.915  1.00 29.75  ? 27   SER A O   1 
ATOM   185  C  CB  . SER A 1 27  ? -3.824  -2.415  -6.998  1.00 28.50  ? 27   SER A CB  1 
ATOM   186  O  OG  . SER A 1 27  ? -4.659  -1.450  -6.396  1.00 34.77  ? 27   SER A OG  1 
ATOM   187  N  N   . GLU A 1 28  ? -4.948  -5.019  -8.461  1.00 32.48  ? 28   GLU A N   1 
ATOM   188  C  CA  . GLU A 1 28  ? -5.944  -5.641  -9.329  1.00 33.32  ? 28   GLU A CA  1 
ATOM   189  C  C   . GLU A 1 28  ? -6.576  -6.862  -8.664  1.00 33.48  ? 28   GLU A C   1 
ATOM   190  O  O   . GLU A 1 28  ? -7.733  -7.188  -8.931  1.00 33.54  ? 28   GLU A O   1 
ATOM   191  C  CB  . GLU A 1 28  ? -5.308  -6.051  -10.664 1.00 36.52  ? 28   GLU A CB  1 
ATOM   192  C  CG  . GLU A 1 28  ? -4.671  -4.900  -11.424 1.00 42.19  ? 28   GLU A CG  1 
ATOM   193  C  CD  . GLU A 1 28  ? -4.011  -5.334  -12.729 1.00 46.98  ? 28   GLU A CD  1 
ATOM   194  O  OE1 . GLU A 1 28  ? -3.230  -6.316  -12.717 1.00 47.71  ? 28   GLU A OE1 1 
ATOM   195  O  OE2 . GLU A 1 28  ? -4.268  -4.684  -13.765 1.00 47.91  ? 28   GLU A OE2 1 
ATOM   196  N  N   . LYS A 1 29  ? -5.817  -7.543  -7.807  1.00 33.93  ? 29   LYS A N   1 
ATOM   197  C  CA  . LYS A 1 29  ? -6.336  -8.721  -7.111  1.00 33.81  ? 29   LYS A CA  1 
ATOM   198  C  C   . LYS A 1 29  ? -7.490  -8.310  -6.204  1.00 32.98  ? 29   LYS A C   1 
ATOM   199  O  O   . LYS A 1 29  ? -8.520  -8.974  -6.161  1.00 31.49  ? 29   LYS A O   1 
ATOM   200  C  CB  . LYS A 1 29  ? -5.243  -9.390  -6.269  1.00 34.66  ? 29   LYS A CB  1 
ATOM   201  C  CG  . LYS A 1 29  ? -4.007  -9.842  -7.039  1.00 35.85  ? 29   LYS A CG  1 
ATOM   202  C  CD  . LYS A 1 29  ? -3.091  -10.666 -6.137  1.00 36.02  ? 29   LYS A CD  1 
ATOM   203  C  CE  . LYS A 1 29  ? -1.681  -10.791 -6.693  1.00 37.50  ? 29   LYS A CE  1 
ATOM   204  N  NZ  . LYS A 1 29  ? -1.632  -11.455 -8.019  1.00 40.46  ? 29   LYS A NZ  1 
ATOM   205  N  N   . SER A 1 30  ? -7.311  -7.212  -5.476  1.00 32.74  ? 30   SER A N   1 
ATOM   206  C  CA  . SER A 1 30  ? -8.352  -6.713  -4.583  1.00 33.29  ? 30   SER A CA  1 
ATOM   207  C  C   . SER A 1 30  ? -9.587  -6.297  -5.386  1.00 34.10  ? 30   SER A C   1 
ATOM   208  O  O   . SER A 1 30  ? -10.718 -6.639  -5.025  1.00 35.00  ? 30   SER A O   1 
ATOM   209  C  CB  . SER A 1 30  ? -7.839  -5.513  -3.779  1.00 32.78  ? 30   SER A CB  1 
ATOM   210  O  OG  . SER A 1 30  ? -6.749  -5.880  -2.954  1.00 33.23  ? 30   SER A OG  1 
ATOM   211  N  N   . LEU A 1 31  ? -9.368  -5.555  -6.470  1.00 33.96  ? 31   LEU A N   1 
ATOM   212  C  CA  . LEU A 1 31  ? -10.464 -5.099  -7.321  1.00 33.34  ? 31   LEU A CA  1 
ATOM   213  C  C   . LEU A 1 31  ? -11.331 -6.279  -7.748  1.00 33.43  ? 31   LEU A C   1 
ATOM   214  O  O   . LEU A 1 31  ? -12.551 -6.254  -7.600  1.00 32.68  ? 31   LEU A O   1 
ATOM   215  C  CB  . LEU A 1 31  ? -9.920  -4.402  -8.576  1.00 31.83  ? 31   LEU A CB  1 
ATOM   216  C  CG  . LEU A 1 31  ? -10.984 -3.766  -9.480  1.00 30.58  ? 31   LEU A CG  1 
ATOM   217  C  CD1 . LEU A 1 31  ? -11.633 -2.615  -8.737  1.00 28.30  ? 31   LEU A CD1 1 
ATOM   218  C  CD2 . LEU A 1 31  ? -10.361 -3.271  -10.775 1.00 28.23  ? 31   LEU A CD2 1 
ATOM   219  N  N   . GLN A 1 32  ? -10.681 -7.308  -8.278  1.00 35.17  ? 32   GLN A N   1 
ATOM   220  C  CA  . GLN A 1 32  ? -11.365 -8.504  -8.747  1.00 38.55  ? 32   GLN A CA  1 
ATOM   221  C  C   . GLN A 1 32  ? -12.188 -9.160  -7.649  1.00 41.03  ? 32   GLN A C   1 
ATOM   222  O  O   . GLN A 1 32  ? -13.183 -9.832  -7.929  1.00 40.96  ? 32   GLN A O   1 
ATOM   223  C  CB  . GLN A 1 32  ? -10.340 -9.497  -9.303  1.00 40.34  ? 32   GLN A CB  1 
ATOM   224  C  CG  . GLN A 1 32  ? -9.637  -8.999  -10.562 1.00 45.98  ? 32   GLN A CG  1 
ATOM   225  C  CD  . GLN A 1 32  ? -8.360  -9.768  -10.884 1.00 50.18  ? 32   GLN A CD  1 
ATOM   226  O  OE1 . GLN A 1 32  ? -7.719  -9.525  -11.912 1.00 52.27  ? 32   GLN A OE1 1 
ATOM   227  N  NE2 . GLN A 1 32  ? -7.981  -10.695 -10.003 1.00 51.51  ? 32   GLN A NE2 1 
ATOM   228  N  N   . LYS A 1 33  ? -11.775 -8.963  -6.398  1.00 41.36  ? 33   LYS A N   1 
ATOM   229  C  CA  . LYS A 1 33  ? -12.481 -9.542  -5.262  1.00 41.72  ? 33   LYS A CA  1 
ATOM   230  C  C   . LYS A 1 33  ? -13.409 -8.532  -4.604  1.00 40.66  ? 33   LYS A C   1 
ATOM   231  O  O   . LYS A 1 33  ? -13.853 -8.723  -3.473  1.00 40.67  ? 33   LYS A O   1 
ATOM   232  C  CB  . LYS A 1 33  ? -11.476 -10.075 -4.245  1.00 43.41  ? 33   LYS A CB  1 
ATOM   233  C  CG  . LYS A 1 33  ? -10.582 -11.168 -4.819  1.00 47.03  ? 33   LYS A CG  1 
ATOM   234  C  CD  . LYS A 1 33  ? -9.462  -11.531 -3.867  1.00 50.28  ? 33   LYS A CD  1 
ATOM   235  C  CE  . LYS A 1 33  ? -10.030 -12.020 -2.553  1.00 53.74  ? 33   LYS A CE  1 
ATOM   236  N  NZ  . LYS A 1 33  ? -10.963 -13.166 -2.765  1.00 55.91  ? 33   LYS A NZ  1 
ATOM   237  N  N   . ALA A 1 34  ? -13.695 -7.456  -5.327  1.00 39.48  ? 34   ALA A N   1 
ATOM   238  C  CA  . ALA A 1 34  ? -14.588 -6.408  -4.850  1.00 38.71  ? 34   ALA A CA  1 
ATOM   239  C  C   . ALA A 1 34  ? -14.115 -5.730  -3.567  1.00 37.80  ? 34   ALA A C   1 
ATOM   240  O  O   . ALA A 1 34  ? -14.915 -5.447  -2.677  1.00 38.33  ? 34   ALA A O   1 
ATOM   241  C  CB  . ALA A 1 34  ? -15.988 -6.975  -4.655  1.00 38.59  ? 34   ALA A CB  1 
ATOM   242  N  N   . GLU A 1 35  ? -12.816 -5.465  -3.478  1.00 37.46  ? 35   GLU A N   1 
ATOM   243  C  CA  . GLU A 1 35  ? -12.251 -4.799  -2.309  1.00 34.71  ? 35   GLU A CA  1 
ATOM   244  C  C   . GLU A 1 35  ? -11.433 -3.590  -2.725  1.00 32.48  ? 35   GLU A C   1 
ATOM   245  O  O   . GLU A 1 35  ? -11.033 -3.480  -3.884  1.00 30.63  ? 35   GLU A O   1 
ATOM   246  C  CB  . GLU A 1 35  ? -11.398 -5.780  -1.509  1.00 35.14  ? 35   GLU A CB  1 
ATOM   247  C  CG  . GLU A 1 35  ? -12.225 -6.942  -0.969  1.00 37.32  ? 35   GLU A CG  1 
ATOM   248  C  CD  . GLU A 1 35  ? -11.639 -7.556  0.276   1.00 34.99  ? 35   GLU A CD  1 
ATOM   249  O  OE1 . GLU A 1 35  ? -11.246 -8.737  0.217   1.00 36.08  ? 35   GLU A OE1 1 
ATOM   250  O  OE2 . GLU A 1 35  ? -11.577 -6.853  1.310   1.00 34.07  ? 35   GLU A OE2 1 
ATOM   251  N  N   . ILE A 1 36  ? -11.208 -2.675  -1.787  1.00 31.56  ? 36   ILE A N   1 
ATOM   252  C  CA  . ILE A 1 36  ? -10.439 -1.467  -2.068  1.00 31.15  ? 36   ILE A CA  1 
ATOM   253  C  C   . ILE A 1 36  ? -9.186  -1.897  -2.825  1.00 29.33  ? 36   ILE A C   1 
ATOM   254  O  O   . ILE A 1 36  ? -8.365  -2.646  -2.302  1.00 28.46  ? 36   ILE A O   1 
ATOM   255  C  CB  . ILE A 1 36  ? -10.024 -0.749  -0.772  1.00 33.97  ? 36   ILE A CB  1 
ATOM   256  C  CG1 . ILE A 1 36  ? -11.224 -0.616  0.170   1.00 36.06  ? 36   ILE A CG1 1 
ATOM   257  C  CG2 . ILE A 1 36  ? -9.474  0.630   -1.103  1.00 33.33  ? 36   ILE A CG2 1 
ATOM   258  C  CD1 . ILE A 1 36  ? -12.186 0.500   -0.186  1.00 39.81  ? 36   ILE A CD1 1 
ATOM   259  N  N   . PRO A 1 37  ? -9.038  -1.440  -4.080  1.00 26.88  ? 37   PRO A N   1 
ATOM   260  C  CA  . PRO A 1 37  ? -7.887  -1.790  -4.909  1.00 25.89  ? 37   PRO A CA  1 
ATOM   261  C  C   . PRO A 1 37  ? -6.586  -1.066  -4.557  1.00 25.79  ? 37   PRO A C   1 
ATOM   262  O  O   . PRO A 1 37  ? -6.212  -0.079  -5.202  1.00 25.23  ? 37   PRO A O   1 
ATOM   263  C  CB  . PRO A 1 37  ? -8.380  -1.466  -6.316  1.00 26.18  ? 37   PRO A CB  1 
ATOM   264  C  CG  . PRO A 1 37  ? -9.209  -0.250  -6.081  1.00 22.79  ? 37   PRO A CG  1 
ATOM   265  C  CD  . PRO A 1 37  ? -9.997  -0.618  -4.839  1.00 25.37  ? 37   PRO A CD  1 
ATOM   266  N  N   . ILE A 1 38  ? -5.910  -1.568  -3.528  1.00 23.21  ? 38   ILE A N   1 
ATOM   267  C  CA  . ILE A 1 38  ? -4.631  -1.025  -3.081  1.00 22.09  ? 38   ILE A CA  1 
ATOM   268  C  C   . ILE A 1 38  ? -3.648  -2.189  -3.035  1.00 21.52  ? 38   ILE A C   1 
ATOM   269  O  O   . ILE A 1 38  ? -3.966  -3.255  -2.512  1.00 22.62  ? 38   ILE A O   1 
ATOM   270  C  CB  . ILE A 1 38  ? -4.736  -0.382  -1.673  1.00 23.10  ? 38   ILE A CB  1 
ATOM   271  C  CG1 . ILE A 1 38  ? -5.606  0.871   -1.748  1.00 22.97  ? 38   ILE A CG1 1 
ATOM   272  C  CG2 . ILE A 1 38  ? -3.347  -0.029  -1.143  1.00 20.49  ? 38   ILE A CG2 1 
ATOM   273  C  CD1 . ILE A 1 38  ? -5.774  1.576   -0.432  1.00 23.99  ? 38   ILE A CD1 1 
ATOM   274  N  N   . GLY A 1 39  ? -2.463  -1.988  -3.606  1.00 20.20  ? 39   GLY A N   1 
ATOM   275  C  CA  . GLY A 1 39  ? -1.464  -3.039  -3.622  1.00 18.17  ? 39   GLY A CA  1 
ATOM   276  C  C   . GLY A 1 39  ? -0.153  -2.566  -3.027  1.00 17.44  ? 39   GLY A C   1 
ATOM   277  O  O   . GLY A 1 39  ? 0.089   -1.360  -2.915  1.00 17.30  ? 39   GLY A O   1 
ATOM   278  N  N   . CYS A 1 40  ? 0.703   -3.512  -2.657  1.00 15.84  ? 40   CYS A N   1 
ATOM   279  C  CA  . CYS A 1 40  ? 1.981   -3.159  -2.056  1.00 16.64  ? 40   CYS A CA  1 
ATOM   280  C  C   . CYS A 1 40  ? 3.070   -4.177  -2.328  1.00 18.13  ? 40   CYS A C   1 
ATOM   281  O  O   . CYS A 1 40  ? 2.811   -5.383  -2.389  1.00 17.33  ? 40   CYS A O   1 
ATOM   282  C  CB  . CYS A 1 40  ? 1.812   -3.004  -0.530  1.00 18.15  ? 40   CYS A CB  1 
ATOM   283  S  SG  . CYS A 1 40  ? 3.330   -2.618  0.388   1.00 20.20  ? 40   CYS A SG  1 
ATOM   284  N  N   . VAL A 1 41  ? 4.290   -3.692  -2.529  1.00 16.75  ? 41   VAL A N   1 
ATOM   285  C  CA  . VAL A 1 41  ? 5.411   -4.605  -2.692  1.00 18.83  ? 41   VAL A CA  1 
ATOM   286  C  C   . VAL A 1 41  ? 6.573   -4.057  -1.887  1.00 19.00  ? 41   VAL A C   1 
ATOM   287  O  O   . VAL A 1 41  ? 6.780   -2.835  -1.810  1.00 19.43  ? 41   VAL A O   1 
ATOM   288  C  CB  . VAL A 1 41  ? 5.853   -4.815  -4.172  1.00 19.78  ? 41   VAL A CB  1 
ATOM   289  C  CG1 . VAL A 1 41  ? 4.672   -5.274  -5.003  1.00 21.53  ? 41   VAL A CG1 1 
ATOM   290  C  CG2 . VAL A 1 41  ? 6.484   -3.565  -4.722  1.00 20.01  ? 41   VAL A CG2 1 
ATOM   291  N  N   . ILE A 1 42  ? 7.301   -4.966  -1.251  1.00 19.85  ? 42   ILE A N   1 
ATOM   292  C  CA  . ILE A 1 42  ? 8.459   -4.599  -0.451  1.00 21.21  ? 42   ILE A CA  1 
ATOM   293  C  C   . ILE A 1 42  ? 9.688   -5.158  -1.154  1.00 19.84  ? 42   ILE A C   1 
ATOM   294  O  O   . ILE A 1 42  ? 9.755   -6.349  -1.465  1.00 20.58  ? 42   ILE A O   1 
ATOM   295  C  CB  . ILE A 1 42  ? 8.342   -5.159  0.978   1.00 19.60  ? 42   ILE A CB  1 
ATOM   296  C  CG1 . ILE A 1 42  ? 7.196   -4.451  1.704   1.00 20.52  ? 42   ILE A CG1 1 
ATOM   297  C  CG2 . ILE A 1 42  ? 9.653   -4.986  1.714   1.00 17.32  ? 42   ILE A CG2 1 
ATOM   298  C  CD1 . ILE A 1 42  ? 6.977   -4.920  3.133   1.00 22.36  ? 42   ILE A CD1 1 
ATOM   299  N  N   . VAL A 1 43  ? 10.660  -4.290  -1.395  1.00 21.93  ? 43   VAL A N   1 
ATOM   300  C  CA  . VAL A 1 43  ? 11.863  -4.672  -2.123  1.00 22.15  ? 43   VAL A CA  1 
ATOM   301  C  C   . VAL A 1 43  ? 13.151  -4.639  -1.315  1.00 24.51  ? 43   VAL A C   1 
ATOM   302  O  O   . VAL A 1 43  ? 13.385  -3.724  -0.530  1.00 25.72  ? 43   VAL A O   1 
ATOM   303  C  CB  . VAL A 1 43  ? 12.041  -3.751  -3.360  1.00 22.32  ? 43   VAL A CB  1 
ATOM   304  C  CG1 . VAL A 1 43  ? 13.311  -4.113  -4.121  1.00 23.07  ? 43   VAL A CG1 1 
ATOM   305  C  CG2 . VAL A 1 43  ? 10.819  -3.861  -4.267  1.00 20.16  ? 43   VAL A CG2 1 
ATOM   306  N  N   . LYS A 1 44  ? 13.983  -5.656  -1.523  1.00 26.77  ? 44   LYS A N   1 
ATOM   307  C  CA  . LYS A 1 44  ? 15.277  -5.746  -0.867  1.00 27.70  ? 44   LYS A CA  1 
ATOM   308  C  C   . LYS A 1 44  ? 16.321  -6.132  -1.899  1.00 27.81  ? 44   LYS A C   1 
ATOM   309  O  O   . LYS A 1 44  ? 16.188  -7.151  -2.575  1.00 27.81  ? 44   LYS A O   1 
ATOM   310  C  CB  . LYS A 1 44  ? 15.272  -6.783  0.256   1.00 27.97  ? 44   LYS A CB  1 
ATOM   311  C  CG  . LYS A 1 44  ? 16.615  -6.857  0.961   1.00 32.51  ? 44   LYS A CG  1 
ATOM   312  C  CD  . LYS A 1 44  ? 16.541  -7.577  2.291   1.00 35.52  ? 44   LYS A CD  1 
ATOM   313  C  CE  . LYS A 1 44  ? 17.858  -7.433  3.040   1.00 36.67  ? 44   LYS A CE  1 
ATOM   314  N  NZ  . LYS A 1 44  ? 17.706  -7.788  4.482   1.00 41.25  ? 44   LYS A NZ  1 
ATOM   315  N  N   . ASP A 1 45  ? 17.360  -5.315  -2.008  1.00 29.01  ? 45   ASP A N   1 
ATOM   316  C  CA  . ASP A 1 45  ? 18.437  -5.552  -2.963  1.00 32.79  ? 45   ASP A CA  1 
ATOM   317  C  C   . ASP A 1 45  ? 17.884  -5.730  -4.373  1.00 31.79  ? 45   ASP A C   1 
ATOM   318  O  O   . ASP A 1 45  ? 18.294  -6.639  -5.091  1.00 31.64  ? 45   ASP A O   1 
ATOM   319  C  CB  . ASP A 1 45  ? 19.245  -6.798  -2.583  1.00 35.73  ? 45   ASP A CB  1 
ATOM   320  C  CG  . ASP A 1 45  ? 19.885  -6.688  -1.212  1.00 40.10  ? 45   ASP A CG  1 
ATOM   321  O  OD1 . ASP A 1 45  ? 20.596  -5.691  -0.955  1.00 41.10  ? 45   ASP A OD1 1 
ATOM   322  O  OD2 . ASP A 1 45  ? 19.677  -7.610  -0.392  1.00 41.52  ? 45   ASP A OD2 1 
ATOM   323  N  N   . GLY A 1 46  ? 16.941  -4.876  -4.757  1.00 31.36  ? 46   GLY A N   1 
ATOM   324  C  CA  . GLY A 1 46  ? 16.374  -4.965  -6.090  1.00 30.63  ? 46   GLY A CA  1 
ATOM   325  C  C   . GLY A 1 46  ? 15.443  -6.137  -6.324  1.00 30.17  ? 46   GLY A C   1 
ATOM   326  O  O   . GLY A 1 46  ? 15.047  -6.397  -7.461  1.00 30.34  ? 46   GLY A O   1 
ATOM   327  N  N   . GLU A 1 47  ? 15.091  -6.850  -5.261  1.00 29.32  ? 47   GLU A N   1 
ATOM   328  C  CA  . GLU A 1 47  ? 14.184  -7.983  -5.384  1.00 30.09  ? 47   GLU A CA  1 
ATOM   329  C  C   . GLU A 1 47  ? 12.985  -7.856  -4.450  1.00 30.30  ? 47   GLU A C   1 
ATOM   330  O  O   . GLU A 1 47  ? 13.124  -7.497  -3.275  1.00 29.21  ? 47   GLU A O   1 
ATOM   331  C  CB  . GLU A 1 47  ? 14.909  -9.298  -5.083  1.00 32.84  ? 47   GLU A CB  1 
ATOM   332  C  CG  . GLU A 1 47  ? 15.999  -9.656  -6.079  1.00 39.20  ? 47   GLU A CG  1 
ATOM   333  C  CD  . GLU A 1 47  ? 16.608  -11.022 -5.815  1.00 43.32  ? 47   GLU A CD  1 
ATOM   334  O  OE1 . GLU A 1 47  ? 17.423  -11.481 -6.642  1.00 45.83  ? 47   GLU A OE1 1 
ATOM   335  O  OE2 . GLU A 1 47  ? 16.272  -11.638 -4.778  1.00 47.46  ? 47   GLU A OE2 1 
ATOM   336  N  N   . ILE A 1 48  ? 11.804  -8.146  -4.981  1.00 28.49  ? 48   ILE A N   1 
ATOM   337  C  CA  . ILE A 1 48  ? 10.592  -8.092  -4.184  1.00 27.81  ? 48   ILE A CA  1 
ATOM   338  C  C   . ILE A 1 48  ? 10.618  -9.274  -3.210  1.00 26.82  ? 48   ILE A C   1 
ATOM   339  O  O   . ILE A 1 48  ? 10.767  -10.425 -3.620  1.00 25.87  ? 48   ILE A O   1 
ATOM   340  C  CB  . ILE A 1 48  ? 9.336   -8.185  -5.082  1.00 28.11  ? 48   ILE A CB  1 
ATOM   341  C  CG1 . ILE A 1 48  ? 9.221   -6.914  -5.935  1.00 26.71  ? 48   ILE A CG1 1 
ATOM   342  C  CG2 . ILE A 1 48  ? 8.086   -8.408  -4.222  1.00 26.71  ? 48   ILE A CG2 1 
ATOM   343  C  CD1 . ILE A 1 48  ? 8.029   -6.912  -6.898  1.00 27.45  ? 48   ILE A CD1 1 
ATOM   344  N  N   . ILE A 1 49  ? 10.482  -8.979  -1.920  1.00 26.96  ? 49   ILE A N   1 
ATOM   345  C  CA  . ILE A 1 49  ? 10.492  -10.014 -0.889  1.00 24.42  ? 49   ILE A CA  1 
ATOM   346  C  C   . ILE A 1 49  ? 9.138   -10.125 -0.200  1.00 24.34  ? 49   ILE A C   1 
ATOM   347  O  O   . ILE A 1 49  ? 8.920   -11.011 0.629   1.00 23.55  ? 49   ILE A O   1 
ATOM   348  C  CB  . ILE A 1 49  ? 11.575  -9.734  0.173   1.00 23.98  ? 49   ILE A CB  1 
ATOM   349  C  CG1 . ILE A 1 49  ? 11.388  -8.331  0.754   1.00 24.84  ? 49   ILE A CG1 1 
ATOM   350  C  CG2 . ILE A 1 49  ? 12.967  -9.867  -0.450  1.00 20.99  ? 49   ILE A CG2 1 
ATOM   351  C  CD1 . ILE A 1 49  ? 12.240  -8.061  1.993   1.00 23.23  ? 49   ILE A CD1 1 
ATOM   352  N  N   . GLY A 1 50  ? 8.225   -9.225  -0.555  1.00 24.73  ? 50   GLY A N   1 
ATOM   353  C  CA  . GLY A 1 50  ? 6.900   -9.244  0.031   1.00 22.19  ? 50   GLY A CA  1 
ATOM   354  C  C   . GLY A 1 50  ? 5.867   -8.564  -0.843  1.00 23.27  ? 50   GLY A C   1 
ATOM   355  O  O   . GLY A 1 50  ? 6.122   -7.500  -1.409  1.00 24.21  ? 50   GLY A O   1 
ATOM   356  N  N   . ARG A 1 51  ? 4.696   -9.183  -0.953  1.00 23.19  ? 51   ARG A N   1 
ATOM   357  C  CA  . ARG A 1 51  ? 3.599   -8.643  -1.753  1.00 23.27  ? 51   ARG A CA  1 
ATOM   358  C  C   . ARG A 1 51  ? 2.328   -8.626  -0.917  1.00 22.12  ? 51   ARG A C   1 
ATOM   359  O  O   . ARG A 1 51  ? 2.137   -9.469  -0.047  1.00 22.44  ? 51   ARG A O   1 
ATOM   360  C  CB  . ARG A 1 51  ? 3.342   -9.513  -2.986  1.00 23.45  ? 51   ARG A CB  1 
ATOM   361  C  CG  . ARG A 1 51  ? 4.462   -9.552  -3.996  1.00 23.66  ? 51   ARG A CG  1 
ATOM   362  C  CD  . ARG A 1 51  ? 4.146   -10.550 -5.097  1.00 22.79  ? 51   ARG A CD  1 
ATOM   363  N  NE  . ARG A 1 51  ? 5.297   -10.763 -5.962  1.00 30.02  ? 51   ARG A NE  1 
ATOM   364  C  CZ  . ARG A 1 51  ? 5.610   -9.999  -7.001  1.00 31.77  ? 51   ARG A CZ  1 
ATOM   365  N  NH1 . ARG A 1 51  ? 4.852   -8.961  -7.322  1.00 32.73  ? 51   ARG A NH1 1 
ATOM   366  N  NH2 . ARG A 1 51  ? 6.694   -10.268 -7.712  1.00 34.32  ? 51   ARG A NH2 1 
ATOM   367  N  N   . GLY A 1 52  ? 1.455   -7.669  -1.192  1.00 22.70  ? 52   GLY A N   1 
ATOM   368  C  CA  . GLY A 1 52  ? 0.208   -7.591  -0.466  1.00 23.65  ? 52   GLY A CA  1 
ATOM   369  C  C   . GLY A 1 52  ? -0.840  -6.771  -1.188  1.00 24.22  ? 52   GLY A C   1 
ATOM   370  O  O   . GLY A 1 52  ? -0.524  -5.948  -2.049  1.00 25.40  ? 52   GLY A O   1 
ATOM   371  N  N   . HIS A 1 53  ? -2.095  -7.017  -0.838  1.00 23.99  ? 53   HIS A N   1 
ATOM   372  C  CA  . HIS A 1 53  ? -3.228  -6.297  -1.397  1.00 24.51  ? 53   HIS A CA  1 
ATOM   373  C  C   . HIS A 1 53  ? -4.302  -6.297  -0.315  1.00 23.76  ? 53   HIS A C   1 
ATOM   374  O  O   . HIS A 1 53  ? -4.285  -7.150  0.565   1.00 23.81  ? 53   HIS A O   1 
ATOM   375  C  CB  . HIS A 1 53  ? -3.751  -6.992  -2.662  1.00 24.65  ? 53   HIS A CB  1 
ATOM   376  C  CG  . HIS A 1 53  ? -4.161  -8.416  -2.449  1.00 25.53  ? 53   HIS A CG  1 
ATOM   377  N  ND1 . HIS A 1 53  ? -3.255  -9.455  -2.405  1.00 28.51  ? 53   HIS A ND1 1 
ATOM   378  C  CD2 . HIS A 1 53  ? -5.382  -8.973  -2.256  1.00 25.75  ? 53   HIS A CD2 1 
ATOM   379  C  CE1 . HIS A 1 53  ? -3.900  -10.590 -2.194  1.00 27.63  ? 53   HIS A CE1 1 
ATOM   380  N  NE2 . HIS A 1 53  ? -5.191  -10.325 -2.100  1.00 27.73  ? 53   HIS A NE2 1 
ATOM   381  N  N   . ASN A 1 54  ? -5.218  -5.337  -0.357  1.00 24.47  ? 54   ASN A N   1 
ATOM   382  C  CA  . ASN A 1 54  ? -6.276  -5.286  0.642   1.00 27.23  ? 54   ASN A CA  1 
ATOM   383  C  C   . ASN A 1 54  ? -7.174  -6.512  0.512   1.00 27.71  ? 54   ASN A C   1 
ATOM   384  O  O   . ASN A 1 54  ? -7.618  -6.849  -0.593  1.00 28.75  ? 54   ASN A O   1 
ATOM   385  C  CB  . ASN A 1 54  ? -7.114  -4.013  0.489   1.00 28.54  ? 54   ASN A CB  1 
ATOM   386  C  CG  . ASN A 1 54  ? -6.445  -2.792  1.095   1.00 30.78  ? 54   ASN A CG  1 
ATOM   387  O  OD1 . ASN A 1 54  ? -7.113  -1.822  1.459   1.00 36.26  ? 54   ASN A OD1 1 
ATOM   388  N  ND2 . ASN A 1 54  ? -5.127  -2.828  1.200   1.00 32.93  ? 54   ASN A ND2 1 
ATOM   389  N  N   . ALA A 1 55  ? -7.436  -7.177  1.635   1.00 26.71  ? 55   ALA A N   1 
ATOM   390  C  CA  . ALA A 1 55  ? -8.277  -8.372  1.650   1.00 27.24  ? 55   ALA A CA  1 
ATOM   391  C  C   . ALA A 1 55  ? -9.059  -8.506  2.954   1.00 28.79  ? 55   ALA A C   1 
ATOM   392  O  O   . ALA A 1 55  ? -9.243  -9.608  3.463   1.00 28.78  ? 55   ALA A O   1 
ATOM   393  C  CB  . ALA A 1 55  ? -7.422  -9.611  1.433   1.00 26.01  ? 55   ALA A CB  1 
ATOM   394  N  N   . ARG A 1 56  ? -9.514  -7.375  3.476   1.00 30.45  ? 56   ARG A N   1 
ATOM   395  C  CA  . ARG A 1 56  ? -10.284 -7.313  4.714   1.00 33.92  ? 56   ARG A CA  1 
ATOM   396  C  C   . ARG A 1 56  ? -11.543 -8.179  4.673   1.00 34.85  ? 56   ARG A C   1 
ATOM   397  O  O   . ARG A 1 56  ? -11.780 -8.989  5.574   1.00 34.44  ? 56   ARG A O   1 
ATOM   398  C  CB  . ARG A 1 56  ? -10.688 -5.863  4.987   1.00 37.84  ? 56   ARG A CB  1 
ATOM   399  C  CG  . ARG A 1 56  ? -11.511 -5.659  6.241   1.00 41.55  ? 56   ARG A CG  1 
ATOM   400  C  CD  . ARG A 1 56  ? -12.236 -4.317  6.212   1.00 46.49  ? 56   ARG A CD  1 
ATOM   401  N  NE  . ARG A 1 56  ? -13.338 -4.305  5.250   1.00 49.47  ? 56   ARG A NE  1 
ATOM   402  C  CZ  . ARG A 1 56  ? -14.169 -3.279  5.072   1.00 52.31  ? 56   ARG A CZ  1 
ATOM   403  N  NH1 . ARG A 1 56  ? -15.147 -3.359  4.174   1.00 52.92  ? 56   ARG A NH1 1 
ATOM   404  N  NH2 . ARG A 1 56  ? -14.024 -2.171  5.787   1.00 53.75  ? 56   ARG A NH2 1 
ATOM   405  N  N   . GLU A 1 57  ? -12.355 -8.002  3.634   1.00 34.44  ? 57   GLU A N   1 
ATOM   406  C  CA  . GLU A 1 57  ? -13.594 -8.760  3.506   1.00 35.38  ? 57   GLU A CA  1 
ATOM   407  C  C   . GLU A 1 57  ? -13.358 -10.248 3.325   1.00 35.17  ? 57   GLU A C   1 
ATOM   408  O  O   . GLU A 1 57  ? -14.019 -11.069 3.956   1.00 35.04  ? 57   GLU A O   1 
ATOM   409  C  CB  . GLU A 1 57  ? -14.430 -8.238  2.339   1.00 39.47  ? 57   GLU A CB  1 
ATOM   410  C  CG  . GLU A 1 57  ? -15.090 -6.888  2.582   1.00 43.49  ? 57   GLU A CG  1 
ATOM   411  C  CD  . GLU A 1 57  ? -15.990 -6.887  3.803   1.00 46.26  ? 57   GLU A CD  1 
ATOM   412  O  OE1 . GLU A 1 57  ? -16.565 -7.951  4.127   1.00 47.68  ? 57   GLU A OE1 1 
ATOM   413  O  OE2 . GLU A 1 57  ? -16.138 -5.817  4.434   1.00 48.00  ? 57   GLU A OE2 1 
ATOM   414  N  N   . GLU A 1 58  ? -12.413 -10.602 2.466   1.00 35.02  ? 58   GLU A N   1 
ATOM   415  C  CA  . GLU A 1 58  ? -12.124 -12.008 2.227   1.00 35.04  ? 58   GLU A CA  1 
ATOM   416  C  C   . GLU A 1 58  ? -11.540 -12.708 3.453   1.00 33.07  ? 58   GLU A C   1 
ATOM   417  O  O   . GLU A 1 58  ? -11.916 -13.835 3.766   1.00 32.28  ? 58   GLU A O   1 
ATOM   418  C  CB  . GLU A 1 58  ? -11.150 -12.166 1.057   1.00 37.69  ? 58   GLU A CB  1 
ATOM   419  C  CG  . GLU A 1 58  ? -10.730 -13.608 0.825   1.00 44.02  ? 58   GLU A CG  1 
ATOM   420  C  CD  . GLU A 1 58  ? -9.565  -13.735 -0.135  1.00 47.73  ? 58   GLU A CD  1 
ATOM   421  O  OE1 . GLU A 1 58  ? -8.514  -13.103 0.111   1.00 50.61  ? 58   GLU A OE1 1 
ATOM   422  O  OE2 . GLU A 1 58  ? -9.698  -14.469 -1.137  1.00 50.51  ? 58   GLU A OE2 1 
ATOM   423  N  N   . SER A 1 59  ? -10.621 -12.035 4.139   1.00 31.73  ? 59   SER A N   1 
ATOM   424  C  CA  . SER A 1 59  ? -9.962  -12.621 5.301   1.00 31.04  ? 59   SER A CA  1 
ATOM   425  C  C   . SER A 1 59  ? -10.705 -12.411 6.608   1.00 30.90  ? 59   SER A C   1 
ATOM   426  O  O   . SER A 1 59  ? -10.413 -13.076 7.600   1.00 32.62  ? 59   SER A O   1 
ATOM   427  C  CB  . SER A 1 59  ? -8.544  -12.057 5.443   1.00 30.30  ? 59   SER A CB  1 
ATOM   428  O  OG  . SER A 1 59  ? -8.571  -10.691 5.835   1.00 29.10  ? 59   SER A OG  1 
ATOM   429  N  N   . ASN A 1 60  ? -11.661 -11.490 6.610   1.00 31.29  ? 60   ASN A N   1 
ATOM   430  C  CA  . ASN A 1 60  ? -12.418 -11.179 7.817   1.00 32.57  ? 60   ASN A CA  1 
ATOM   431  C  C   . ASN A 1 60  ? -11.470 -10.608 8.873   1.00 32.30  ? 60   ASN A C   1 
ATOM   432  O  O   . ASN A 1 60  ? -11.779 -10.623 10.064  1.00 32.80  ? 60   ASN A O   1 
ATOM   433  C  CB  . ASN A 1 60  ? -13.108 -12.433 8.370   1.00 34.51  ? 60   ASN A CB  1 
ATOM   434  C  CG  . ASN A 1 60  ? -14.207 -12.944 7.459   1.00 35.21  ? 60   ASN A CG  1 
ATOM   435  O  OD1 . ASN A 1 60  ? -15.083 -12.188 7.048   1.00 31.83  ? 60   ASN A OD1 1 
ATOM   436  N  ND2 . ASN A 1 60  ? -14.167 -14.237 7.147   1.00 35.64  ? 60   ASN A ND2 1 
ATOM   437  N  N   . GLN A 1 61  ? -10.321 -10.110 8.418   1.00 30.56  ? 61   GLN A N   1 
ATOM   438  C  CA  . GLN A 1 61  ? -9.304  -9.515  9.285   1.00 27.84  ? 61   GLN A CA  1 
ATOM   439  C  C   . GLN A 1 61  ? -9.254  -8.001  9.085   1.00 27.80  ? 61   GLN A C   1 
ATOM   440  O  O   . GLN A 1 61  ? -9.015  -7.518  7.977   1.00 26.11  ? 61   GLN A O   1 
ATOM   441  C  CB  . GLN A 1 61  ? -7.928  -10.115 8.980   1.00 27.98  ? 61   GLN A CB  1 
ATOM   442  C  CG  . GLN A 1 61  ? -7.658  -11.467 9.635   1.00 29.42  ? 61   GLN A CG  1 
ATOM   443  C  CD  . GLN A 1 61  ? -6.337  -12.082 9.187   1.00 30.43  ? 61   GLN A CD  1 
ATOM   444  O  OE1 . GLN A 1 61  ? -6.290  -12.837 8.221   1.00 33.93  ? 61   GLN A OE1 1 
ATOM   445  N  NE2 . GLN A 1 61  ? -5.259  -11.748 9.883   1.00 32.34  ? 61   GLN A NE2 1 
ATOM   446  N  N   . ALA A 1 62  ? -9.470  -7.259  10.167  1.00 26.29  ? 62   ALA A N   1 
ATOM   447  C  CA  . ALA A 1 62  ? -9.470  -5.800  10.127  1.00 25.97  ? 62   ALA A CA  1 
ATOM   448  C  C   . ALA A 1 62  ? -8.126  -5.161  9.784   1.00 26.60  ? 62   ALA A C   1 
ATOM   449  O  O   . ALA A 1 62  ? -8.086  -4.032  9.297   1.00 28.40  ? 62   ALA A O   1 
ATOM   450  C  CB  . ALA A 1 62  ? -9.965  -5.252  11.457  1.00 26.20  ? 62   ALA A CB  1 
ATOM   451  N  N   . ILE A 1 63  ? -7.030  -5.869  10.037  1.00 24.93  ? 63   ILE A N   1 
ATOM   452  C  CA  . ILE A 1 63  ? -5.692  -5.331  9.768   1.00 24.99  ? 63   ILE A CA  1 
ATOM   453  C  C   . ILE A 1 63  ? -5.151  -5.738  8.406   1.00 25.06  ? 63   ILE A C   1 
ATOM   454  O  O   . ILE A 1 63  ? -4.030  -5.364  8.054   1.00 24.41  ? 63   ILE A O   1 
ATOM   455  C  CB  . ILE A 1 63  ? -4.659  -5.835  10.792  1.00 25.22  ? 63   ILE A CB  1 
ATOM   456  C  CG1 . ILE A 1 63  ? -4.332  -7.301  10.505  1.00 25.60  ? 63   ILE A CG1 1 
ATOM   457  C  CG2 . ILE A 1 63  ? -5.205  -5.692  12.214  1.00 26.54  ? 63   ILE A CG2 1 
ATOM   458  C  CD1 . ILE A 1 63  ? -3.182  -7.862  11.342  1.00 27.30  ? 63   ILE A CD1 1 
ATOM   459  N  N   . MET A 1 64  ? -5.941  -6.490  7.644   1.00 24.39  ? 64   MET A N   1 
ATOM   460  C  CA  . MET A 1 64  ? -5.483  -6.993  6.358   1.00 26.05  ? 64   MET A CA  1 
ATOM   461  C  C   . MET A 1 64  ? -5.414  -6.010  5.196   1.00 25.14  ? 64   MET A C   1 
ATOM   462  O  O   . MET A 1 64  ? -6.046  -6.210  4.148   1.00 23.77  ? 64   MET A O   1 
ATOM   463  C  CB  . MET A 1 64  ? -6.309  -8.216  5.955   1.00 29.06  ? 64   MET A CB  1 
ATOM   464  C  CG  . MET A 1 64  ? -5.605  -9.120  4.954   1.00 32.64  ? 64   MET A CG  1 
ATOM   465  S  SD  . MET A 1 64  ? -3.924  -9.514  5.486   1.00 37.43  ? 64   MET A SD  1 
ATOM   466  C  CE  . MET A 1 64  ? -4.252  -10.410 6.996   1.00 38.54  ? 64   MET A CE  1 
ATOM   467  N  N   . HIS A 1 65  ? -4.645  -4.943  5.392   1.00 22.58  ? 65   HIS A N   1 
ATOM   468  C  CA  . HIS A 1 65  ? -4.428  -3.959  4.344   1.00 20.80  ? 65   HIS A CA  1 
ATOM   469  C  C   . HIS A 1 65  ? -3.231  -4.463  3.561   1.00 20.35  ? 65   HIS A C   1 
ATOM   470  O  O   . HIS A 1 65  ? -2.486  -5.321  4.046   1.00 20.53  ? 65   HIS A O   1 
ATOM   471  C  CB  . HIS A 1 65  ? -4.120  -2.582  4.931   1.00 19.89  ? 65   HIS A CB  1 
ATOM   472  C  CG  . HIS A 1 65  ? -5.336  -1.829  5.362   1.00 17.92  ? 65   HIS A CG  1 
ATOM   473  N  ND1 . HIS A 1 65  ? -5.294  -0.507  5.743   1.00 18.75  ? 65   HIS A ND1 1 
ATOM   474  C  CD2 . HIS A 1 65  ? -6.633  -2.204  5.452   1.00 18.65  ? 65   HIS A CD2 1 
ATOM   475  C  CE1 . HIS A 1 65  ? -6.512  -0.097  6.048   1.00 20.23  ? 65   HIS A CE1 1 
ATOM   476  N  NE2 . HIS A 1 65  ? -7.344  -1.109  5.880   1.00 20.45  ? 65   HIS A NE2 1 
ATOM   477  N  N   . ALA A 1 66  ? -3.042  -3.933  2.354   1.00 20.58  ? 66   ALA A N   1 
ATOM   478  C  CA  . ALA A 1 66  ? -1.935  -4.345  1.498   1.00 19.52  ? 66   ALA A CA  1 
ATOM   479  C  C   . ALA A 1 66  ? -0.566  -4.291  2.182   1.00 18.17  ? 66   ALA A C   1 
ATOM   480  O  O   . ALA A 1 66  ? 0.197   -5.250  2.115   1.00 18.67  ? 66   ALA A O   1 
ATOM   481  C  CB  . ALA A 1 66  ? -1.914  -3.485  0.218   1.00 18.46  ? 66   ALA A CB  1 
ATOM   482  N  N   . GLU A 1 67  ? -0.258  -3.170  2.828   1.00 17.67  ? 67   GLU A N   1 
ATOM   483  C  CA  . GLU A 1 67  ? 1.036   -3.008  3.493   1.00 20.14  ? 67   GLU A CA  1 
ATOM   484  C  C   . GLU A 1 67  ? 1.299   -4.043  4.581   1.00 20.70  ? 67   GLU A C   1 
ATOM   485  O  O   . GLU A 1 67  ? 2.424   -4.533  4.717   1.00 20.82  ? 67   GLU A O   1 
ATOM   486  C  CB  . GLU A 1 67  ? 1.160   -1.612  4.111   1.00 20.18  ? 67   GLU A CB  1 
ATOM   487  C  CG  . GLU A 1 67  ? 0.889   -0.465  3.157   1.00 22.57  ? 67   GLU A CG  1 
ATOM   488  C  CD  . GLU A 1 67  ? -0.583  -0.074  3.109   1.00 20.87  ? 67   GLU A CD  1 
ATOM   489  O  OE1 . GLU A 1 67  ? -0.876  1.121   3.315   1.00 23.31  ? 67   GLU A OE1 1 
ATOM   490  O  OE2 . GLU A 1 67  ? -1.438  -0.947  2.867   1.00 17.90  ? 67   GLU A OE2 1 
ATOM   491  N  N   . MET A 1 68  ? 0.262   -4.366  5.356   1.00 20.82  ? 68   MET A N   1 
ATOM   492  C  CA  . MET A 1 68  ? 0.373   -5.342  6.443   1.00 21.52  ? 68   MET A CA  1 
ATOM   493  C  C   . MET A 1 68  ? 0.670   -6.728  5.889   1.00 21.86  ? 68   MET A C   1 
ATOM   494  O  O   . MET A 1 68  ? 1.499   -7.462  6.432   1.00 22.99  ? 68   MET A O   1 
ATOM   495  C  CB  . MET A 1 68  ? -0.928  -5.386  7.255   1.00 19.45  ? 68   MET A CB  1 
ATOM   496  C  CG  . MET A 1 68  ? -1.320  -4.046  7.861   1.00 18.71  ? 68   MET A CG  1 
ATOM   497  S  SD  . MET A 1 68  ? -0.028  -3.376  8.928   1.00 20.70  ? 68   MET A SD  1 
ATOM   498  C  CE  . MET A 1 68  ? -0.494  -4.121  10.522  1.00 18.65  ? 68   MET A CE  1 
ATOM   499  N  N   . MET A 1 69  ? -0.009  -7.080  4.802   1.00 23.76  ? 69   MET A N   1 
ATOM   500  C  CA  . MET A 1 69  ? 0.193   -8.379  4.163   1.00 23.83  ? 69   MET A CA  1 
ATOM   501  C  C   . MET A 1 69  ? 1.617   -8.465  3.604   1.00 23.72  ? 69   MET A C   1 
ATOM   502  O  O   . MET A 1 69  ? 2.290   -9.492  3.723   1.00 22.53  ? 69   MET A O   1 
ATOM   503  C  CB  . MET A 1 69  ? -0.821  -8.566  3.031   1.00 23.73  ? 69   MET A CB  1 
ATOM   504  C  CG  . MET A 1 69  ? -0.833  -9.967  2.428   1.00 25.97  ? 69   MET A CG  1 
ATOM   505  S  SD  . MET A 1 69  ? -1.913  -10.072 0.986   1.00 28.25  ? 69   MET A SD  1 
ATOM   506  C  CE  . MET A 1 69  ? -3.523  -10.191 1.761   1.00 27.41  ? 69   MET A CE  1 
ATOM   507  N  N   . ALA A 1 70  ? 2.073   -7.373  2.998   1.00 23.05  ? 70   ALA A N   1 
ATOM   508  C  CA  . ALA A 1 70  ? 3.417   -7.324  2.417   1.00 21.45  ? 70   ALA A CA  1 
ATOM   509  C  C   . ALA A 1 70  ? 4.484   -7.418  3.500   1.00 20.97  ? 70   ALA A C   1 
ATOM   510  O  O   . ALA A 1 70  ? 5.499   -8.099  3.334   1.00 20.21  ? 70   ALA A O   1 
ATOM   511  C  CB  . ALA A 1 70  ? 3.593   -6.040  1.633   1.00 20.05  ? 70   ALA A CB  1 
ATOM   512  N  N   . ILE A 1 71  ? 4.257   -6.725  4.609   1.00 22.50  ? 71   ILE A N   1 
ATOM   513  C  CA  . ILE A 1 71  ? 5.213   -6.752  5.709   1.00 22.87  ? 71   ILE A CA  1 
ATOM   514  C  C   . ILE A 1 71  ? 5.337   -8.158  6.280   1.00 24.01  ? 71   ILE A C   1 
ATOM   515  O  O   . ILE A 1 71  ? 6.449   -8.636  6.516   1.00 26.17  ? 71   ILE A O   1 
ATOM   516  C  CB  . ILE A 1 71  ? 4.827   -5.727  6.801   1.00 21.45  ? 71   ILE A CB  1 
ATOM   517  C  CG1 . ILE A 1 71  ? 5.059   -4.318  6.244   1.00 21.61  ? 71   ILE A CG1 1 
ATOM   518  C  CG2 . ILE A 1 71  ? 5.655   -5.958  8.075   1.00 22.44  ? 71   ILE A CG2 1 
ATOM   519  C  CD1 . ILE A 1 71  ? 4.726   -3.186  7.185   1.00 20.53  ? 71   ILE A CD1 1 
ATOM   520  N  N   . ASN A 1 72  ? 4.210   -8.833  6.479   1.00 25.65  ? 72   ASN A N   1 
ATOM   521  C  CA  . ASN A 1 72  ? 4.247   -10.199 6.992   1.00 26.48  ? 72   ASN A CA  1 
ATOM   522  C  C   . ASN A 1 72  ? 5.043   -11.078 6.038   1.00 27.26  ? 72   ASN A C   1 
ATOM   523  O  O   . ASN A 1 72  ? 5.864   -11.895 6.462   1.00 27.40  ? 72   ASN A O   1 
ATOM   524  C  CB  . ASN A 1 72  ? 2.836   -10.783 7.146   1.00 27.06  ? 72   ASN A CB  1 
ATOM   525  C  CG  . ASN A 1 72  ? 2.110   -10.239 8.355   1.00 30.13  ? 72   ASN A CG  1 
ATOM   526  O  OD1 . ASN A 1 72  ? 2.737   -9.836  9.335   1.00 32.62  ? 72   ASN A OD1 1 
ATOM   527  N  ND2 . ASN A 1 72  ? 0.781   -10.237 8.302   1.00 31.29  ? 72   ASN A ND2 1 
ATOM   528  N  N   . GLU A 1 73  ? 4.805   -10.909 4.744   1.00 26.68  ? 73   GLU A N   1 
ATOM   529  C  CA  . GLU A 1 73  ? 5.510   -11.709 3.756   1.00 27.19  ? 73   GLU A CA  1 
ATOM   530  C  C   . GLU A 1 73  ? 7.010   -11.401 3.767   1.00 25.59  ? 73   GLU A C   1 
ATOM   531  O  O   . GLU A 1 73  ? 7.839   -12.309 3.733   1.00 25.08  ? 73   GLU A O   1 
ATOM   532  C  CB  . GLU A 1 73  ? 4.912   -11.461 2.372   1.00 30.04  ? 73   GLU A CB  1 
ATOM   533  C  CG  . GLU A 1 73  ? 5.166   -12.577 1.386   1.00 38.23  ? 73   GLU A CG  1 
ATOM   534  C  CD  . GLU A 1 73  ? 4.394   -12.395 0.092   1.00 40.42  ? 73   GLU A CD  1 
ATOM   535  O  OE1 . GLU A 1 73  ? 3.143   -12.386 0.136   1.00 44.56  ? 73   GLU A OE1 1 
ATOM   536  O  OE2 . GLU A 1 73  ? 5.037   -12.260 -0.966  1.00 42.09  ? 73   GLU A OE2 1 
ATOM   537  N  N   . ALA A 1 74  ? 7.359   -10.122 3.834   1.00 24.12  ? 74   ALA A N   1 
ATOM   538  C  CA  . ALA A 1 74  ? 8.759   -9.721  3.861   1.00 23.96  ? 74   ALA A CA  1 
ATOM   539  C  C   . ALA A 1 74  ? 9.460   -10.245 5.118   1.00 24.89  ? 74   ALA A C   1 
ATOM   540  O  O   . ALA A 1 74  ? 10.614  -10.675 5.061   1.00 23.61  ? 74   ALA A O   1 
ATOM   541  C  CB  . ALA A 1 74  ? 8.869   -8.201  3.792   1.00 22.18  ? 74   ALA A CB  1 
ATOM   542  N  N   . ASN A 1 75  ? 8.771   -10.202 6.258   1.00 26.00  ? 75   ASN A N   1 
ATOM   543  C  CA  . ASN A 1 75  ? 9.367   -10.697 7.497   1.00 25.72  ? 75   ASN A CA  1 
ATOM   544  C  C   . ASN A 1 75  ? 9.620   -12.192 7.371   1.00 25.76  ? 75   ASN A C   1 
ATOM   545  O  O   . ASN A 1 75  ? 10.676  -12.687 7.756   1.00 29.09  ? 75   ASN A O   1 
ATOM   546  C  CB  . ASN A 1 75  ? 8.453   -10.452 8.703   1.00 23.90  ? 75   ASN A CB  1 
ATOM   547  C  CG  . ASN A 1 75  ? 8.391   -8.996  9.110   1.00 24.26  ? 75   ASN A CG  1 
ATOM   548  O  OD1 . ASN A 1 75  ? 9.393   -8.277  9.072   1.00 28.24  ? 75   ASN A OD1 1 
ATOM   549  N  ND2 . ASN A 1 75  ? 7.217   -8.559  9.527   1.00 20.35  ? 75   ASN A ND2 1 
ATOM   550  N  N   . ALA A 1 76  ? 8.642   -12.911 6.839   1.00 25.81  ? 76   ALA A N   1 
ATOM   551  C  CA  . ALA A 1 76  ? 8.778   -14.347 6.672   1.00 27.57  ? 76   ALA A CA  1 
ATOM   552  C  C   . ALA A 1 76  ? 9.976   -14.644 5.768   1.00 30.02  ? 76   ALA A C   1 
ATOM   553  O  O   . ALA A 1 76  ? 10.829  -15.462 6.100   1.00 30.85  ? 76   ALA A O   1 
ATOM   554  C  CB  . ALA A 1 76  ? 7.504   -14.922 6.069   1.00 25.59  ? 76   ALA A CB  1 
ATOM   555  N  N   . HIS A 1 77  ? 10.042  -13.962 4.629   1.00 31.69  ? 77   HIS A N   1 
ATOM   556  C  CA  . HIS A 1 77  ? 11.136  -14.159 3.685   1.00 32.14  ? 77   HIS A CA  1 
ATOM   557  C  C   . HIS A 1 77  ? 12.491  -13.992 4.361   1.00 32.61  ? 77   HIS A C   1 
ATOM   558  O  O   . HIS A 1 77  ? 13.375  -14.837 4.220   1.00 34.70  ? 77   HIS A O   1 
ATOM   559  C  CB  . HIS A 1 77  ? 11.020  -13.159 2.530   1.00 33.57  ? 77   HIS A CB  1 
ATOM   560  C  CG  . HIS A 1 77  ? 12.076  -13.324 1.482   1.00 33.89  ? 77   HIS A CG  1 
ATOM   561  N  ND1 . HIS A 1 77  ? 11.965  -14.228 0.449   1.00 34.61  ? 77   HIS A ND1 1 
ATOM   562  C  CD2 . HIS A 1 77  ? 13.277  -12.719 1.326   1.00 34.34  ? 77   HIS A CD2 1 
ATOM   563  C  CE1 . HIS A 1 77  ? 13.053  -14.173 -0.300  1.00 34.36  ? 77   HIS A CE1 1 
ATOM   564  N  NE2 . HIS A 1 77  ? 13.865  -13.266 0.211   1.00 35.33  ? 77   HIS A NE2 1 
ATOM   565  N  N   . GLU A 1 78  ? 12.647  -12.895 5.094   1.00 32.51  ? 78   GLU A N   1 
ATOM   566  C  CA  . GLU A 1 78  ? 13.892  -12.587 5.790   1.00 32.14  ? 78   GLU A CA  1 
ATOM   567  C  C   . GLU A 1 78  ? 14.035  -13.315 7.123   1.00 31.90  ? 78   GLU A C   1 
ATOM   568  O  O   . GLU A 1 78  ? 15.122  -13.351 7.695   1.00 30.62  ? 78   GLU A O   1 
ATOM   569  C  CB  . GLU A 1 78  ? 13.977  -11.080 6.050   1.00 32.46  ? 78   GLU A CB  1 
ATOM   570  C  CG  . GLU A 1 78  ? 13.972  -10.245 4.794   1.00 35.00  ? 78   GLU A CG  1 
ATOM   571  C  CD  . GLU A 1 78  ? 15.208  -10.476 3.961   1.00 36.40  ? 78   GLU A CD  1 
ATOM   572  O  OE1 . GLU A 1 78  ? 16.297  -10.025 4.378   1.00 36.63  ? 78   GLU A OE1 1 
ATOM   573  O  OE2 . GLU A 1 78  ? 15.090  -11.120 2.899   1.00 38.69  ? 78   GLU A OE2 1 
ATOM   574  N  N   . GLY A 1 79  ? 12.939  -13.886 7.616   1.00 32.06  ? 79   GLY A N   1 
ATOM   575  C  CA  . GLY A 1 79  ? 12.985  -14.568 8.898   1.00 32.78  ? 79   GLY A CA  1 
ATOM   576  C  C   . GLY A 1 79  ? 13.476  -13.589 9.949   1.00 33.08  ? 79   GLY A C   1 
ATOM   577  O  O   . GLY A 1 79  ? 14.298  -13.924 10.797  1.00 33.62  ? 79   GLY A O   1 
ATOM   578  N  N   . ASN A 1 80  ? 12.959  -12.368 9.889   1.00 33.41  ? 80   ASN A N   1 
ATOM   579  C  CA  . ASN A 1 80  ? 13.363  -11.315 10.812  1.00 33.64  ? 80   ASN A CA  1 
ATOM   580  C  C   . ASN A 1 80  ? 12.309  -10.212 10.785  1.00 33.38  ? 80   ASN A C   1 
ATOM   581  O  O   . ASN A 1 80  ? 11.818  -9.849  9.716   1.00 33.52  ? 80   ASN A O   1 
ATOM   582  C  CB  . ASN A 1 80  ? 14.720  -10.762 10.365  1.00 34.85  ? 80   ASN A CB  1 
ATOM   583  C  CG  . ASN A 1 80  ? 15.234  -9.652  11.260  1.00 36.28  ? 80   ASN A CG  1 
ATOM   584  O  OD1 . ASN A 1 80  ? 14.579  -9.263  12.226  1.00 39.10  ? 80   ASN A OD1 1 
ATOM   585  N  ND2 . ASN A 1 80  ? 16.418  -9.133  10.937  1.00 36.58  ? 80   ASN A ND2 1 
ATOM   586  N  N   . TRP A 1 81  ? 11.956  -9.681  11.952  1.00 31.64  ? 81   TRP A N   1 
ATOM   587  C  CA  . TRP A 1 81  ? 10.957  -8.621  12.005  1.00 31.42  ? 81   TRP A CA  1 
ATOM   588  C  C   . TRP A 1 81  ? 11.552  -7.316  11.503  1.00 30.48  ? 81   TRP A C   1 
ATOM   589  O  O   . TRP A 1 81  ? 10.825  -6.383  11.182  1.00 31.64  ? 81   TRP A O   1 
ATOM   590  C  CB  . TRP A 1 81  ? 10.421  -8.423  13.436  1.00 29.75  ? 81   TRP A CB  1 
ATOM   591  C  CG  . TRP A 1 81  ? 11.439  -7.921  14.416  1.00 31.69  ? 81   TRP A CG  1 
ATOM   592  C  CD1 . TRP A 1 81  ? 12.204  -8.674  15.260  1.00 32.27  ? 81   TRP A CD1 1 
ATOM   593  C  CD2 . TRP A 1 81  ? 11.837  -6.558  14.621  1.00 31.73  ? 81   TRP A CD2 1 
ATOM   594  N  NE1 . TRP A 1 81  ? 13.056  -7.865  15.975  1.00 32.11  ? 81   TRP A NE1 1 
ATOM   595  C  CE2 . TRP A 1 81  ? 12.854  -6.563  15.603  1.00 32.56  ? 81   TRP A CE2 1 
ATOM   596  C  CE3 . TRP A 1 81  ? 11.435  -5.334  14.069  1.00 31.76  ? 81   TRP A CE3 1 
ATOM   597  C  CZ2 . TRP A 1 81  ? 13.478  -5.387  16.044  1.00 33.68  ? 81   TRP A CZ2 1 
ATOM   598  C  CZ3 . TRP A 1 81  ? 12.055  -4.165  14.509  1.00 31.03  ? 81   TRP A CZ3 1 
ATOM   599  C  CH2 . TRP A 1 81  ? 13.066  -4.202  15.487  1.00 33.64  ? 81   TRP A CH2 1 
ATOM   600  N  N   . ARG A 1 82  ? 12.877  -7.252  11.446  1.00 30.80  ? 82   ARG A N   1 
ATOM   601  C  CA  . ARG A 1 82  ? 13.561  -6.053  10.980  1.00 32.18  ? 82   ARG A CA  1 
ATOM   602  C  C   . ARG A 1 82  ? 13.643  -6.090  9.459   1.00 31.59  ? 82   ARG A C   1 
ATOM   603  O  O   . ARG A 1 82  ? 14.040  -7.099  8.876   1.00 31.74  ? 82   ARG A O   1 
ATOM   604  C  CB  . ARG A 1 82  ? 14.975  -5.974  11.561  1.00 35.92  ? 82   ARG A CB  1 
ATOM   605  C  CG  . ARG A 1 82  ? 15.058  -6.087  13.077  1.00 41.68  ? 82   ARG A CG  1 
ATOM   606  C  CD  . ARG A 1 82  ? 16.519  -6.139  13.536  1.00 46.08  ? 82   ARG A CD  1 
ATOM   607  N  NE  . ARG A 1 82  ? 16.666  -6.344  14.978  1.00 49.54  ? 82   ARG A NE  1 
ATOM   608  C  CZ  . ARG A 1 82  ? 16.298  -7.449  15.624  1.00 52.10  ? 82   ARG A CZ  1 
ATOM   609  N  NH1 . ARG A 1 82  ? 15.754  -8.463  14.963  1.00 51.67  ? 82   ARG A NH1 1 
ATOM   610  N  NH2 . ARG A 1 82  ? 16.484  -7.546  16.937  1.00 53.32  ? 82   ARG A NH2 1 
ATOM   611  N  N   . LEU A 1 83  ? 13.261  -4.988  8.824   1.00 31.29  ? 83   LEU A N   1 
ATOM   612  C  CA  . LEU A 1 83  ? 13.287  -4.884  7.369   1.00 29.19  ? 83   LEU A CA  1 
ATOM   613  C  C   . LEU A 1 83  ? 14.163  -3.705  6.954   1.00 29.32  ? 83   LEU A C   1 
ATOM   614  O  O   . LEU A 1 83  ? 13.712  -2.793  6.272   1.00 29.91  ? 83   LEU A O   1 
ATOM   615  C  CB  . LEU A 1 83  ? 11.859  -4.707  6.838   1.00 27.56  ? 83   LEU A CB  1 
ATOM   616  C  CG  . LEU A 1 83  ? 11.072  -5.940  6.370   1.00 25.95  ? 83   LEU A CG  1 
ATOM   617  C  CD1 . LEU A 1 83  ? 11.540  -7.194  7.061   1.00 27.15  ? 83   LEU A CD1 1 
ATOM   618  C  CD2 . LEU A 1 83  ? 9.591   -5.698  6.600   1.00 25.65  ? 83   LEU A CD2 1 
ATOM   619  N  N   . LEU A 1 84  ? 15.421  -3.736  7.379   1.00 28.99  ? 84   LEU A N   1 
ATOM   620  C  CA  . LEU A 1 84  ? 16.378  -2.678  7.065   1.00 29.10  ? 84   LEU A CA  1 
ATOM   621  C  C   . LEU A 1 84  ? 16.773  -2.730  5.584   1.00 27.87  ? 84   LEU A C   1 
ATOM   622  O  O   . LEU A 1 84  ? 16.652  -3.772  4.945   1.00 26.07  ? 84   LEU A O   1 
ATOM   623  C  CB  . LEU A 1 84  ? 17.620  -2.845  7.946   1.00 30.27  ? 84   LEU A CB  1 
ATOM   624  C  CG  . LEU A 1 84  ? 17.367  -2.821  9.461   1.00 31.50  ? 84   LEU A CG  1 
ATOM   625  C  CD1 . LEU A 1 84  ? 18.572  -3.379  10.200  1.00 31.74  ? 84   LEU A CD1 1 
ATOM   626  C  CD2 . LEU A 1 84  ? 17.073  -1.390  9.907   1.00 33.05  ? 84   LEU A CD2 1 
ATOM   627  N  N   . ASP A 1 85  ? 17.235  -1.605  5.044   1.00 29.08  ? 85   ASP A N   1 
ATOM   628  C  CA  . ASP A 1 85  ? 17.661  -1.530  3.642   1.00 33.01  ? 85   ASP A CA  1 
ATOM   629  C  C   . ASP A 1 85  ? 16.589  -2.032  2.690   1.00 34.29  ? 85   ASP A C   1 
ATOM   630  O  O   . ASP A 1 85  ? 16.881  -2.687  1.683   1.00 37.64  ? 85   ASP A O   1 
ATOM   631  C  CB  . ASP A 1 85  ? 18.928  -2.359  3.430   1.00 34.80  ? 85   ASP A CB  1 
ATOM   632  C  CG  . ASP A 1 85  ? 20.076  -1.885  4.287   1.00 37.02  ? 85   ASP A CG  1 
ATOM   633  O  OD1 . ASP A 1 85  ? 20.334  -0.663  4.304   1.00 38.74  ? 85   ASP A OD1 1 
ATOM   634  O  OD2 . ASP A 1 85  ? 20.721  -2.733  4.938   1.00 40.24  ? 85   ASP A OD2 1 
ATOM   635  N  N   . THR A 1 86  ? 15.346  -1.713  3.010   1.00 33.73  ? 86   THR A N   1 
ATOM   636  C  CA  . THR A 1 86  ? 14.215  -2.143  2.213   1.00 31.35  ? 86   THR A CA  1 
ATOM   637  C  C   . THR A 1 86  ? 13.449  -0.940  1.677   1.00 28.19  ? 86   THR A C   1 
ATOM   638  O  O   . THR A 1 86  ? 13.529  0.150   2.231   1.00 28.77  ? 86   THR A O   1 
ATOM   639  C  CB  . THR A 1 86  ? 13.289  -3.032  3.082   1.00 32.65  ? 86   THR A CB  1 
ATOM   640  O  OG1 . THR A 1 86  ? 13.767  -4.385  3.057   1.00 33.92  ? 86   THR A OG1 1 
ATOM   641  C  CG2 . THR A 1 86  ? 11.869  -2.987  2.591   1.00 37.54  ? 86   THR A CG2 1 
ATOM   642  N  N   . THR A 1 87  ? 12.737  -1.132  0.574   1.00 26.56  ? 87   THR A N   1 
ATOM   643  C  CA  . THR A 1 87  ? 11.921  -0.063  0.008   1.00 24.44  ? 87   THR A CA  1 
ATOM   644  C  C   . THR A 1 87  ? 10.513  -0.605  -0.168  1.00 22.36  ? 87   THR A C   1 
ATOM   645  O  O   . THR A 1 87  ? 10.313  -1.680  -0.746  1.00 20.29  ? 87   THR A O   1 
ATOM   646  C  CB  . THR A 1 87  ? 12.424  0.416   -1.365  1.00 24.45  ? 87   THR A CB  1 
ATOM   647  O  OG1 . THR A 1 87  ? 13.747  0.942   -1.238  1.00 26.99  ? 87   THR A OG1 1 
ATOM   648  C  CG2 . THR A 1 87  ? 11.520  1.516   -1.889  1.00 23.31  ? 87   THR A CG2 1 
ATOM   649  N  N   . LEU A 1 88  ? 9.540   0.136   0.345   1.00 20.51  ? 88   LEU A N   1 
ATOM   650  C  CA  . LEU A 1 88  ? 8.153   -0.275  0.239   1.00 20.84  ? 88   LEU A CA  1 
ATOM   651  C  C   . LEU A 1 88  ? 7.405   0.575   -0.781  1.00 19.27  ? 88   LEU A C   1 
ATOM   652  O  O   . LEU A 1 88  ? 7.422   1.812   -0.708  1.00 20.40  ? 88   LEU A O   1 
ATOM   653  C  CB  . LEU A 1 88  ? 7.466   -0.174  1.611   1.00 19.78  ? 88   LEU A CB  1 
ATOM   654  C  CG  . LEU A 1 88  ? 5.976   -0.532  1.718   1.00 20.49  ? 88   LEU A CG  1 
ATOM   655  C  CD1 . LEU A 1 88  ? 5.687   -1.066  3.118   1.00 20.79  ? 88   LEU A CD1 1 
ATOM   656  C  CD2 . LEU A 1 88  ? 5.112   0.683   1.424   1.00 18.66  ? 88   LEU A CD2 1 
ATOM   657  N  N   . PHE A 1 89  ? 6.772   -0.092  -1.740  1.00 17.61  ? 89   PHE A N   1 
ATOM   658  C  CA  . PHE A 1 89  ? 5.979   0.596   -2.758  1.00 17.76  ? 89   PHE A CA  1 
ATOM   659  C  C   . PHE A 1 89  ? 4.509   0.270   -2.497  1.00 16.62  ? 89   PHE A C   1 
ATOM   660  O  O   . PHE A 1 89  ? 4.137   -0.896  -2.373  1.00 15.56  ? 89   PHE A O   1 
ATOM   661  C  CB  . PHE A 1 89  ? 6.338   0.128   -4.177  1.00 17.87  ? 89   PHE A CB  1 
ATOM   662  C  CG  . PHE A 1 89  ? 7.742   0.461   -4.601  1.00 18.67  ? 89   PHE A CG  1 
ATOM   663  C  CD1 . PHE A 1 89  ? 8.823   -0.276  -4.126  1.00 19.26  ? 89   PHE A CD1 1 
ATOM   664  C  CD2 . PHE A 1 89  ? 7.980   1.500   -5.497  1.00 19.91  ? 89   PHE A CD2 1 
ATOM   665  C  CE1 . PHE A 1 89  ? 10.119  0.015   -4.535  1.00 19.18  ? 89   PHE A CE1 1 
ATOM   666  C  CE2 . PHE A 1 89  ? 9.280   1.802   -5.914  1.00 21.44  ? 89   PHE A CE2 1 
ATOM   667  C  CZ  . PHE A 1 89  ? 10.350  1.053   -5.429  1.00 22.83  ? 89   PHE A CZ  1 
ATOM   668  N  N   . VAL A 1 90  ? 3.679   1.299   -2.392  1.00 15.51  ? 90   VAL A N   1 
ATOM   669  C  CA  . VAL A 1 90  ? 2.256   1.094   -2.153  1.00 16.28  ? 90   VAL A CA  1 
ATOM   670  C  C   . VAL A 1 90  ? 1.479   2.086   -3.018  1.00 18.22  ? 90   VAL A C   1 
ATOM   671  O  O   . VAL A 1 90  ? 1.813   3.273   -3.071  1.00 18.96  ? 90   VAL A O   1 
ATOM   672  C  CB  . VAL A 1 90  ? 1.908   1.271   -0.644  1.00 13.70  ? 90   VAL A CB  1 
ATOM   673  C  CG1 . VAL A 1 90  ? 2.258   2.674   -0.182  1.00 11.57  ? 90   VAL A CG1 1 
ATOM   674  C  CG2 . VAL A 1 90  ? 0.432   0.982   -0.415  1.00 13.85  ? 90   VAL A CG2 1 
ATOM   675  N  N   . THR A 1 91  ? 0.441   1.597   -3.692  1.00 20.71  ? 91   THR A N   1 
ATOM   676  C  CA  . THR A 1 91  ? -0.350  2.430   -4.600  1.00 20.70  ? 91   THR A CA  1 
ATOM   677  C  C   . THR A 1 91  ? -1.019  3.647   -3.976  1.00 22.74  ? 91   THR A C   1 
ATOM   678  O  O   . THR A 1 91  ? -1.208  4.663   -4.645  1.00 23.08  ? 91   THR A O   1 
ATOM   679  C  CB  . THR A 1 91  ? -1.422  1.595   -5.328  1.00 20.45  ? 91   THR A CB  1 
ATOM   680  O  OG1 . THR A 1 91  ? -2.391  1.117   -4.384  1.00 21.17  ? 91   THR A OG1 1 
ATOM   681  C  CG2 . THR A 1 91  ? -0.771  0.409   -6.043  1.00 17.54  ? 91   THR A CG2 1 
ATOM   682  N  N   . ILE A 1 92  ? -1.385  3.549   -2.702  1.00 22.98  ? 92   ILE A N   1 
ATOM   683  C  CA  . ILE A 1 92  ? -2.023  4.663   -2.008  1.00 24.25  ? 92   ILE A CA  1 
ATOM   684  C  C   . ILE A 1 92  ? -1.293  4.946   -0.700  1.00 24.17  ? 92   ILE A C   1 
ATOM   685  O  O   . ILE A 1 92  ? -0.791  4.024   -0.057  1.00 24.31  ? 92   ILE A O   1 
ATOM   686  C  CB  . ILE A 1 92  ? -3.510  4.357   -1.681  1.00 25.69  ? 92   ILE A CB  1 
ATOM   687  C  CG1 . ILE A 1 92  ? -4.300  4.093   -2.973  1.00 28.22  ? 92   ILE A CG1 1 
ATOM   688  C  CG2 . ILE A 1 92  ? -4.117  5.518   -0.906  1.00 25.15  ? 92   ILE A CG2 1 
ATOM   689  C  CD1 . ILE A 1 92  ? -4.469  5.304   -3.883  1.00 26.78  ? 92   ILE A CD1 1 
ATOM   690  N  N   . GLU A 1 93  ? -1.231  6.222   -0.324  1.00 22.48  ? 93   GLU A N   1 
ATOM   691  C  CA  . GLU A 1 93  ? -0.585  6.647   0.915   1.00 23.57  ? 93   GLU A CA  1 
ATOM   692  C  C   . GLU A 1 93  ? -1.094  5.800   2.091   1.00 24.96  ? 93   GLU A C   1 
ATOM   693  O  O   . GLU A 1 93  ? -2.299  5.728   2.330   1.00 25.27  ? 93   GLU A O   1 
ATOM   694  C  CB  . GLU A 1 93  ? -0.900  8.125   1.177   1.00 24.60  ? 93   GLU A CB  1 
ATOM   695  C  CG  . GLU A 1 93  ? -0.535  8.604   2.576   1.00 26.00  ? 93   GLU A CG  1 
ATOM   696  C  CD  . GLU A 1 93  ? -1.066  9.992   2.875   1.00 26.93  ? 93   GLU A CD  1 
ATOM   697  O  OE1 . GLU A 1 93  ? -1.906  10.494  2.098   1.00 26.40  ? 93   GLU A OE1 1 
ATOM   698  O  OE2 . GLU A 1 93  ? -0.656  10.579  3.897   1.00 29.01  ? 93   GLU A OE2 1 
ATOM   699  N  N   . PRO A 1 94  ? -0.181  5.153   2.840   1.00 23.67  ? 94   PRO A N   1 
ATOM   700  C  CA  . PRO A 1 94  ? -0.571  4.317   3.984   1.00 24.45  ? 94   PRO A CA  1 
ATOM   701  C  C   . PRO A 1 94  ? -1.399  5.027   5.056   1.00 24.80  ? 94   PRO A C   1 
ATOM   702  O  O   . PRO A 1 94  ? -1.176  6.201   5.373   1.00 24.25  ? 94   PRO A O   1 
ATOM   703  C  CB  . PRO A 1 94  ? 0.766   3.831   4.536   1.00 22.47  ? 94   PRO A CB  1 
ATOM   704  C  CG  . PRO A 1 94  ? 1.632   3.760   3.294   1.00 24.19  ? 94   PRO A CG  1 
ATOM   705  C  CD  . PRO A 1 94  ? 1.266   5.045   2.581   1.00 23.02  ? 94   PRO A CD  1 
ATOM   706  N  N   . CYS A 1 95  ? -2.357  4.295   5.614   1.00 24.18  ? 95   CYS A N   1 
ATOM   707  C  CA  . CYS A 1 95  ? -3.202  4.829   6.668   1.00 23.80  ? 95   CYS A CA  1 
ATOM   708  C  C   . CYS A 1 95  ? -2.369  4.869   7.955   1.00 23.95  ? 95   CYS A C   1 
ATOM   709  O  O   . CYS A 1 95  ? -1.172  4.562   7.950   1.00 23.51  ? 95   CYS A O   1 
ATOM   710  C  CB  . CYS A 1 95  ? -4.425  3.930   6.866   1.00 23.61  ? 95   CYS A CB  1 
ATOM   711  S  SG  . CYS A 1 95  ? -4.052  2.360   7.720   1.00 23.44  ? 95   CYS A SG  1 
ATOM   712  N  N   . VAL A 1 96  ? -3.005  5.246   9.054   1.00 23.26  ? 96   VAL A N   1 
ATOM   713  C  CA  . VAL A 1 96  ? -2.324  5.330   10.342  1.00 21.28  ? 96   VAL A CA  1 
ATOM   714  C  C   . VAL A 1 96  ? -1.783  3.980   10.820  1.00 20.79  ? 96   VAL A C   1 
ATOM   715  O  O   . VAL A 1 96  ? -0.651  3.890   11.293  1.00 20.01  ? 96   VAL A O   1 
ATOM   716  C  CB  . VAL A 1 96  ? -3.271  5.919   11.405  1.00 20.78  ? 96   VAL A CB  1 
ATOM   717  C  CG1 . VAL A 1 96  ? -2.678  5.754   12.802  1.00 23.46  ? 96   VAL A CG1 1 
ATOM   718  C  CG2 . VAL A 1 96  ? -3.511  7.390   11.109  1.00 20.58  ? 96   VAL A CG2 1 
ATOM   719  N  N   . MET A 1 97  ? -2.583  2.928   10.697  1.00 20.98  ? 97   MET A N   1 
ATOM   720  C  CA  . MET A 1 97  ? -2.139  1.608   11.130  1.00 21.73  ? 97   MET A CA  1 
ATOM   721  C  C   . MET A 1 97  ? -0.906  1.127   10.362  1.00 22.09  ? 97   MET A C   1 
ATOM   722  O  O   . MET A 1 97  ? 0.081   0.687   10.953  1.00 23.36  ? 97   MET A O   1 
ATOM   723  C  CB  . MET A 1 97  ? -3.262  0.578   10.963  1.00 20.72  ? 97   MET A CB  1 
ATOM   724  C  CG  . MET A 1 97  ? -2.821  -0.834  11.304  1.00 18.33  ? 97   MET A CG  1 
ATOM   725  S  SD  . MET A 1 97  ? -3.995  -2.099  10.821  1.00 24.29  ? 97   MET A SD  1 
ATOM   726  C  CE  . MET A 1 97  ? -3.956  -1.883  8.968   1.00 19.23  ? 97   MET A CE  1 
ATOM   727  N  N   . CYS A 1 98  ? -0.966  1.211   9.037   1.00 22.68  ? 98   CYS A N   1 
ATOM   728  C  CA  . CYS A 1 98  ? 0.140   0.753   8.214   1.00 21.28  ? 98   CYS A CA  1 
ATOM   729  C  C   . CYS A 1 98  ? 1.388   1.604   8.399   1.00 20.39  ? 98   CYS A C   1 
ATOM   730  O  O   . CYS A 1 98  ? 2.507   1.080   8.412   1.00 19.74  ? 98   CYS A O   1 
ATOM   731  C  CB  . CYS A 1 98  ? -0.298  0.696   6.747   1.00 21.26  ? 98   CYS A CB  1 
ATOM   732  S  SG  . CYS A 1 98  ? -1.547  -0.602  6.437   1.00 20.55  ? 98   CYS A SG  1 
ATOM   733  N  N   . SER A 1 99  ? 1.205   2.911   8.556   1.00 20.85  ? 99   SER A N   1 
ATOM   734  C  CA  . SER A 1 99  ? 2.341   3.799   8.776   1.00 21.96  ? 99   SER A CA  1 
ATOM   735  C  C   . SER A 1 99  ? 3.050   3.353   10.053  1.00 22.82  ? 99   SER A C   1 
ATOM   736  O  O   . SER A 1 99  ? 4.277   3.218   10.089  1.00 23.47  ? 99   SER A O   1 
ATOM   737  C  CB  . SER A 1 99  ? 1.873   5.247   8.932   1.00 23.07  ? 99   SER A CB  1 
ATOM   738  O  OG  . SER A 1 99  ? 1.319   5.745   7.731   1.00 23.48  ? 99   SER A OG  1 
ATOM   739  N  N   . GLY A 1 100 ? 2.268   3.123   11.104  1.00 23.18  ? 100  GLY A N   1 
ATOM   740  C  CA  . GLY A 1 100 ? 2.846   2.684   12.360  1.00 20.87  ? 100  GLY A CA  1 
ATOM   741  C  C   . GLY A 1 100 ? 3.597   1.380   12.176  1.00 20.63  ? 100  GLY A C   1 
ATOM   742  O  O   . GLY A 1 100 ? 4.681   1.190   12.729  1.00 21.61  ? 100  GLY A O   1 
ATOM   743  N  N   . ALA A 1 101 ? 3.018   0.475   11.393  1.00 21.28  ? 101  ALA A N   1 
ATOM   744  C  CA  . ALA A 1 101 ? 3.627   -0.823  11.131  1.00 21.08  ? 101  ALA A CA  1 
ATOM   745  C  C   . ALA A 1 101 ? 4.944   -0.644  10.371  1.00 23.05  ? 101  ALA A C   1 
ATOM   746  O  O   . ALA A 1 101 ? 5.942   -1.286  10.679  1.00 22.37  ? 101  ALA A O   1 
ATOM   747  C  CB  . ALA A 1 101 ? 2.669   -1.691  10.326  1.00 21.30  ? 101  ALA A CB  1 
ATOM   748  N  N   . ILE A 1 102 ? 4.933   0.235   9.374   1.00 23.15  ? 102  ILE A N   1 
ATOM   749  C  CA  . ILE A 1 102 ? 6.117   0.517   8.573   1.00 23.23  ? 102  ILE A CA  1 
ATOM   750  C  C   . ILE A 1 102 ? 7.254   1.017   9.477   1.00 24.83  ? 102  ILE A C   1 
ATOM   751  O  O   . ILE A 1 102 ? 8.423   0.667   9.288   1.00 21.62  ? 102  ILE A O   1 
ATOM   752  C  CB  . ILE A 1 102 ? 5.782   1.572   7.491   1.00 23.42  ? 102  ILE A CB  1 
ATOM   753  C  CG1 . ILE A 1 102 ? 4.810   0.957   6.473   1.00 22.36  ? 102  ILE A CG1 1 
ATOM   754  C  CG2 . ILE A 1 102 ? 7.051   2.078   6.820   1.00 21.81  ? 102  ILE A CG2 1 
ATOM   755  C  CD1 . ILE A 1 102 ? 4.256   1.945   5.456   1.00 22.91  ? 102  ILE A CD1 1 
ATOM   756  N  N   . GLY A 1 103 ? 6.903   1.832   10.466  1.00 24.34  ? 103  GLY A N   1 
ATOM   757  C  CA  . GLY A 1 103 ? 7.909   2.334   11.384  1.00 24.30  ? 103  GLY A CA  1 
ATOM   758  C  C   . GLY A 1 103 ? 8.469   1.222   12.260  1.00 24.07  ? 103  GLY A C   1 
ATOM   759  O  O   . GLY A 1 103 ? 9.667   1.170   12.532  1.00 24.74  ? 103  GLY A O   1 
ATOM   760  N  N   . LEU A 1 104 ? 7.599   0.322   12.700  1.00 23.63  ? 104  LEU A N   1 
ATOM   761  C  CA  . LEU A 1 104 ? 8.015   -0.787  13.552  1.00 23.58  ? 104  LEU A CA  1 
ATOM   762  C  C   . LEU A 1 104 ? 8.908   -1.787  12.814  1.00 25.00  ? 104  LEU A C   1 
ATOM   763  O  O   . LEU A 1 104 ? 9.740   -2.460  13.433  1.00 23.31  ? 104  LEU A O   1 
ATOM   764  C  CB  . LEU A 1 104 ? 6.780   -1.507  14.103  1.00 25.32  ? 104  LEU A CB  1 
ATOM   765  C  CG  . LEU A 1 104 ? 5.939   -0.739  15.128  1.00 24.28  ? 104  LEU A CG  1 
ATOM   766  C  CD1 . LEU A 1 104 ? 4.632   -1.484  15.367  1.00 22.12  ? 104  LEU A CD1 1 
ATOM   767  C  CD2 . LEU A 1 104 ? 6.722   -0.579  16.429  1.00 23.77  ? 104  LEU A CD2 1 
ATOM   768  N  N   . ALA A 1 105 ? 8.729   -1.886  11.498  1.00 23.14  ? 105  ALA A N   1 
ATOM   769  C  CA  . ALA A 1 105 ? 9.516   -2.805  10.672  1.00 24.65  ? 105  ALA A CA  1 
ATOM   770  C  C   . ALA A 1 105 ? 10.880  -2.217  10.329  1.00 24.84  ? 105  ALA A C   1 
ATOM   771  O  O   . ALA A 1 105 ? 11.747  -2.900  9.777   1.00 26.16  ? 105  ALA A O   1 
ATOM   772  C  CB  . ALA A 1 105 ? 8.756   -3.137  9.382   1.00 22.95  ? 105  ALA A CB  1 
ATOM   773  N  N   . ARG A 1 106 ? 11.054  -0.944  10.658  1.00 23.10  ? 106  ARG A N   1 
ATOM   774  C  CA  . ARG A 1 106 ? 12.296  -0.240  10.398  1.00 25.97  ? 106  ARG A CA  1 
ATOM   775  C  C   . ARG A 1 106 ? 12.573  -0.061  8.906   1.00 24.69  ? 106  ARG A C   1 
ATOM   776  O  O   . ARG A 1 106 ? 13.725  0.024   8.489   1.00 23.81  ? 106  ARG A O   1 
ATOM   777  C  CB  . ARG A 1 106 ? 13.469  -0.954  11.085  1.00 27.53  ? 106  ARG A CB  1 
ATOM   778  C  CG  . ARG A 1 106 ? 13.343  -0.974  12.608  1.00 32.26  ? 106  ARG A CG  1 
ATOM   779  C  CD  . ARG A 1 106 ? 13.164  0.444   13.134  1.00 39.18  ? 106  ARG A CD  1 
ATOM   780  N  NE  . ARG A 1 106 ? 12.202  0.521   14.236  1.00 45.63  ? 106  ARG A NE  1 
ATOM   781  C  CZ  . ARG A 1 106 ? 11.615  1.648   14.640  1.00 46.39  ? 106  ARG A CZ  1 
ATOM   782  N  NH1 . ARG A 1 106 ? 11.891  2.799   14.033  1.00 45.51  ? 106  ARG A NH1 1 
ATOM   783  N  NH2 . ARG A 1 106 ? 10.744  1.623   15.642  1.00 46.53  ? 106  ARG A NH2 1 
ATOM   784  N  N   . ILE A 1 107 ? 11.506  0.001   8.110   1.00 24.11  ? 107  ILE A N   1 
ATOM   785  C  CA  . ILE A 1 107 ? 11.638  0.208   6.671   1.00 22.38  ? 107  ILE A CA  1 
ATOM   786  C  C   . ILE A 1 107 ? 12.058  1.666   6.490   1.00 22.44  ? 107  ILE A C   1 
ATOM   787  O  O   . ILE A 1 107 ? 11.327  2.585   6.855   1.00 24.01  ? 107  ILE A O   1 
ATOM   788  C  CB  . ILE A 1 107 ? 10.302  -0.054  5.954   1.00 21.59  ? 107  ILE A CB  1 
ATOM   789  C  CG1 . ILE A 1 107 ? 9.945   -1.539  6.080   1.00 21.01  ? 107  ILE A CG1 1 
ATOM   790  C  CG2 . ILE A 1 107 ? 10.399  0.383   4.496   1.00 17.61  ? 107  ILE A CG2 1 
ATOM   791  C  CD1 . ILE A 1 107 ? 8.523   -1.875  5.667   1.00 18.33  ? 107  ILE A CD1 1 
ATOM   792  N  N   . PRO A 1 108 ? 13.242  1.894   5.910   1.00 23.71  ? 108  PRO A N   1 
ATOM   793  C  CA  . PRO A 1 108 ? 13.803  3.229   5.677   1.00 23.56  ? 108  PRO A CA  1 
ATOM   794  C  C   . PRO A 1 108 ? 13.319  3.992   4.456   1.00 24.61  ? 108  PRO A C   1 
ATOM   795  O  O   . PRO A 1 108 ? 13.541  5.203   4.351   1.00 25.71  ? 108  PRO A O   1 
ATOM   796  C  CB  . PRO A 1 108 ? 15.293  2.941   5.578   1.00 22.58  ? 108  PRO A CB  1 
ATOM   797  C  CG  . PRO A 1 108 ? 15.297  1.646   4.803   1.00 20.31  ? 108  PRO A CG  1 
ATOM   798  C  CD  . PRO A 1 108 ? 14.175  0.845   5.445   1.00 23.23  ? 108  PRO A CD  1 
ATOM   799  N  N   . HIS A 1 109 ? 12.646  3.301   3.543   1.00 23.92  ? 109  HIS A N   1 
ATOM   800  C  CA  . HIS A 1 109 ? 12.229  3.936   2.300   1.00 23.00  ? 109  HIS A CA  1 
ATOM   801  C  C   . HIS A 1 109 ? 10.815  3.547   1.859   1.00 21.20  ? 109  HIS A C   1 
ATOM   802  O  O   . HIS A 1 109 ? 10.514  2.370   1.673   1.00 20.86  ? 109  HIS A O   1 
ATOM   803  C  CB  . HIS A 1 109 ? 13.256  3.546   1.229   1.00 22.25  ? 109  HIS A CB  1 
ATOM   804  C  CG  . HIS A 1 109 ? 13.214  4.382   -0.011  1.00 24.87  ? 109  HIS A CG  1 
ATOM   805  N  ND1 . HIS A 1 109 ? 13.914  4.044   -1.151  1.00 23.67  ? 109  HIS A ND1 1 
ATOM   806  C  CD2 . HIS A 1 109 ? 12.585  5.548   -0.289  1.00 24.76  ? 109  HIS A CD2 1 
ATOM   807  C  CE1 . HIS A 1 109 ? 13.719  4.965   -2.074  1.00 23.72  ? 109  HIS A CE1 1 
ATOM   808  N  NE2 . HIS A 1 109 ? 12.917  5.889   -1.578  1.00 24.55  ? 109  HIS A NE2 1 
ATOM   809  N  N   . VAL A 1 110 ? 9.954   4.543   1.690   1.00 20.44  ? 110  VAL A N   1 
ATOM   810  C  CA  . VAL A 1 110 ? 8.585   4.287   1.259   1.00 23.73  ? 110  VAL A CA  1 
ATOM   811  C  C   . VAL A 1 110 ? 8.192   5.166   0.076   1.00 23.05  ? 110  VAL A C   1 
ATOM   812  O  O   . VAL A 1 110 ? 8.404   6.378   0.082   1.00 24.01  ? 110  VAL A O   1 
ATOM   813  C  CB  . VAL A 1 110 ? 7.567   4.527   2.399   1.00 25.59  ? 110  VAL A CB  1 
ATOM   814  C  CG1 . VAL A 1 110 ? 7.708   5.942   2.925   1.00 33.00  ? 110  VAL A CG1 1 
ATOM   815  C  CG2 . VAL A 1 110 ? 6.150   4.324   1.884   1.00 27.77  ? 110  VAL A CG2 1 
ATOM   816  N  N   . ILE A 1 111 ? 7.612   4.542   -0.940  1.00 23.22  ? 111  ILE A N   1 
ATOM   817  C  CA  . ILE A 1 111 ? 7.170   5.265   -2.121  1.00 22.80  ? 111  ILE A CA  1 
ATOM   818  C  C   . ILE A 1 111 ? 5.707   4.930   -2.384  1.00 21.99  ? 111  ILE A C   1 
ATOM   819  O  O   . ILE A 1 111 ? 5.358   3.763   -2.544  1.00 21.75  ? 111  ILE A O   1 
ATOM   820  C  CB  . ILE A 1 111 ? 8.009   4.863   -3.344  1.00 22.68  ? 111  ILE A CB  1 
ATOM   821  C  CG1 . ILE A 1 111 ? 9.496   5.037   -3.016  1.00 21.51  ? 111  ILE A CG1 1 
ATOM   822  C  CG2 . ILE A 1 111 ? 7.595   5.696   -4.553  1.00 21.96  ? 111  ILE A CG2 1 
ATOM   823  C  CD1 . ILE A 1 111 ? 10.446  4.547   -4.074  1.00 21.33  ? 111  ILE A CD1 1 
ATOM   824  N  N   . TYR A 1 112 ? 4.841   5.938   -2.395  1.00 22.18  ? 112  TYR A N   1 
ATOM   825  C  CA  . TYR A 1 112 ? 3.437   5.667   -2.679  1.00 23.85  ? 112  TYR A CA  1 
ATOM   826  C  C   . TYR A 1 112 ? 2.955   6.477   -3.873  1.00 24.23  ? 112  TYR A C   1 
ATOM   827  O  O   . TYR A 1 112 ? 3.538   7.510   -4.213  1.00 23.67  ? 112  TYR A O   1 
ATOM   828  C  CB  . TYR A 1 112 ? 2.544   5.929   -1.451  1.00 22.53  ? 112  TYR A CB  1 
ATOM   829  C  CG  . TYR A 1 112 ? 2.423   7.372   -1.009  1.00 24.17  ? 112  TYR A CG  1 
ATOM   830  C  CD1 . TYR A 1 112 ? 3.195   7.866   0.042   1.00 24.11  ? 112  TYR A CD1 1 
ATOM   831  C  CD2 . TYR A 1 112 ? 1.508   8.231   -1.612  1.00 23.74  ? 112  TYR A CD2 1 
ATOM   832  C  CE1 . TYR A 1 112 ? 3.054   9.178   0.484   1.00 25.13  ? 112  TYR A CE1 1 
ATOM   833  C  CE2 . TYR A 1 112 ? 1.361   9.546   -1.177  1.00 24.39  ? 112  TYR A CE2 1 
ATOM   834  C  CZ  . TYR A 1 112 ? 2.135   10.010  -0.127  1.00 26.41  ? 112  TYR A CZ  1 
ATOM   835  O  OH  . TYR A 1 112 ? 1.984   11.306  0.317   1.00 29.55  ? 112  TYR A OH  1 
ATOM   836  N  N   . GLY A 1 113 ? 1.898   5.986   -4.514  1.00 24.71  ? 113  GLY A N   1 
ATOM   837  C  CA  . GLY A 1 113 ? 1.343   6.654   -5.677  1.00 25.21  ? 113  GLY A CA  1 
ATOM   838  C  C   . GLY A 1 113 ? 0.467   7.845   -5.351  1.00 26.40  ? 113  GLY A C   1 
ATOM   839  O  O   . GLY A 1 113 ? 0.952   8.974   -5.248  1.00 28.50  ? 113  GLY A O   1 
ATOM   840  N  N   . ALA A 1 114 ? -0.827  7.599   -5.188  1.00 26.97  ? 114  ALA A N   1 
ATOM   841  C  CA  . ALA A 1 114 ? -1.775  8.665   -4.882  1.00 28.92  ? 114  ALA A CA  1 
ATOM   842  C  C   . ALA A 1 114 ? -1.921  8.861   -3.378  1.00 30.21  ? 114  ALA A C   1 
ATOM   843  O  O   . ALA A 1 114 ? -1.783  7.914   -2.603  1.00 30.14  ? 114  ALA A O   1 
ATOM   844  C  CB  . ALA A 1 114 ? -3.131  8.342   -5.501  1.00 28.31  ? 114  ALA A CB  1 
ATOM   845  N  N   . SER A 1 115 ? -2.210  10.091  -2.965  1.00 31.15  ? 115  SER A N   1 
ATOM   846  C  CA  . SER A 1 115 ? -2.370  10.397  -1.551  1.00 32.26  ? 115  SER A CA  1 
ATOM   847  C  C   . SER A 1 115 ? -3.719  9.913   -1.023  1.00 33.24  ? 115  SER A C   1 
ATOM   848  O  O   . SER A 1 115 ? -4.651  9.655   -1.790  1.00 32.79  ? 115  SER A O   1 
ATOM   849  C  CB  . SER A 1 115 ? -2.248  11.903  -1.322  1.00 34.44  ? 115  SER A CB  1 
ATOM   850  O  OG  . SER A 1 115 ? -3.391  12.577  -1.818  1.00 37.03  ? 115  SER A OG  1 
ATOM   851  N  N   . ASN A 1 116 ? -3.809  9.789   0.296   1.00 33.26  ? 116  ASN A N   1 
ATOM   852  C  CA  . ASN A 1 116 ? -5.033  9.352   0.959   1.00 33.74  ? 116  ASN A CA  1 
ATOM   853  C  C   . ASN A 1 116 ? -5.483  10.512  1.841   1.00 34.58  ? 116  ASN A C   1 
ATOM   854  O  O   . ASN A 1 116 ? -5.097  10.619  3.002   1.00 33.91  ? 116  ASN A O   1 
ATOM   855  C  CB  . ASN A 1 116 ? -4.748  8.113   1.807   1.00 34.05  ? 116  ASN A CB  1 
ATOM   856  C  CG  . ASN A 1 116 ? -6.011  7.407   2.263   1.00 34.32  ? 116  ASN A CG  1 
ATOM   857  O  OD1 . ASN A 1 116 ? -5.947  6.306   2.805   1.00 35.95  ? 116  ASN A OD1 1 
ATOM   858  N  ND2 . ASN A 1 116 ? -7.160  8.033   2.051   1.00 32.10  ? 116  ASN A ND2 1 
ATOM   859  N  N   . GLN A 1 117 ? -6.296  11.387  1.264   1.00 36.32  ? 117  GLN A N   1 
ATOM   860  C  CA  . GLN A 1 117 ? -6.792  12.573  1.954   1.00 38.99  ? 117  GLN A CA  1 
ATOM   861  C  C   . GLN A 1 117 ? -7.733  12.291  3.128   1.00 39.32  ? 117  GLN A C   1 
ATOM   862  O  O   . GLN A 1 117 ? -7.888  13.128  4.016   1.00 38.51  ? 117  GLN A O   1 
ATOM   863  C  CB  . GLN A 1 117 ? -7.479  13.481  0.934   1.00 40.54  ? 117  GLN A CB  1 
ATOM   864  C  CG  . GLN A 1 117 ? -6.578  13.830  -0.236  1.00 46.97  ? 117  GLN A CG  1 
ATOM   865  C  CD  . GLN A 1 117 ? -7.334  14.405  -1.419  1.00 51.94  ? 117  GLN A CD  1 
ATOM   866  O  OE1 . GLN A 1 117 ? -8.274  13.787  -1.932  1.00 54.31  ? 117  GLN A OE1 1 
ATOM   867  N  NE2 . GLN A 1 117 ? -6.921  15.592  -1.867  1.00 52.57  ? 117  GLN A NE2 1 
ATOM   868  N  N   . LYS A 1 118 ? -8.350  11.116  3.142   1.00 39.89  ? 118  LYS A N   1 
ATOM   869  C  CA  . LYS A 1 118 ? -9.272  10.771  4.215   1.00 41.26  ? 118  LYS A CA  1 
ATOM   870  C  C   . LYS A 1 118 ? -8.657  9.990   5.376   1.00 40.70  ? 118  LYS A C   1 
ATOM   871  O  O   . LYS A 1 118 ? -9.027  10.208  6.531   1.00 40.39  ? 118  LYS A O   1 
ATOM   872  C  CB  . LYS A 1 118 ? -10.465 9.989   3.652   1.00 43.21  ? 118  LYS A CB  1 
ATOM   873  C  CG  . LYS A 1 118 ? -11.413 10.828  2.817   1.00 47.32  ? 118  LYS A CG  1 
ATOM   874  C  CD  . LYS A 1 118 ? -12.591 10.004  2.322   1.00 50.69  ? 118  LYS A CD  1 
ATOM   875  C  CE  . LYS A 1 118 ? -13.569 10.864  1.531   1.00 51.81  ? 118  LYS A CE  1 
ATOM   876  N  NZ  . LYS A 1 118 ? -14.777 10.098  1.111   1.00 53.60  ? 118  LYS A NZ  1 
ATOM   877  N  N   . PHE A 1 119 ? -7.726  9.085   5.082   1.00 39.20  ? 119  PHE A N   1 
ATOM   878  C  CA  . PHE A 1 119 ? -7.107  8.283   6.136   1.00 38.08  ? 119  PHE A CA  1 
ATOM   879  C  C   . PHE A 1 119 ? -5.578  8.292   6.096   1.00 36.27  ? 119  PHE A C   1 
ATOM   880  O  O   . PHE A 1 119 ? -4.936  7.575   6.861   1.00 36.25  ? 119  PHE A O   1 
ATOM   881  C  CB  . PHE A 1 119 ? -7.593  6.828   6.050   1.00 41.17  ? 119  PHE A CB  1 
ATOM   882  C  CG  . PHE A 1 119 ? -9.077  6.687   5.813   1.00 43.89  ? 119  PHE A CG  1 
ATOM   883  C  CD1 . PHE A 1 119 ? -9.591  6.674   4.518   1.00 45.36  ? 119  PHE A CD1 1 
ATOM   884  C  CD2 . PHE A 1 119 ? -9.961  6.587   6.882   1.00 44.90  ? 119  PHE A CD2 1 
ATOM   885  C  CE1 . PHE A 1 119 ? -10.964 6.562   4.293   1.00 44.80  ? 119  PHE A CE1 1 
ATOM   886  C  CE2 . PHE A 1 119 ? -11.337 6.475   6.667   1.00 45.05  ? 119  PHE A CE2 1 
ATOM   887  C  CZ  . PHE A 1 119 ? -11.838 6.463   5.370   1.00 44.73  ? 119  PHE A CZ  1 
ATOM   888  N  N   . GLY A 1 120 ? -5.001  9.103   5.213   1.00 33.59  ? 120  GLY A N   1 
ATOM   889  C  CA  . GLY A 1 120 ? -3.551  9.167   5.080   1.00 32.23  ? 120  GLY A CA  1 
ATOM   890  C  C   . GLY A 1 120 ? -2.762  9.482   6.340   1.00 30.61  ? 120  GLY A C   1 
ATOM   891  O  O   . GLY A 1 120 ? -2.970  10.522  6.967   1.00 30.79  ? 120  GLY A O   1 
ATOM   892  N  N   . GLY A 1 121 ? -1.833  8.601   6.701   1.00 28.20  ? 121  GLY A N   1 
ATOM   893  C  CA  . GLY A 1 121 ? -1.040  8.824   7.896   1.00 27.81  ? 121  GLY A CA  1 
ATOM   894  C  C   . GLY A 1 121 ? 0.407   9.213   7.651   1.00 28.07  ? 121  GLY A C   1 
ATOM   895  O  O   . GLY A 1 121 ? 1.194   9.307   8.591   1.00 28.41  ? 121  GLY A O   1 
ATOM   896  N  N   . VAL A 1 122 ? 0.769   9.448   6.396   1.00 27.82  ? 122  VAL A N   1 
ATOM   897  C  CA  . VAL A 1 122 ? 2.142   9.819   6.074   1.00 27.69  ? 122  VAL A CA  1 
ATOM   898  C  C   . VAL A 1 122 ? 2.271   11.316  5.817   1.00 29.31  ? 122  VAL A C   1 
ATOM   899  O  O   . VAL A 1 122 ? 3.244   11.947  6.242   1.00 29.04  ? 122  VAL A O   1 
ATOM   900  C  CB  . VAL A 1 122 ? 2.656   9.044   4.833   1.00 27.80  ? 122  VAL A CB  1 
ATOM   901  C  CG1 . VAL A 1 122 ? 4.105   9.423   4.535   1.00 25.20  ? 122  VAL A CG1 1 
ATOM   902  C  CG2 . VAL A 1 122 ? 2.541   7.547   5.074   1.00 25.22  ? 122  VAL A CG2 1 
ATOM   903  N  N   . ASP A 1 123 ? 1.284   11.881  5.129   1.00 30.07  ? 123  ASP A N   1 
ATOM   904  C  CA  . ASP A 1 123 ? 1.293   13.305  4.817   1.00 32.44  ? 123  ASP A CA  1 
ATOM   905  C  C   . ASP A 1 123 ? -0.060  13.958  5.042   1.00 32.50  ? 123  ASP A C   1 
ATOM   906  O  O   . ASP A 1 123 ? -0.139  15.065  5.558   1.00 34.10  ? 123  ASP A O   1 
ATOM   907  C  CB  . ASP A 1 123 ? 1.698   13.541  3.355   1.00 33.46  ? 123  ASP A CB  1 
ATOM   908  C  CG  . ASP A 1 123 ? 3.126   13.133  3.066   1.00 36.36  ? 123  ASP A CG  1 
ATOM   909  O  OD1 . ASP A 1 123 ? 4.046   13.669  3.716   1.00 38.13  ? 123  ASP A OD1 1 
ATOM   910  O  OD2 . ASP A 1 123 ? 3.333   12.278  2.181   1.00 39.34  ? 123  ASP A OD2 1 
ATOM   911  N  N   . SER A 1 124 ? -1.126  13.265  4.655   1.00 33.59  ? 124  SER A N   1 
ATOM   912  C  CA  . SER A 1 124 ? -2.471  13.819  4.768   1.00 33.28  ? 124  SER A CA  1 
ATOM   913  C  C   . SER A 1 124 ? -2.947  14.186  6.166   1.00 34.65  ? 124  SER A C   1 
ATOM   914  O  O   . SER A 1 124 ? -2.951  15.364  6.523   1.00 36.71  ? 124  SER A O   1 
ATOM   915  C  CB  . SER A 1 124 ? -3.473  12.875  4.109   1.00 33.23  ? 124  SER A CB  1 
ATOM   916  O  OG  . SER A 1 124 ? -3.161  12.715  2.737   1.00 29.59  ? 124  SER A OG  1 
ATOM   917  N  N   . LEU A 1 125 ? -3.358  13.194  6.953   1.00 34.50  ? 125  LEU A N   1 
ATOM   918  C  CA  . LEU A 1 125 ? -3.852  13.461  8.304   1.00 34.66  ? 125  LEU A CA  1 
ATOM   919  C  C   . LEU A 1 125 ? -2.742  13.511  9.338   1.00 34.34  ? 125  LEU A C   1 
ATOM   920  O  O   . LEU A 1 125 ? -2.795  14.308  10.268  1.00 35.14  ? 125  LEU A O   1 
ATOM   921  C  CB  . LEU A 1 125 ? -4.877  12.407  8.723   1.00 34.62  ? 125  LEU A CB  1 
ATOM   922  C  CG  . LEU A 1 125 ? -6.116  12.243  7.842   1.00 36.97  ? 125  LEU A CG  1 
ATOM   923  C  CD1 . LEU A 1 125 ? -7.061  11.268  8.512   1.00 36.22  ? 125  LEU A CD1 1 
ATOM   924  C  CD2 . LEU A 1 125 ? -6.808  13.582  7.626   1.00 37.06  ? 125  LEU A CD2 1 
ATOM   925  N  N   . TYR A 1 126 ? -1.746  12.645  9.181   1.00 34.20  ? 126  TYR A N   1 
ATOM   926  C  CA  . TYR A 1 126 ? -0.615  12.593  10.106  1.00 34.26  ? 126  TYR A CA  1 
ATOM   927  C  C   . TYR A 1 126 ? 0.686   12.473  9.321   1.00 34.17  ? 126  TYR A C   1 
ATOM   928  O  O   . TYR A 1 126 ? 0.670   12.279  8.112   1.00 34.74  ? 126  TYR A O   1 
ATOM   929  C  CB  . TYR A 1 126 ? -0.718  11.381  11.039  1.00 33.39  ? 126  TYR A CB  1 
ATOM   930  C  CG  . TYR A 1 126 ? -1.951  11.329  11.911  1.00 33.58  ? 126  TYR A CG  1 
ATOM   931  C  CD1 . TYR A 1 126 ? -3.187  10.950  11.388  1.00 34.87  ? 126  TYR A CD1 1 
ATOM   932  C  CD2 . TYR A 1 126 ? -1.874  11.627  13.271  1.00 35.04  ? 126  TYR A CD2 1 
ATOM   933  C  CE1 . TYR A 1 126 ? -4.314  10.867  12.201  1.00 35.16  ? 126  TYR A CE1 1 
ATOM   934  C  CE2 . TYR A 1 126 ? -2.993  11.551  14.091  1.00 35.06  ? 126  TYR A CE2 1 
ATOM   935  C  CZ  . TYR A 1 126 ? -4.207  11.168  13.550  1.00 35.58  ? 126  TYR A CZ  1 
ATOM   936  O  OH  . TYR A 1 126 ? -5.309  11.075  14.363  1.00 36.79  ? 126  TYR A OH  1 
ATOM   937  N  N   . GLN A 1 127 ? 1.807   12.592  10.024  1.00 34.61  ? 127  GLN A N   1 
ATOM   938  C  CA  . GLN A 1 127 ? 3.128   12.459  9.421   1.00 35.93  ? 127  GLN A CA  1 
ATOM   939  C  C   . GLN A 1 127 ? 3.909   11.481  10.292  1.00 33.87  ? 127  GLN A C   1 
ATOM   940  O  O   . GLN A 1 127 ? 4.981   11.802  10.797  1.00 32.98  ? 127  GLN A O   1 
ATOM   941  C  CB  . GLN A 1 127 ? 3.862   13.807  9.376   1.00 37.50  ? 127  GLN A CB  1 
ATOM   942  C  CG  . GLN A 1 127 ? 3.265   14.833  8.429   1.00 41.98  ? 127  GLN A CG  1 
ATOM   943  C  CD  . GLN A 1 127 ? 1.980   15.435  8.955   1.00 46.56  ? 127  GLN A CD  1 
ATOM   944  O  OE1 . GLN A 1 127 ? 1.960   16.045  10.026  1.00 50.50  ? 127  GLN A OE1 1 
ATOM   945  N  NE2 . GLN A 1 127 ? 0.896   15.274  8.201   1.00 49.23  ? 127  GLN A NE2 1 
ATOM   946  N  N   . ILE A 1 128 ? 3.359   10.282  10.446  1.00 32.67  ? 128  ILE A N   1 
ATOM   947  C  CA  . ILE A 1 128 ? 3.957   9.237   11.275  1.00 32.52  ? 128  ILE A CA  1 
ATOM   948  C  C   . ILE A 1 128 ? 5.350   8.742   10.868  1.00 33.49  ? 128  ILE A C   1 
ATOM   949  O  O   . ILE A 1 128 ? 6.192   8.495   11.724  1.00 34.49  ? 128  ILE A O   1 
ATOM   950  C  CB  . ILE A 1 128 ? 3.006   8.014   11.362  1.00 30.38  ? 128  ILE A CB  1 
ATOM   951  C  CG1 . ILE A 1 128 ? 1.661   8.452   11.951  1.00 30.25  ? 128  ILE A CG1 1 
ATOM   952  C  CG2 . ILE A 1 128 ? 3.621   6.923   12.224  1.00 28.21  ? 128  ILE A CG2 1 
ATOM   953  C  CD1 . ILE A 1 128 ? 0.575   7.402   11.857  1.00 30.87  ? 128  ILE A CD1 1 
ATOM   954  N  N   . LEU A 1 129 ? 5.599   8.599   9.572   1.00 33.31  ? 129  LEU A N   1 
ATOM   955  C  CA  . LEU A 1 129 ? 6.887   8.096   9.100   1.00 31.40  ? 129  LEU A CA  1 
ATOM   956  C  C   . LEU A 1 129 ? 8.062   9.053   9.259   1.00 32.03  ? 129  LEU A C   1 
ATOM   957  O  O   . LEU A 1 129 ? 9.212   8.655   9.102   1.00 30.20  ? 129  LEU A O   1 
ATOM   958  C  CB  . LEU A 1 129 ? 6.773   7.670   7.633   1.00 30.82  ? 129  LEU A CB  1 
ATOM   959  C  CG  . LEU A 1 129 ? 5.724   6.596   7.315   1.00 29.92  ? 129  LEU A CG  1 
ATOM   960  C  CD1 . LEU A 1 129 ? 5.942   6.078   5.891   1.00 27.26  ? 129  LEU A CD1 1 
ATOM   961  C  CD2 . LEU A 1 129 ? 5.827   5.452   8.311   1.00 26.25  ? 129  LEU A CD2 1 
ATOM   962  N  N   . THR A 1 130 ? 7.782   10.312  9.571   1.00 34.35  ? 130  THR A N   1 
ATOM   963  C  CA  . THR A 1 130 ? 8.847   11.294  9.740   1.00 38.19  ? 130  THR A CA  1 
ATOM   964  C  C   . THR A 1 130 ? 8.760   11.983  11.097  1.00 42.11  ? 130  THR A C   1 
ATOM   965  O  O   . THR A 1 130 ? 9.419   12.994  11.339  1.00 41.20  ? 130  THR A O   1 
ATOM   966  C  CB  . THR A 1 130 ? 8.794   12.360  8.632   1.00 37.41  ? 130  THR A CB  1 
ATOM   967  O  OG1 . THR A 1 130 ? 7.512   12.997  8.644   1.00 37.72  ? 130  THR A OG1 1 
ATOM   968  C  CG2 . THR A 1 130 ? 9.026   11.720  7.266   1.00 36.76  ? 130  THR A CG2 1 
ATOM   969  N  N   . ASP A 1 131 ? 7.943   11.417  11.980  1.00 46.65  ? 131  ASP A N   1 
ATOM   970  C  CA  . ASP A 1 131 ? 7.751   11.953  13.322  1.00 50.52  ? 131  ASP A CA  1 
ATOM   971  C  C   . ASP A 1 131 ? 8.985   11.697  14.176  1.00 52.24  ? 131  ASP A C   1 
ATOM   972  O  O   . ASP A 1 131 ? 9.380   10.549  14.384  1.00 52.69  ? 131  ASP A O   1 
ATOM   973  C  CB  . ASP A 1 131 ? 6.531   11.296  13.969  1.00 51.64  ? 131  ASP A CB  1 
ATOM   974  C  CG  . ASP A 1 131 ? 6.304   11.753  15.393  1.00 53.53  ? 131  ASP A CG  1 
ATOM   975  O  OD1 . ASP A 1 131 ? 7.246   11.676  16.204  1.00 55.25  ? 131  ASP A OD1 1 
ATOM   976  O  OD2 . ASP A 1 131 ? 5.179   12.184  15.710  1.00 54.65  ? 131  ASP A OD2 1 
ATOM   977  N  N   . GLU A 1 132 ? 9.583   12.770  14.681  1.00 55.10  ? 132  GLU A N   1 
ATOM   978  C  CA  . GLU A 1 132 ? 10.776  12.668  15.515  1.00 56.79  ? 132  GLU A CA  1 
ATOM   979  C  C   . GLU A 1 132 ? 10.519  11.955  16.843  1.00 56.44  ? 132  GLU A C   1 
ATOM   980  O  O   . GLU A 1 132 ? 11.373  11.208  17.322  1.00 55.73  ? 132  GLU A O   1 
ATOM   981  C  CB  . GLU A 1 132 ? 11.348  14.062  15.777  1.00 59.39  ? 132  GLU A CB  1 
ATOM   982  C  CG  . GLU A 1 132 ? 11.679  14.831  14.506  1.00 63.49  ? 132  GLU A CG  1 
ATOM   983  C  CD  . GLU A 1 132 ? 12.405  16.136  14.774  1.00 65.66  ? 132  GLU A CD  1 
ATOM   984  O  OE1 . GLU A 1 132 ? 12.684  16.865  13.798  1.00 66.92  ? 132  GLU A OE1 1 
ATOM   985  O  OE2 . GLU A 1 132 ? 12.698  16.432  15.956  1.00 67.00  ? 132  GLU A OE2 1 
ATOM   986  N  N   . ARG A 1 133 ? 9.349   12.186  17.436  1.00 56.27  ? 133  ARG A N   1 
ATOM   987  C  CA  . ARG A 1 133 ? 8.997   11.552  18.709  1.00 55.63  ? 133  ARG A CA  1 
ATOM   988  C  C   . ARG A 1 133 ? 9.175   10.040  18.591  1.00 55.24  ? 133  ARG A C   1 
ATOM   989  O  O   . ARG A 1 133 ? 9.698   9.393   19.497  1.00 55.63  ? 133  ARG A O   1 
ATOM   990  C  CB  . ARG A 1 133 ? 7.542   11.833  19.078  1.00 56.00  ? 133  ARG A CB  1 
ATOM   991  C  CG  . ARG A 1 133 ? 7.029   13.211  18.720  1.00 56.97  ? 133  ARG A CG  1 
ATOM   992  C  CD  . ARG A 1 133 ? 5.513   13.182  18.714  1.00 57.69  ? 133  ARG A CD  1 
ATOM   993  N  NE  . ARG A 1 133 ? 4.935   14.245  17.903  1.00 59.14  ? 133  ARG A NE  1 
ATOM   994  C  CZ  . ARG A 1 133 ? 3.653   14.301  17.560  1.00 60.06  ? 133  ARG A CZ  1 
ATOM   995  N  NH1 . ARG A 1 133 ? 2.818   13.350  17.958  1.00 60.36  ? 133  ARG A NH1 1 
ATOM   996  N  NH2 . ARG A 1 133 ? 3.203   15.306  16.818  1.00 60.33  ? 133  ARG A NH2 1 
ATOM   997  N  N   . LEU A 1 134 ? 8.721   9.483   17.472  1.00 54.55  ? 134  LEU A N   1 
ATOM   998  C  CA  . LEU A 1 134 ? 8.838   8.049   17.237  1.00 54.13  ? 134  LEU A CA  1 
ATOM   999  C  C   . LEU A 1 134 ? 10.174  7.780   16.561  1.00 54.37  ? 134  LEU A C   1 
ATOM   1000 O  O   . LEU A 1 134 ? 10.545  6.637   16.300  1.00 53.31  ? 134  LEU A O   1 
ATOM   1001 C  CB  . LEU A 1 134 ? 7.678   7.560   16.359  1.00 53.73  ? 134  LEU A CB  1 
ATOM   1002 C  CG  . LEU A 1 134 ? 6.281   7.647   16.990  1.00 52.42  ? 134  LEU A CG  1 
ATOM   1003 C  CD1 . LEU A 1 134 ? 5.232   7.105   16.040  1.00 51.54  ? 134  LEU A CD1 1 
ATOM   1004 C  CD2 . LEU A 1 134 ? 6.265   6.854   18.283  1.00 51.93  ? 134  LEU A CD2 1 
ATOM   1005 N  N   . ASN A 1 135 ? 10.892  8.863   16.297  1.00 56.04  ? 135  ASN A N   1 
ATOM   1006 C  CA  . ASN A 1 135 ? 12.198  8.821   15.654  1.00 56.77  ? 135  ASN A CA  1 
ATOM   1007 C  C   . ASN A 1 135 ? 12.202  8.107   14.306  1.00 55.17  ? 135  ASN A C   1 
ATOM   1008 O  O   . ASN A 1 135 ? 13.257  7.703   13.819  1.00 55.40  ? 135  ASN A O   1 
ATOM   1009 C  CB  . ASN A 1 135 ? 13.241  8.175   16.573  1.00 58.49  ? 135  ASN A CB  1 
ATOM   1010 C  CG  . ASN A 1 135 ? 14.660  8.345   16.047  1.00 60.00  ? 135  ASN A CG  1 
ATOM   1011 O  OD1 . ASN A 1 135 ? 15.108  9.467   15.794  1.00 60.23  ? 135  ASN A OD1 1 
ATOM   1012 N  ND2 . ASN A 1 135 ? 15.371  7.232   15.874  1.00 60.01  ? 135  ASN A ND2 1 
ATOM   1013 N  N   . HIS A 1 136 ? 11.031  7.936   13.705  1.00 52.39  ? 136  HIS A N   1 
ATOM   1014 C  CA  . HIS A 1 136 ? 10.992  7.298   12.402  1.00 50.38  ? 136  HIS A CA  1 
ATOM   1015 C  C   . HIS A 1 136 ? 11.685  8.282   11.471  1.00 49.87  ? 136  HIS A C   1 
ATOM   1016 O  O   . HIS A 1 136 ? 11.364  9.471   11.467  1.00 51.67  ? 136  HIS A O   1 
ATOM   1017 C  CB  . HIS A 1 136 ? 9.553   7.065   11.938  1.00 48.23  ? 136  HIS A CB  1 
ATOM   1018 C  CG  . HIS A 1 136 ? 8.783   6.113   12.799  1.00 46.13  ? 136  HIS A CG  1 
ATOM   1019 N  ND1 . HIS A 1 136 ? 9.368   5.030   13.419  1.00 43.60  ? 136  HIS A ND1 1 
ATOM   1020 C  CD2 . HIS A 1 136 ? 7.467   6.061   13.113  1.00 43.16  ? 136  HIS A CD2 1 
ATOM   1021 C  CE1 . HIS A 1 136 ? 8.445   4.353   14.078  1.00 42.91  ? 136  HIS A CE1 1 
ATOM   1022 N  NE2 . HIS A 1 136 ? 7.284   4.956   13.907  1.00 42.33  ? 136  HIS A NE2 1 
ATOM   1023 N  N   . ARG A 1 137 ? 12.655  7.801   10.706  1.00 48.37  ? 137  ARG A N   1 
ATOM   1024 C  CA  . ARG A 1 137 ? 13.370  8.677   9.790   1.00 46.67  ? 137  ARG A CA  1 
ATOM   1025 C  C   . ARG A 1 137 ? 13.296  8.082   8.394   1.00 42.69  ? 137  ARG A C   1 
ATOM   1026 O  O   . ARG A 1 137 ? 14.310  7.844   7.742   1.00 41.13  ? 137  ARG A O   1 
ATOM   1027 C  CB  . ARG A 1 137 ? 14.828  8.830   10.236  1.00 50.85  ? 137  ARG A CB  1 
ATOM   1028 C  CG  . ARG A 1 137 ? 15.520  10.050  9.648   1.00 56.80  ? 137  ARG A CG  1 
ATOM   1029 C  CD  . ARG A 1 137 ? 14.717  11.317  9.941   1.00 61.37  ? 137  ARG A CD  1 
ATOM   1030 N  NE  . ARG A 1 137 ? 15.358  12.519  9.416   1.00 65.30  ? 137  ARG A NE  1 
ATOM   1031 C  CZ  . ARG A 1 137 ? 16.489  13.033  9.888   1.00 67.49  ? 137  ARG A CZ  1 
ATOM   1032 N  NH1 . ARG A 1 137 ? 17.116  12.450  10.904  1.00 67.63  ? 137  ARG A NH1 1 
ATOM   1033 N  NH2 . ARG A 1 137 ? 16.997  14.130  9.339   1.00 69.11  ? 137  ARG A NH2 1 
ATOM   1034 N  N   . VAL A 1 138 ? 12.070  7.847   7.946   1.00 37.72  ? 138  VAL A N   1 
ATOM   1035 C  CA  . VAL A 1 138 ? 11.820  7.261   6.639   1.00 33.92  ? 138  VAL A CA  1 
ATOM   1036 C  C   . VAL A 1 138 ? 11.911  8.283   5.511   1.00 31.06  ? 138  VAL A C   1 
ATOM   1037 O  O   . VAL A 1 138 ? 11.439  9.407   5.643   1.00 30.80  ? 138  VAL A O   1 
ATOM   1038 C  CB  . VAL A 1 138 ? 10.406  6.617   6.595   1.00 32.10  ? 138  VAL A CB  1 
ATOM   1039 C  CG1 . VAL A 1 138 ? 10.164  5.960   5.250   1.00 28.37  ? 138  VAL A CG1 1 
ATOM   1040 C  CG2 . VAL A 1 138 ? 10.260  5.603   7.719   1.00 32.08  ? 138  VAL A CG2 1 
ATOM   1041 N  N   . GLN A 1 139 ? 12.540  7.892   4.410   1.00 28.58  ? 139  GLN A N   1 
ATOM   1042 C  CA  . GLN A 1 139 ? 12.620  8.767   3.250   1.00 27.63  ? 139  GLN A CA  1 
ATOM   1043 C  C   . GLN A 1 139 ? 11.341  8.458   2.470   1.00 27.18  ? 139  GLN A C   1 
ATOM   1044 O  O   . GLN A 1 139 ? 11.147  7.333   2.006   1.00 26.56  ? 139  GLN A O   1 
ATOM   1045 C  CB  . GLN A 1 139 ? 13.852  8.441   2.396   1.00 28.84  ? 139  GLN A CB  1 
ATOM   1046 C  CG  . GLN A 1 139 ? 13.878  9.187   1.065   1.00 27.87  ? 139  GLN A CG  1 
ATOM   1047 C  CD  . GLN A 1 139 ? 15.088  8.849   0.219   1.00 28.90  ? 139  GLN A CD  1 
ATOM   1048 O  OE1 . GLN A 1 139 ? 15.007  8.820   -1.007  1.00 30.83  ? 139  GLN A OE1 1 
ATOM   1049 N  NE2 . GLN A 1 139 ? 16.219  8.603   0.867   1.00 29.79  ? 139  GLN A NE2 1 
ATOM   1050 N  N   . VAL A 1 140 ? 10.467  9.450   2.340   1.00 26.96  ? 140  VAL A N   1 
ATOM   1051 C  CA  . VAL A 1 140 ? 9.197   9.264   1.650   1.00 28.04  ? 140  VAL A CA  1 
ATOM   1052 C  C   . VAL A 1 140 ? 9.156   9.914   0.269   1.00 29.14  ? 140  VAL A C   1 
ATOM   1053 O  O   . VAL A 1 140 ? 9.544   11.068  0.105   1.00 29.19  ? 140  VAL A O   1 
ATOM   1054 C  CB  . VAL A 1 140 ? 8.023   9.840   2.495   1.00 29.08  ? 140  VAL A CB  1 
ATOM   1055 C  CG1 . VAL A 1 140 ? 6.694   9.551   1.817   1.00 28.02  ? 140  VAL A CG1 1 
ATOM   1056 C  CG2 . VAL A 1 140 ? 8.051   9.251   3.904   1.00 29.26  ? 140  VAL A CG2 1 
ATOM   1057 N  N   . GLU A 1 141 ? 8.682   9.157   -0.717  1.00 28.96  ? 141  GLU A N   1 
ATOM   1058 C  CA  . GLU A 1 141 ? 8.550   9.641   -2.088  1.00 30.50  ? 141  GLU A CA  1 
ATOM   1059 C  C   . GLU A 1 141 ? 7.106   9.367   -2.510  1.00 30.49  ? 141  GLU A C   1 
ATOM   1060 O  O   . GLU A 1 141 ? 6.545   8.325   -2.178  1.00 28.79  ? 141  GLU A O   1 
ATOM   1061 C  CB  . GLU A 1 141 ? 9.524   8.907   -3.016  1.00 30.22  ? 141  GLU A CB  1 
ATOM   1062 C  CG  . GLU A 1 141 ? 10.976  8.997   -2.565  1.00 35.23  ? 141  GLU A CG  1 
ATOM   1063 C  CD  . GLU A 1 141 ? 11.948  8.306   -3.512  1.00 37.26  ? 141  GLU A CD  1 
ATOM   1064 O  OE1 . GLU A 1 141 ? 13.067  7.978   -3.071  1.00 37.20  ? 141  GLU A OE1 1 
ATOM   1065 O  OE2 . GLU A 1 141 ? 11.604  8.101   -4.697  1.00 39.93  ? 141  GLU A OE2 1 
ATOM   1066 N  N   . ARG A 1 142 ? 6.498   10.304  -3.230  1.00 31.43  ? 142  ARG A N   1 
ATOM   1067 C  CA  . ARG A 1 142 ? 5.112   10.127  -3.650  1.00 31.50  ? 142  ARG A CA  1 
ATOM   1068 C  C   . ARG A 1 142 ? 4.869   10.555  -5.091  1.00 29.80  ? 142  ARG A C   1 
ATOM   1069 O  O   . ARG A 1 142 ? 5.682   11.260  -5.679  1.00 31.09  ? 142  ARG A O   1 
ATOM   1070 C  CB  . ARG A 1 142 ? 4.200   10.919  -2.715  1.00 32.71  ? 142  ARG A CB  1 
ATOM   1071 C  CG  . ARG A 1 142 ? 4.379   12.412  -2.828  1.00 36.35  ? 142  ARG A CG  1 
ATOM   1072 C  CD  . ARG A 1 142 ? 4.243   13.094  -1.484  1.00 41.59  ? 142  ARG A CD  1 
ATOM   1073 N  NE  . ARG A 1 142 ? 5.361   12.776  -0.599  1.00 44.74  ? 142  ARG A NE  1 
ATOM   1074 C  CZ  . ARG A 1 142 ? 5.656   13.462  0.500   1.00 46.16  ? 142  ARG A CZ  1 
ATOM   1075 N  NH1 . ARG A 1 142 ? 4.915   14.505  0.845   1.00 50.46  ? 142  ARG A NH1 1 
ATOM   1076 N  NH2 . ARG A 1 142 ? 6.693   13.116  1.251   1.00 46.15  ? 142  ARG A NH2 1 
ATOM   1077 N  N   . GLY A 1 143 ? 3.753   10.116  -5.658  1.00 28.95  ? 143  GLY A N   1 
ATOM   1078 C  CA  . GLY A 1 143 ? 3.428   10.489  -7.019  1.00 28.34  ? 143  GLY A CA  1 
ATOM   1079 C  C   . GLY A 1 143 ? 3.708   9.445   -8.079  1.00 27.98  ? 143  GLY A C   1 
ATOM   1080 O  O   . GLY A 1 143 ? 3.239   9.569   -9.208  1.00 31.46  ? 143  GLY A O   1 
ATOM   1081 N  N   . LEU A 1 144 ? 4.463   8.412   -7.731  1.00 27.63  ? 144  LEU A N   1 
ATOM   1082 C  CA  . LEU A 1 144 ? 4.792   7.363   -8.687  1.00 26.66  ? 144  LEU A CA  1 
ATOM   1083 C  C   . LEU A 1 144 ? 3.518   6.702   -9.222  1.00 27.45  ? 144  LEU A C   1 
ATOM   1084 O  O   . LEU A 1 144 ? 2.813   6.003   -8.489  1.00 27.45  ? 144  LEU A O   1 
ATOM   1085 C  CB  . LEU A 1 144 ? 5.679   6.309   -8.024  1.00 28.14  ? 144  LEU A CB  1 
ATOM   1086 C  CG  . LEU A 1 144 ? 6.938   5.834   -8.758  1.00 28.95  ? 144  LEU A CG  1 
ATOM   1087 C  CD1 . LEU A 1 144 ? 7.321   4.476   -8.218  1.00 27.18  ? 144  LEU A CD1 1 
ATOM   1088 C  CD2 . LEU A 1 144 ? 6.702   5.748   -10.256 1.00 30.73  ? 144  LEU A CD2 1 
ATOM   1089 N  N   . LEU A 1 145 ? 3.236   6.929   -10.503 1.00 25.47  ? 145  LEU A N   1 
ATOM   1090 C  CA  . LEU A 1 145 ? 2.060   6.375   -11.169 1.00 23.19  ? 145  LEU A CA  1 
ATOM   1091 C  C   . LEU A 1 145 ? 0.762   6.725   -10.453 1.00 22.60  ? 145  LEU A C   1 
ATOM   1092 O  O   . LEU A 1 145 ? -0.173  5.931   -10.443 1.00 23.46  ? 145  LEU A O   1 
ATOM   1093 C  CB  . LEU A 1 145 ? 2.173   4.855   -11.278 1.00 22.15  ? 145  LEU A CB  1 
ATOM   1094 C  CG  . LEU A 1 145 ? 3.423   4.276   -11.938 1.00 24.04  ? 145  LEU A CG  1 
ATOM   1095 C  CD1 . LEU A 1 145 ? 3.258   2.776   -12.084 1.00 23.05  ? 145  LEU A CD1 1 
ATOM   1096 C  CD2 . LEU A 1 145 ? 3.643   4.927   -13.307 1.00 23.97  ? 145  LEU A CD2 1 
ATOM   1097 N  N   . ALA A 1 146 ? 0.704   7.922   -9.874  1.00 23.71  ? 146  ALA A N   1 
ATOM   1098 C  CA  . ALA A 1 146 ? -0.472  8.371   -9.130  1.00 25.71  ? 146  ALA A CA  1 
ATOM   1099 C  C   . ALA A 1 146 ? -1.779  8.259   -9.907  1.00 28.14  ? 146  ALA A C   1 
ATOM   1100 O  O   . ALA A 1 146 ? -2.801  7.839   -9.358  1.00 28.62  ? 146  ALA A O   1 
ATOM   1101 C  CB  . ALA A 1 146 ? -0.274  9.808   -8.668  1.00 23.71  ? 146  ALA A CB  1 
ATOM   1102 N  N   . ALA A 1 147 ? -1.742  8.642   -11.182 1.00 29.34  ? 147  ALA A N   1 
ATOM   1103 C  CA  . ALA A 1 147 ? -2.923  8.598   -12.036 1.00 28.83  ? 147  ALA A CA  1 
ATOM   1104 C  C   . ALA A 1 147 ? -3.539  7.202   -12.095 1.00 28.68  ? 147  ALA A C   1 
ATOM   1105 O  O   . ALA A 1 147 ? -4.759  7.049   -11.989 1.00 28.34  ? 147  ALA A O   1 
ATOM   1106 C  CB  . ALA A 1 147 ? -2.564  9.070   -13.446 1.00 29.87  ? 147  ALA A CB  1 
ATOM   1107 N  N   . ASP A 1 148 ? -2.693  6.191   -12.268 1.00 27.15  ? 148  ASP A N   1 
ATOM   1108 C  CA  . ASP A 1 148 ? -3.153  4.808   -12.345 1.00 28.56  ? 148  ASP A CA  1 
ATOM   1109 C  C   . ASP A 1 148 ? -3.658  4.317   -10.991 1.00 29.44  ? 148  ASP A C   1 
ATOM   1110 O  O   . ASP A 1 148 ? -4.676  3.634   -10.908 1.00 30.62  ? 148  ASP A O   1 
ATOM   1111 C  CB  . ASP A 1 148 ? -2.018  3.906   -12.831 1.00 31.14  ? 148  ASP A CB  1 
ATOM   1112 C  CG  . ASP A 1 148 ? -1.635  4.178   -14.278 1.00 35.46  ? 148  ASP A CG  1 
ATOM   1113 O  OD1 . ASP A 1 148 ? -0.421  4.226   -14.571 1.00 35.90  ? 148  ASP A OD1 1 
ATOM   1114 O  OD2 . ASP A 1 148 ? -2.545  4.334   -15.122 1.00 36.32  ? 148  ASP A OD2 1 
ATOM   1115 N  N   . CYS A 1 149 ? -2.938  4.671   -9.932  1.00 30.05  ? 149  CYS A N   1 
ATOM   1116 C  CA  . CYS A 1 149 ? -3.311  4.270   -8.581  1.00 29.48  ? 149  CYS A CA  1 
ATOM   1117 C  C   . CYS A 1 149 ? -4.666  4.859   -8.214  1.00 30.77  ? 149  CYS A C   1 
ATOM   1118 O  O   . CYS A 1 149 ? -5.478  4.206   -7.563  1.00 32.63  ? 149  CYS A O   1 
ATOM   1119 C  CB  . CYS A 1 149 ? -2.252  4.743   -7.581  1.00 26.48  ? 149  CYS A CB  1 
ATOM   1120 S  SG  . CYS A 1 149 ? -0.616  4.005   -7.826  1.00 25.59  ? 149  CYS A SG  1 
ATOM   1121 N  N   . ALA A 1 150 ? -4.908  6.097   -8.641  1.00 31.41  ? 150  ALA A N   1 
ATOM   1122 C  CA  . ALA A 1 150 ? -6.166  6.773   -8.357  1.00 31.27  ? 150  ALA A CA  1 
ATOM   1123 C  C   . ALA A 1 150 ? -7.280  6.272   -9.269  1.00 32.29  ? 150  ALA A C   1 
ATOM   1124 O  O   . ALA A 1 150 ? -8.441  6.221   -8.872  1.00 32.79  ? 150  ALA A O   1 
ATOM   1125 C  CB  . ALA A 1 150 ? -5.993  8.281   -8.522  1.00 30.32  ? 150  ALA A CB  1 
ATOM   1126 N  N   . ASN A 1 151 ? -6.911  5.891   -10.488 1.00 33.48  ? 151  ASN A N   1 
ATOM   1127 C  CA  . ASN A 1 151 ? -7.852  5.405   -11.490 1.00 34.54  ? 151  ASN A CA  1 
ATOM   1128 C  C   . ASN A 1 151 ? -8.516  4.091   -11.101 1.00 33.32  ? 151  ASN A C   1 
ATOM   1129 O  O   . ASN A 1 151 ? -9.741  3.953   -11.190 1.00 32.46  ? 151  ASN A O   1 
ATOM   1130 C  CB  . ASN A 1 151 ? -7.133  5.226   -12.832 1.00 38.08  ? 151  ASN A CB  1 
ATOM   1131 C  CG  . ASN A 1 151 ? -8.084  4.877   -13.961 1.00 43.93  ? 151  ASN A CG  1 
ATOM   1132 O  OD1 . ASN A 1 151 ? -7.852  3.928   -14.717 1.00 46.82  ? 151  ASN A OD1 1 
ATOM   1133 N  ND2 . ASN A 1 151 ? -9.161  5.648   -14.089 1.00 45.59  ? 151  ASN A ND2 1 
ATOM   1134 N  N   . ILE A 1 152 ? -7.713  3.120   -10.681 1.00 30.93  ? 152  ILE A N   1 
ATOM   1135 C  CA  . ILE A 1 152 ? -8.258  1.828   -10.291 1.00 30.19  ? 152  ILE A CA  1 
ATOM   1136 C  C   . ILE A 1 152 ? -9.171  1.986   -9.076  1.00 30.19  ? 152  ILE A C   1 
ATOM   1137 O  O   . ILE A 1 152 ? -10.105 1.209   -8.884  1.00 29.15  ? 152  ILE A O   1 
ATOM   1138 C  CB  . ILE A 1 152 ? -7.132  0.800   -9.990  1.00 29.38  ? 152  ILE A CB  1 
ATOM   1139 C  CG1 . ILE A 1 152 ? -7.744  -0.592  -9.806  1.00 29.68  ? 152  ILE A CG1 1 
ATOM   1140 C  CG2 . ILE A 1 152 ? -6.343  1.223   -8.758  1.00 28.03  ? 152  ILE A CG2 1 
ATOM   1141 C  CD1 . ILE A 1 152 ? -6.726  -1.717  -9.711  1.00 29.45  ? 152  ILE A CD1 1 
ATOM   1142 N  N   . MET A 1 153 ? -8.912  3.013   -8.271  1.00 30.68  ? 153  MET A N   1 
ATOM   1143 C  CA  . MET A 1 153 ? -9.729  3.278   -7.092  1.00 32.10  ? 153  MET A CA  1 
ATOM   1144 C  C   . MET A 1 153 ? -11.086 3.801   -7.570  1.00 32.38  ? 153  MET A C   1 
ATOM   1145 O  O   . MET A 1 153 ? -12.131 3.417   -7.052  1.00 31.66  ? 153  MET A O   1 
ATOM   1146 C  CB  . MET A 1 153 ? -9.059  4.329   -6.203  1.00 34.73  ? 153  MET A CB  1 
ATOM   1147 C  CG  . MET A 1 153 ? -9.522  4.315   -4.747  1.00 40.04  ? 153  MET A CG  1 
ATOM   1148 S  SD  . MET A 1 153 ? -8.824  2.942   -3.778  1.00 42.61  ? 153  MET A SD  1 
ATOM   1149 C  CE  . MET A 1 153 ? -7.552  3.759   -2.934  1.00 42.05  ? 153  MET A CE  1 
ATOM   1150 N  N   . GLN A 1 154 ? -11.059 4.689   -8.558  1.00 31.84  ? 154  GLN A N   1 
ATOM   1151 C  CA  . GLN A 1 154 ? -12.288 5.251   -9.105  1.00 32.43  ? 154  GLN A CA  1 
ATOM   1152 C  C   . GLN A 1 154 ? -13.131 4.114   -9.696  1.00 29.69  ? 154  GLN A C   1 
ATOM   1153 O  O   . GLN A 1 154 ? -14.350 4.079   -9.530  1.00 29.35  ? 154  GLN A O   1 
ATOM   1154 C  CB  . GLN A 1 154 ? -11.960 6.298   -10.179 1.00 35.28  ? 154  GLN A CB  1 
ATOM   1155 C  CG  . GLN A 1 154 ? -13.176 7.040   -10.703 1.00 42.82  ? 154  GLN A CG  1 
ATOM   1156 C  CD  . GLN A 1 154 ? -12.809 8.277   -11.506 1.00 47.72  ? 154  GLN A CD  1 
ATOM   1157 O  OE1 . GLN A 1 154 ? -12.183 9.208   -10.984 1.00 51.10  ? 154  GLN A OE1 1 
ATOM   1158 N  NE2 . GLN A 1 154 ? -13.200 8.300   -12.780 1.00 48.07  ? 154  GLN A NE2 1 
ATOM   1159 N  N   . THR A 1 155 ? -12.472 3.180   -10.374 1.00 26.14  ? 155  THR A N   1 
ATOM   1160 C  CA  . THR A 1 155 ? -13.159 2.036   -10.957 1.00 25.47  ? 155  THR A CA  1 
ATOM   1161 C  C   . THR A 1 155 ? -13.872 1.267   -9.845  1.00 27.19  ? 155  THR A C   1 
ATOM   1162 O  O   . THR A 1 155 ? -15.028 0.870   -9.985  1.00 27.99  ? 155  THR A O   1 
ATOM   1163 C  CB  . THR A 1 155 ? -12.157 1.098   -11.666 1.00 26.11  ? 155  THR A CB  1 
ATOM   1164 O  OG1 . THR A 1 155 ? -11.568 1.788   -12.776 1.00 29.68  ? 155  THR A OG1 1 
ATOM   1165 C  CG2 . THR A 1 155 ? -12.852 -0.158  -12.172 1.00 25.01  ? 155  THR A CG2 1 
ATOM   1166 N  N   . PHE A 1 156 ? -13.173 1.057   -8.737  1.00 26.90  ? 156  PHE A N   1 
ATOM   1167 C  CA  . PHE A 1 156 ? -13.742 0.350   -7.598  1.00 25.81  ? 156  PHE A CA  1 
ATOM   1168 C  C   . PHE A 1 156 ? -15.035 0.997   -7.101  1.00 25.58  ? 156  PHE A C   1 
ATOM   1169 O  O   . PHE A 1 156 ? -16.032 0.312   -6.883  1.00 24.48  ? 156  PHE A O   1 
ATOM   1170 C  CB  . PHE A 1 156 ? -12.735 0.309   -6.446  1.00 25.44  ? 156  PHE A CB  1 
ATOM   1171 C  CG  . PHE A 1 156 ? -13.316 -0.193  -5.156  1.00 24.59  ? 156  PHE A CG  1 
ATOM   1172 C  CD1 . PHE A 1 156 ? -13.688 -1.526  -5.017  1.00 25.38  ? 156  PHE A CD1 1 
ATOM   1173 C  CD2 . PHE A 1 156 ? -13.506 0.670   -4.086  1.00 25.75  ? 156  PHE A CD2 1 
ATOM   1174 C  CE1 . PHE A 1 156 ? -14.244 -1.994  -3.824  1.00 26.70  ? 156  PHE A CE1 1 
ATOM   1175 C  CE2 . PHE A 1 156 ? -14.060 0.215   -2.891  1.00 27.80  ? 156  PHE A CE2 1 
ATOM   1176 C  CZ  . PHE A 1 156 ? -14.429 -1.119  -2.761  1.00 25.56  ? 156  PHE A CZ  1 
ATOM   1177 N  N   . PHE A 1 157 ? -15.013 2.315   -6.914  1.00 25.57  ? 157  PHE A N   1 
ATOM   1178 C  CA  . PHE A 1 157 ? -16.186 3.030   -6.424  1.00 27.74  ? 157  PHE A CA  1 
ATOM   1179 C  C   . PHE A 1 157 ? -17.372 2.986   -7.374  1.00 27.95  ? 157  PHE A C   1 
ATOM   1180 O  O   . PHE A 1 157 ? -18.521 2.905   -6.929  1.00 28.24  ? 157  PHE A O   1 
ATOM   1181 C  CB  . PHE A 1 157 ? -15.835 4.485   -6.107  1.00 30.32  ? 157  PHE A CB  1 
ATOM   1182 C  CG  . PHE A 1 157 ? -14.835 4.629   -5.001  1.00 33.16  ? 157  PHE A CG  1 
ATOM   1183 C  CD1 . PHE A 1 157 ? -15.057 4.027   -3.770  1.00 35.32  ? 157  PHE A CD1 1 
ATOM   1184 C  CD2 . PHE A 1 157 ? -13.663 5.349   -5.194  1.00 35.20  ? 157  PHE A CD2 1 
ATOM   1185 C  CE1 . PHE A 1 157 ? -14.119 4.138   -2.744  1.00 36.93  ? 157  PHE A CE1 1 
ATOM   1186 C  CE2 . PHE A 1 157 ? -12.724 5.466   -4.175  1.00 36.54  ? 157  PHE A CE2 1 
ATOM   1187 C  CZ  . PHE A 1 157 ? -12.952 4.859   -2.950  1.00 35.55  ? 157  PHE A CZ  1 
ATOM   1188 N  N   . ARG A 1 158 ? -17.097 3.046   -8.674  1.00 28.14  ? 158  ARG A N   1 
ATOM   1189 C  CA  . ARG A 1 158 ? -18.158 2.994   -9.677  1.00 29.46  ? 158  ARG A CA  1 
ATOM   1190 C  C   . ARG A 1 158 ? -18.781 1.608   -9.647  1.00 28.75  ? 158  ARG A C   1 
ATOM   1191 O  O   . ARG A 1 158 ? -19.999 1.462   -9.649  1.00 29.00  ? 158  ARG A O   1 
ATOM   1192 C  CB  . ARG A 1 158 ? -17.602 3.252   -11.080 1.00 32.15  ? 158  ARG A CB  1 
ATOM   1193 C  CG  . ARG A 1 158 ? -18.692 3.370   -12.142 1.00 37.05  ? 158  ARG A CG  1 
ATOM   1194 C  CD  . ARG A 1 158 ? -18.144 3.136   -13.541 1.00 40.21  ? 158  ARG A CD  1 
ATOM   1195 N  NE  . ARG A 1 158 ? -17.973 1.711   -13.825 1.00 43.45  ? 158  ARG A NE  1 
ATOM   1196 C  CZ  . ARG A 1 158 ? -16.853 1.173   -14.290 1.00 42.96  ? 158  ARG A CZ  1 
ATOM   1197 N  NH1 . ARG A 1 158 ? -15.797 1.939   -14.519 1.00 44.43  ? 158  ARG A NH1 1 
ATOM   1198 N  NH2 . ARG A 1 158 ? -16.789 -0.126  -14.532 1.00 44.25  ? 158  ARG A NH2 1 
ATOM   1199 N  N   . GLN A 1 159 ? -17.930 0.589   -9.622  1.00 28.74  ? 159  GLN A N   1 
ATOM   1200 C  CA  . GLN A 1 159 ? -18.401 -0.785  -9.582  1.00 28.20  ? 159  GLN A CA  1 
ATOM   1201 C  C   . GLN A 1 159 ? -19.193 -1.020  -8.298  1.00 29.19  ? 159  GLN A C   1 
ATOM   1202 O  O   . GLN A 1 159 ? -20.169 -1.770  -8.290  1.00 28.12  ? 159  GLN A O   1 
ATOM   1203 C  CB  . GLN A 1 159 ? -17.213 -1.745  -9.678  1.00 29.30  ? 159  GLN A CB  1 
ATOM   1204 C  CG  . GLN A 1 159 ? -16.560 -1.749  -11.063 1.00 30.19  ? 159  GLN A CG  1 
ATOM   1205 C  CD  . GLN A 1 159 ? -15.304 -2.604  -11.144 1.00 32.77  ? 159  GLN A CD  1 
ATOM   1206 O  OE1 . GLN A 1 159 ? -14.808 -2.893  -12.236 1.00 34.25  ? 159  GLN A OE1 1 
ATOM   1207 N  NE2 . GLN A 1 159 ? -14.779 -3.003  -9.992  1.00 31.31  ? 159  GLN A NE2 1 
ATOM   1208 N  N   . GLY A 1 160 ? -18.781 -0.352  -7.223  1.00 29.36  ? 160  GLY A N   1 
ATOM   1209 C  CA  . GLY A 1 160 ? -19.467 -0.489  -5.952  1.00 29.69  ? 160  GLY A CA  1 
ATOM   1210 C  C   . GLY A 1 160 ? -20.882 0.048   -6.037  1.00 31.71  ? 160  GLY A C   1 
ATOM   1211 O  O   . GLY A 1 160 ? -21.820 -0.545  -5.493  1.00 30.71  ? 160  GLY A O   1 
ATOM   1212 N  N   . ARG A 1 161 ? -21.047 1.179   -6.715  1.00 31.38  ? 161  ARG A N   1 
ATOM   1213 C  CA  . ARG A 1 161 ? -22.376 1.754   -6.868  1.00 32.62  ? 161  ARG A CA  1 
ATOM   1214 C  C   . ARG A 1 161 ? -23.240 0.824   -7.720  1.00 32.03  ? 161  ARG A C   1 
ATOM   1215 O  O   . ARG A 1 161 ? -24.424 0.649   -7.452  1.00 32.14  ? 161  ARG A O   1 
ATOM   1216 C  CB  . ARG A 1 161 ? -22.304 3.129   -7.532  1.00 32.90  ? 161  ARG A CB  1 
ATOM   1217 C  CG  . ARG A 1 161 ? -21.558 4.183   -6.730  1.00 37.70  ? 161  ARG A CG  1 
ATOM   1218 C  CD  . ARG A 1 161 ? -21.962 5.580   -7.178  1.00 40.53  ? 161  ARG A CD  1 
ATOM   1219 N  NE  . ARG A 1 161 ? -21.843 5.757   -8.625  1.00 45.29  ? 161  ARG A NE  1 
ATOM   1220 C  CZ  . ARG A 1 161 ? -20.688 5.786   -9.284  1.00 46.51  ? 161  ARG A CZ  1 
ATOM   1221 N  NH1 . ARG A 1 161 ? -19.544 5.654   -8.624  1.00 48.36  ? 161  ARG A NH1 1 
ATOM   1222 N  NH2 . ARG A 1 161 ? -20.678 5.947   -10.602 1.00 46.37  ? 161  ARG A NH2 1 
ATOM   1223 N  N   . GLU A 1 162 ? -22.639 0.225   -8.745  1.00 31.83  ? 162  GLU A N   1 
ATOM   1224 C  CA  . GLU A 1 162 ? -23.369 -0.679  -9.625  1.00 31.71  ? 162  GLU A CA  1 
ATOM   1225 C  C   . GLU A 1 162 ? -23.822 -1.930  -8.882  1.00 32.12  ? 162  GLU A C   1 
ATOM   1226 O  O   . GLU A 1 162 ? -24.941 -2.403  -9.083  1.00 31.23  ? 162  GLU A O   1 
ATOM   1227 C  CB  . GLU A 1 162 ? -22.503 -1.074  -10.818 1.00 32.44  ? 162  GLU A CB  1 
ATOM   1228 C  CG  . GLU A 1 162 ? -21.983 0.112   -11.599 1.00 34.17  ? 162  GLU A CG  1 
ATOM   1229 C  CD  . GLU A 1 162 ? -21.179 -0.301  -12.807 1.00 37.25  ? 162  GLU A CD  1 
ATOM   1230 O  OE1 . GLU A 1 162 ? -20.514 -1.357  -12.747 1.00 42.07  ? 162  GLU A OE1 1 
ATOM   1231 O  OE2 . GLU A 1 162 ? -21.194 0.436   -13.814 1.00 40.57  ? 162  GLU A OE2 1 
ATOM   1232 N  N   . ARG A 1 163 ? -22.946 -2.464  -8.032  1.00 31.38  ? 163  ARG A N   1 
ATOM   1233 C  CA  . ARG A 1 163 ? -23.267 -3.654  -7.251  1.00 33.09  ? 163  ARG A CA  1 
ATOM   1234 C  C   . ARG A 1 163 ? -24.383 -3.325  -6.262  1.00 34.15  ? 163  ARG A C   1 
ATOM   1235 O  O   . ARG A 1 163 ? -25.270 -4.137  -6.015  1.00 32.31  ? 163  ARG A O   1 
ATOM   1236 C  CB  . ARG A 1 163 ? -22.032 -4.148  -6.485  1.00 33.80  ? 163  ARG A CB  1 
ATOM   1237 C  CG  . ARG A 1 163 ? -20.871 -4.598  -7.370  1.00 35.04  ? 163  ARG A CG  1 
ATOM   1238 C  CD  . ARG A 1 163 ? -19.807 -5.348  -6.566  1.00 39.05  ? 163  ARG A CD  1 
ATOM   1239 N  NE  . ARG A 1 163 ? -19.090 -4.495  -5.619  1.00 41.02  ? 163  ARG A NE  1 
ATOM   1240 C  CZ  . ARG A 1 163 ? -17.940 -3.877  -5.881  1.00 44.52  ? 163  ARG A CZ  1 
ATOM   1241 N  NH1 . ARG A 1 163 ? -17.364 -4.015  -7.069  1.00 45.41  ? 163  ARG A NH1 1 
ATOM   1242 N  NH2 . ARG A 1 163 ? -17.359 -3.125  -4.952  1.00 44.68  ? 163  ARG A NH2 1 
ATOM   1243 N  N   . LYS A 1 164 ? -24.327 -2.120  -5.705  1.00 34.78  ? 164  LYS A N   1 
ATOM   1244 C  CA  . LYS A 1 164 ? -25.314 -1.653  -4.741  1.00 36.75  ? 164  LYS A CA  1 
ATOM   1245 C  C   . LYS A 1 164 ? -26.672 -1.446  -5.412  1.00 37.88  ? 164  LYS A C   1 
ATOM   1246 O  O   . LYS A 1 164 ? -27.721 -1.635  -4.795  1.00 37.85  ? 164  LYS A O   1 
ATOM   1247 C  CB  . LYS A 1 164 ? -24.829 -0.340  -4.120  1.00 39.84  ? 164  LYS A CB  1 
ATOM   1248 C  CG  . LYS A 1 164 ? -25.820 0.357   -3.197  1.00 43.65  ? 164  LYS A CG  1 
ATOM   1249 C  CD  . LYS A 1 164 ? -25.319 1.753   -2.846  1.00 45.46  ? 164  LYS A CD  1 
ATOM   1250 C  CE  . LYS A 1 164 ? -26.247 2.467   -1.875  1.00 47.93  ? 164  LYS A CE  1 
ATOM   1251 N  NZ  . LYS A 1 164 ? -26.317 1.761   -0.563  1.00 50.46  ? 164  LYS A NZ  1 
ATOM   1252 N  N   . LYS A 1 165 ? -26.648 -1.055  -6.681  1.00 37.87  ? 165  LYS A N   1 
ATOM   1253 C  CA  . LYS A 1 165 ? -27.871 -0.818  -7.430  1.00 37.59  ? 165  LYS A CA  1 
ATOM   1254 C  C   . LYS A 1 165 ? -28.550 -2.145  -7.756  1.00 37.52  ? 165  LYS A C   1 
ATOM   1255 O  O   . LYS A 1 165 ? -29.775 -2.258  -7.698  1.00 36.43  ? 165  LYS A O   1 
ATOM   1256 C  CB  . LYS A 1 165 ? -27.551 -0.055  -8.713  1.00 39.79  ? 165  LYS A CB  1 
ATOM   1257 C  CG  . LYS A 1 165 ? -28.736 0.660   -9.332  1.00 44.46  ? 165  LYS A CG  1 
ATOM   1258 C  CD  . LYS A 1 165 ? -28.264 1.637   -10.398 1.00 47.35  ? 165  LYS A CD  1 
ATOM   1259 C  CE  . LYS A 1 165 ? -29.401 2.513   -10.893 1.00 50.76  ? 165  LYS A CE  1 
ATOM   1260 N  NZ  . LYS A 1 165 ? -28.914 3.549   -11.857 1.00 53.18  ? 165  LYS A NZ  1 
ATOM   1261 N  N   . ILE A 1 166 ? -27.750 -3.148  -8.099  1.00 36.41  ? 166  ILE A N   1 
ATOM   1262 C  CA  . ILE A 1 166 ? -28.284 -4.466  -8.412  1.00 35.44  ? 166  ILE A CA  1 
ATOM   1263 C  C   . ILE A 1 166 ? -28.889 -5.084  -7.154  1.00 36.06  ? 166  ILE A C   1 
ATOM   1264 O  O   . ILE A 1 166 ? -29.988 -5.637  -7.192  1.00 34.43  ? 166  ILE A O   1 
ATOM   1265 C  CB  . ILE A 1 166 ? -27.184 -5.405  -8.959  1.00 35.69  ? 166  ILE A CB  1 
ATOM   1266 C  CG1 . ILE A 1 166 ? -26.682 -4.890  -10.309 1.00 34.90  ? 166  ILE A CG1 1 
ATOM   1267 C  CG2 . ILE A 1 166 ? -27.732 -6.816  -9.112  1.00 35.99  ? 166  ILE A CG2 1 
ATOM   1268 C  CD1 . ILE A 1 166 ? -25.572 -5.726  -10.914 1.00 34.90  ? 166  ILE A CD1 1 
ATOM   1269 N  N   . ALA A 1 167 ? -28.171 -4.976  -6.040  1.00 36.21  ? 167  ALA A N   1 
ATOM   1270 C  CA  . ALA A 1 167 ? -28.634 -5.523  -4.769  1.00 38.55  ? 167  ALA A CA  1 
ATOM   1271 C  C   . ALA A 1 167 ? -29.941 -4.869  -4.338  1.00 39.86  ? 167  ALA A C   1 
ATOM   1272 O  O   . ALA A 1 167 ? -30.844 -5.541  -3.836  1.00 40.65  ? 167  ALA A O   1 
ATOM   1273 C  CB  . ALA A 1 167 ? -27.571 -5.326  -3.689  1.00 36.82  ? 167  ALA A CB  1 
ATOM   1274 N  N   . LYS A 1 168 ? -30.042 -3.557  -4.530  1.00 40.67  ? 168  LYS A N   1 
ATOM   1275 C  CA  . LYS A 1 168 ? -31.250 -2.837  -4.159  1.00 42.42  ? 168  LYS A CA  1 
ATOM   1276 C  C   . LYS A 1 168 ? -32.425 -3.328  -4.997  1.00 43.74  ? 168  LYS A C   1 
ATOM   1277 O  O   . LYS A 1 168 ? -33.546 -3.447  -4.502  1.00 42.85  ? 168  LYS A O   1 
ATOM   1278 C  CB  . LYS A 1 168 ? -31.066 -1.332  -4.371  1.00 43.50  ? 168  LYS A CB  1 
ATOM   1279 C  CG  . LYS A 1 168 ? -32.317 -0.525  -4.065  1.00 46.33  ? 168  LYS A CG  1 
ATOM   1280 C  CD  . LYS A 1 168 ? -32.130 0.953   -4.354  1.00 48.52  ? 168  LYS A CD  1 
ATOM   1281 C  CE  . LYS A 1 168 ? -33.397 1.732   -4.030  1.00 49.13  ? 168  LYS A CE  1 
ATOM   1282 N  NZ  . LYS A 1 168 ? -33.272 3.172   -4.393  1.00 50.25  ? 168  LYS A NZ  1 
ATOM   1283 N  N   . HIS A 1 169 ? -32.155 -3.613  -6.268  1.00 44.78  ? 169  HIS A N   1 
ATOM   1284 C  CA  . HIS A 1 169 ? -33.175 -4.094  -7.194  1.00 46.87  ? 169  HIS A CA  1 
ATOM   1285 C  C   . HIS A 1 169 ? -33.682 -5.492  -6.848  1.00 48.46  ? 169  HIS A C   1 
ATOM   1286 O  O   . HIS A 1 169 ? -34.878 -5.758  -6.924  1.00 48.87  ? 169  HIS A O   1 
ATOM   1287 C  CB  . HIS A 1 169 ? -32.624 -4.098  -8.622  1.00 46.31  ? 169  HIS A CB  1 
ATOM   1288 C  CG  . HIS A 1 169 ? -33.466 -4.867  -9.593  1.00 47.05  ? 169  HIS A CG  1 
ATOM   1289 N  ND1 . HIS A 1 169 ? -34.690 -4.418  -10.039 1.00 47.66  ? 169  HIS A ND1 1 
ATOM   1290 C  CD2 . HIS A 1 169 ? -33.266 -6.068  -10.187 1.00 46.51  ? 169  HIS A CD2 1 
ATOM   1291 C  CE1 . HIS A 1 169 ? -35.207 -5.309  -10.866 1.00 48.10  ? 169  HIS A CE1 1 
ATOM   1292 N  NE2 . HIS A 1 169 ? -34.364 -6.319  -10.973 1.00 46.16  ? 169  HIS A NE2 1 
ATOM   1293 N  N   . LEU A 1 170 ? -32.768 -6.383  -6.475  1.00 50.48  ? 170  LEU A N   1 
ATOM   1294 C  CA  . LEU A 1 170 ? -33.128 -7.757  -6.139  1.00 52.92  ? 170  LEU A CA  1 
ATOM   1295 C  C   . LEU A 1 170 ? -33.882 -7.860  -4.819  1.00 55.49  ? 170  LEU A C   1 
ATOM   1296 O  O   . LEU A 1 170 ? -34.768 -8.702  -4.669  1.00 55.18  ? 170  LEU A O   1 
ATOM   1297 C  CB  . LEU A 1 170 ? -31.874 -8.634  -6.094  1.00 51.18  ? 170  LEU A CB  1 
ATOM   1298 C  CG  . LEU A 1 170 ? -31.112 -8.766  -7.416  1.00 50.98  ? 170  LEU A CG  1 
ATOM   1299 C  CD1 . LEU A 1 170 ? -29.874 -9.618  -7.215  1.00 49.64  ? 170  LEU A CD1 1 
ATOM   1300 C  CD2 . LEU A 1 170 ? -32.017 -9.383  -8.474  1.00 50.21  ? 170  LEU A CD2 1 
ATOM   1301 N  N   . ILE A 1 171 ? -33.524 -7.006  -3.863  1.00 58.40  ? 171  ILE A N   1 
ATOM   1302 C  CA  . ILE A 1 171 ? -34.187 -6.996  -2.562  1.00 61.68  ? 171  ILE A CA  1 
ATOM   1303 C  C   . ILE A 1 171 ? -35.630 -6.528  -2.738  1.00 64.10  ? 171  ILE A C   1 
ATOM   1304 O  O   . ILE A 1 171 ? -36.559 -7.124  -2.197  1.00 63.53  ? 171  ILE A O   1 
ATOM   1305 C  CB  . ILE A 1 171 ? -33.478 -6.041  -1.571  1.00 61.89  ? 171  ILE A CB  1 
ATOM   1306 C  CG1 . ILE A 1 171 ? -32.096 -6.585  -1.206  1.00 62.27  ? 171  ILE A CG1 1 
ATOM   1307 C  CG2 . ILE A 1 171 ? -34.319 -5.872  -0.317  1.00 62.87  ? 171  ILE A CG2 1 
ATOM   1308 C  CD1 . ILE A 1 171 ? -32.130 -7.892  -0.437  1.00 63.05  ? 171  ILE A CD1 1 
ATOM   1309 N  N   . LYS A 1 172 ? -35.804 -5.453  -3.500  1.00 67.23  ? 172  LYS A N   1 
ATOM   1310 C  CA  . LYS A 1 172 ? -37.123 -4.895  -3.759  1.00 70.44  ? 172  LYS A CA  1 
ATOM   1311 C  C   . LYS A 1 172 ? -38.051 -5.976  -4.301  1.00 72.32  ? 172  LYS A C   1 
ATOM   1312 O  O   . LYS A 1 172 ? -38.920 -6.476  -3.586  1.00 72.52  ? 172  LYS A O   1 
ATOM   1313 C  CB  . LYS A 1 172 ? -37.018 -3.750  -4.771  1.00 71.42  ? 172  LYS A CB  1 
ATOM   1314 C  CG  . LYS A 1 172 ? -38.342 -3.077  -5.094  1.00 72.87  ? 172  LYS A CG  1 
ATOM   1315 C  CD  . LYS A 1 172 ? -38.185 -2.066  -6.221  1.00 74.66  ? 172  LYS A CD  1 
ATOM   1316 C  CE  . LYS A 1 172 ? -37.211 -0.953  -5.846  1.00 76.45  ? 172  LYS A CE  1 
ATOM   1317 N  NZ  . LYS A 1 172 ? -37.022 0.026   -6.956  1.00 77.46  ? 172  LYS A NZ  1 
ATOM   1318 N  N   . GLU A 1 173 ? -37.860 -6.333  -5.567  1.00 74.37  ? 173  GLU A N   1 
ATOM   1319 C  CA  . GLU A 1 173 ? -38.679 -7.355  -6.205  1.00 76.25  ? 173  GLU A CA  1 
ATOM   1320 C  C   . GLU A 1 173 ? -37.871 -8.162  -7.218  1.00 76.17  ? 173  GLU A C   1 
ATOM   1321 O  O   . GLU A 1 173 ? -37.597 -7.694  -8.323  1.00 75.95  ? 173  GLU A O   1 
ATOM   1322 C  CB  . GLU A 1 173 ? -39.882 -6.709  -6.899  1.00 77.70  ? 173  GLU A CB  1 
ATOM   1323 C  CG  . GLU A 1 173 ? -40.774 -5.896  -5.969  1.00 78.61  ? 173  GLU A CG  1 
ATOM   1324 C  CD  . GLU A 1 173 ? -42.026 -5.383  -6.653  1.00 79.40  ? 173  GLU A CD  1 
ATOM   1325 O  OE1 . GLU A 1 173 ? -41.902 -4.642  -7.652  1.00 79.00  ? 173  GLU A OE1 1 
ATOM   1326 O  OE2 . GLU A 1 173 ? -43.136 -5.723  -6.190  1.00 80.01  ? 173  GLU A OE2 1 
HETATM 1327 ZN ZN  . ZN  B 2 .   ? -3.523  0.648   6.221   1.00 39.14  ? 999  ZN  A ZN  1 
HETATM 1328 P  P   . PO4 C 3 .   ? -10.263 -1.090  3.803   1.00 59.86  ? 2055 PO4 A P   1 
HETATM 1329 O  O1  . PO4 C 3 .   ? -9.902  -0.228  5.306   1.00 58.57  ? 2055 PO4 A O1  1 
HETATM 1330 O  O2  . PO4 C 3 .   ? -9.998  -2.484  4.128   1.00 58.42  ? 2055 PO4 A O2  1 
HETATM 1331 O  O3  . PO4 C 3 .   ? -9.321  -0.562  2.783   1.00 61.52  ? 2055 PO4 A O3  1 
HETATM 1332 O  O4  . PO4 C 3 .   ? -11.634 -0.762  3.396   1.00 60.22  ? 2055 PO4 A O4  1 
HETATM 1333 O  O   . HOH D 4 .   ? -7.848  3.183   6.370   1.00 26.30  ? 2056 HOH A O   1 
HETATM 1334 O  O   . HOH D 4 .   ? -8.871  3.382   2.257   1.00 47.60  ? 2057 HOH A O   1 
HETATM 1335 O  O   . HOH D 4 .   ? -4.856  2.123   2.672   1.00 38.50  ? 2058 HOH A O   1 
HETATM 1336 O  O   . HOH D 4 .   ? -12.009 2.170   3.686   1.00 40.41  ? 2059 HOH A O   1 
HETATM 1337 O  O   . HOH D 4 .   ? -7.607  4.346   8.767   1.00 36.39  ? 2060 HOH A O   1 
HETATM 1338 O  O   . HOH D 4 .   ? 12.323  3.930   10.899  1.00 45.29  ? 2061 HOH A O   1 
HETATM 1339 O  O   . HOH D 4 .   ? -7.696  3.479   11.569  1.00 47.85  ? 2062 HOH A O   1 
HETATM 1340 O  O   . HOH D 4 .   ? 6.015   8.615   14.038  1.00 117.04 ? 2063 HOH A O   1 
HETATM 1341 O  O   . HOH D 4 .   ? -5.766  6.284   8.948   1.00 29.75  ? 2064 HOH A O   1 
HETATM 1342 O  O   . HOH D 4 .   ? -37.636 -9.485  -3.761  1.00 51.95  ? 2065 HOH A O   1 
HETATM 1343 O  O   . HOH D 4 .   ? -1.993  -11.403 10.428  1.00 46.50  ? 2066 HOH A O   1 
HETATM 1344 O  O   . HOH D 4 .   ? -8.733  17.748  -3.038  1.00 50.60  ? 2067 HOH A O   1 
HETATM 1345 O  O   . HOH D 4 .   ? -15.312 0.834   5.818   1.00 44.80  ? 2068 HOH A O   1 
HETATM 1346 O  O   . HOH D 4 .   ? -20.242 -4.101  -15.858 1.00 52.94  ? 2069 HOH A O   1 
HETATM 1347 O  O   . HOH D 4 .   ? 2.456   -8.362  -8.010  1.00 37.52  ? 2070 HOH A O   1 
HETATM 1348 O  O   . HOH D 4 .   ? 12.679  -11.484 -7.747  1.00 48.22  ? 2071 HOH A O   1 
HETATM 1349 O  O   . HOH D 4 .   ? 9.155   -9.667  -9.427  1.00 33.57  ? 2072 HOH A O   1 
HETATM 1350 O  O   . HOH D 4 .   ? 5.574   -4.327  -13.129 1.00 28.86  ? 2073 HOH A O   1 
HETATM 1351 O  O   . HOH D 4 .   ? 1.834   -11.906 -8.686  1.00 80.78  ? 2074 HOH A O   1 
HETATM 1352 O  O   . HOH D 4 .   ? 17.399  0.754   -14.562 1.00 31.03  ? 2075 HOH A O   1 
HETATM 1353 O  O   . HOH D 4 .   ? -20.598 -0.794  -16.046 1.00 34.84  ? 2076 HOH A O   1 
HETATM 1354 O  O   . HOH D 4 .   ? 4.663   -8.438  10.493  1.00 19.34  ? 2077 HOH A O   1 
HETATM 1355 O  O   . HOH D 4 .   ? -4.512  1.988   -5.803  1.00 21.67  ? 2078 HOH A O   1 
HETATM 1356 O  O   . HOH D 4 .   ? 6.800   1.021   -16.772 1.00 104.51 ? 2079 HOH A O   1 
HETATM 1357 O  O   . HOH D 4 .   ? 15.247  4.752   -5.792  1.00 25.80  ? 2080 HOH A O   1 
HETATM 1358 O  O   . HOH D 4 .   ? 9.816   8.255   -6.642  1.00 35.93  ? 2081 HOH A O   1 
HETATM 1359 O  O   . HOH D 4 .   ? -2.118  12.651  -5.164  1.00 38.89  ? 2082 HOH A O   1 
HETATM 1360 O  O   . HOH D 4 .   ? 5.429   10.911  7.515   1.00 25.09  ? 2083 HOH A O   1 
HETATM 1361 O  O   . HOH D 4 .   ? 7.247   -12.933 -2.577  1.00 42.20  ? 2084 HOH A O   1 
HETATM 1362 O  O   . HOH D 4 .   ? -4.250  -0.581  2.168   1.00 31.25  ? 2085 HOH A O   1 
HETATM 1363 O  O   . HOH D 4 .   ? -24.306 4.748   -4.516  1.00 55.61  ? 2086 HOH A O   1 
HETATM 1364 O  O   . HOH D 4 .   ? 0.271   13.336  -0.217  1.00 46.53  ? 2087 HOH A O   1 
HETATM 1365 O  O   . HOH D 4 .   ? 4.886   8.545   -12.371 1.00 43.41  ? 2088 HOH A O   1 
HETATM 1366 O  O   . HOH D 4 .   ? 7.265   15.721  6.146   1.00 82.03  ? 2089 HOH A O   1 
HETATM 1367 O  O   . HOH D 4 .   ? -19.130 2.915   -4.004  1.00 35.10  ? 2090 HOH A O   1 
HETATM 1368 O  O   . HOH D 4 .   ? -3.140  -8.943  -10.582 1.00 33.46  ? 2091 HOH A O   1 
HETATM 1369 O  O   . HOH D 4 .   ? 2.407   13.244  12.822  1.00 51.15  ? 2092 HOH A O   1 
HETATM 1370 O  O   . HOH D 4 .   ? 10.194  2.645   9.458   1.00 29.80  ? 2093 HOH A O   1 
HETATM 1371 O  O   . HOH D 4 .   ? -5.587  2.978   10.565  1.00 29.54  ? 2094 HOH A O   1 
HETATM 1372 O  O   . HOH D 4 .   ? 10.885  11.781  3.934   1.00 41.18  ? 2095 HOH A O   1 
HETATM 1373 O  O   . HOH D 4 .   ? 14.960  7.125   -4.511  1.00 32.94  ? 2096 HOH A O   1 
HETATM 1374 O  O   . HOH D 4 .   ? -0.683  -11.784 6.089   1.00 32.10  ? 2097 HOH A O   1 
HETATM 1375 O  O   . HOH D 4 .   ? -2.550  2.347   1.342   1.00 24.74  ? 2098 HOH A O   1 
HETATM 1376 O  O   . HOH D 4 .   ? 0.348   9.958   -12.767 1.00 33.12  ? 2099 HOH A O   1 
HETATM 1377 O  O   . HOH D 4 .   ? 15.905  1.544   -18.419 1.00 31.15  ? 2100 HOH A O   1 
HETATM 1378 O  O   . HOH D 4 .   ? 7.845   13.076  -3.347  1.00 31.80  ? 2101 HOH A O   1 
HETATM 1379 O  O   . HOH D 4 .   ? 7.849   -9.464  -13.465 1.00 41.21  ? 2102 HOH A O   1 
HETATM 1380 O  O   . HOH D 4 .   ? -12.554 -15.594 9.463   1.00 41.23  ? 2103 HOH A O   1 
HETATM 1381 O  O   . HOH D 4 .   ? 5.218   -13.173 8.630   1.00 31.65  ? 2104 HOH A O   1 
HETATM 1382 O  O   . HOH D 4 .   ? 22.453  5.967   -8.811  1.00 49.56  ? 2105 HOH A O   1 
HETATM 1383 O  O   . HOH D 4 .   ? -12.505 -4.538  -13.692 1.00 43.17  ? 2106 HOH A O   1 
HETATM 1384 O  O   . HOH D 4 .   ? -15.758 -11.570 -3.709  1.00 58.30  ? 2107 HOH A O   1 
HETATM 1385 O  O   . HOH D 4 .   ? 15.593  -1.434  -1.124  1.00 33.82  ? 2108 HOH A O   1 
HETATM 1386 O  O   . HOH D 4 .   ? 11.528  -8.959  -7.923  1.00 28.54  ? 2109 HOH A O   1 
HETATM 1387 O  O   . HOH D 4 .   ? 15.597  1.752   9.109   1.00 45.07  ? 2110 HOH A O   1 
HETATM 1388 O  O   . HOH D 4 .   ? 22.146  1.858   -7.685  1.00 59.84  ? 2111 HOH A O   1 
HETATM 1389 O  O   . HOH D 4 .   ? 4.570   -10.255 -11.241 1.00 46.20  ? 2112 HOH A O   1 
HETATM 1390 O  O   . HOH D 4 .   ? 17.191  -4.250  17.638  1.00 56.70  ? 2113 HOH A O   1 
HETATM 1391 O  O   . HOH D 4 .   ? -11.000 -13.684 10.653  1.00 38.10  ? 2114 HOH A O   1 
HETATM 1392 O  O   . HOH D 4 .   ? -33.064 -10.377 -2.515  1.00 58.99  ? 2115 HOH A O   1 
HETATM 1393 O  O   . HOH D 4 .   ? 0.799   -13.245 2.084   1.00 53.33  ? 2116 HOH A O   1 
HETATM 1394 O  O   . HOH D 4 .   ? 13.482  -1.143  16.822  1.00 63.41  ? 2117 HOH A O   1 
HETATM 1395 O  O   . HOH D 4 .   ? -6.617  9.234   -11.867 1.00 61.87  ? 2118 HOH A O   1 
HETATM 1396 O  O   . HOH D 4 .   ? 7.432   -14.750 2.401   1.00 56.30  ? 2119 HOH A O   1 
HETATM 1397 O  O   . HOH D 4 .   ? -33.990 -9.128  -11.670 1.00 45.69  ? 2120 HOH A O   1 
HETATM 1398 O  O   . HOH D 4 .   ? 18.404  -3.197  -0.399  1.00 35.48  ? 2121 HOH A O   1 
HETATM 1399 O  O   . HOH D 4 .   ? -6.198  5.296   11.775  1.00 88.72  ? 2122 HOH A O   1 
HETATM 1400 O  O   . HOH D 4 .   ? -14.635 -4.107  -7.792  1.00 41.42  ? 2123 HOH A O   1 
HETATM 1401 O  O   . HOH D 4 .   ? -13.687 9.561   -1.650  1.00 62.22  ? 2124 HOH A O   1 
HETATM 1402 O  O   . HOH D 4 .   ? -4.692  -13.571 -0.481  1.00 47.08  ? 2125 HOH A O   1 
HETATM 1403 O  O   . HOH D 4 .   ? -7.622  0.564   -13.669 1.00 65.70  ? 2126 HOH A O   1 
HETATM 1404 O  O   . HOH D 4 .   ? 7.243   6.369   -14.196 1.00 44.09  ? 2127 HOH A O   1 
HETATM 1405 O  O   . HOH D 4 .   ? 19.445  3.477   -11.170 1.00 82.28  ? 2128 HOH A O   1 
HETATM 1406 O  O   . HOH D 4 .   ? 21.796  6.359   -3.222  1.00 45.32  ? 2129 HOH A O   1 
HETATM 1407 O  O   . HOH D 4 .   ? 21.719  3.951   -2.378  1.00 57.76  ? 2130 HOH A O   1 
HETATM 1408 O  O   . HOH D 4 .   ? 17.782  1.267   0.826   1.00 50.94  ? 2131 HOH A O   1 
HETATM 1409 O  O   . HOH D 4 .   ? 16.760  3.257   1.881   1.00 37.84  ? 2132 HOH A O   1 
HETATM 1410 O  O   . HOH D 4 .   ? 19.456  -1.114  -8.848  1.00 42.45  ? 2133 HOH A O   1 
HETATM 1411 O  O   . HOH D 4 .   ? 3.224   -14.727 8.004   1.00 41.93  ? 2134 HOH A O   1 
HETATM 1412 O  O   . HOH D 4 .   ? 2.697   -13.927 5.449   1.00 48.76  ? 2135 HOH A O   1 
HETATM 1413 O  O   . HOH D 4 .   ? 4.180   -15.190 3.808   1.00 58.88  ? 2136 HOH A O   1 
HETATM 1414 O  O   . HOH D 4 .   ? 10.732  -17.339 7.956   1.00 39.63  ? 2137 HOH A O   1 
HETATM 1415 O  O   . HOH D 4 .   ? 0.206   -14.324 7.297   1.00 72.82  ? 2138 HOH A O   1 
HETATM 1416 O  O   . HOH D 4 .   ? 20.181  14.556  -0.341  1.00 63.79  ? 2139 HOH A O   1 
HETATM 1417 O  O   . HOH D 4 .   ? 20.214  5.153   -9.516  1.00 56.76  ? 2140 HOH A O   1 
HETATM 1418 O  O   . HOH D 4 .   ? 19.608  -1.526  -1.997  1.00 51.97  ? 2141 HOH A O   1 
HETATM 1419 O  O   . HOH D 4 .   ? 17.303  2.739   -16.310 1.00 33.48  ? 2142 HOH A O   1 
HETATM 1420 O  O   . HOH D 4 .   ? 19.516  -0.478  -14.877 1.00 54.69  ? 2143 HOH A O   1 
HETATM 1421 O  O   . HOH D 4 .   ? 19.358  -3.295  -7.574  1.00 51.80  ? 2144 HOH A O   1 
HETATM 1422 O  O   . HOH D 4 .   ? 16.772  -2.644  -13.267 1.00 36.14  ? 2145 HOH A O   1 
HETATM 1423 O  O   . HOH D 4 .   ? -15.950 -2.542  -15.837 1.00 40.11  ? 2146 HOH A O   1 
HETATM 1424 O  O   . HOH D 4 .   ? -25.836 -1.627  -11.749 1.00 22.48  ? 2147 HOH A O   1 
HETATM 1425 O  O   . HOH D 4 .   ? -25.693 0.968   -12.298 1.00 35.39  ? 2148 HOH A O   1 
HETATM 1426 O  O   . HOH D 4 .   ? -1.589  1.564   -15.747 1.00 71.50  ? 2149 HOH A O   1 
HETATM 1427 O  O   . HOH D 4 .   ? 0.444   -3.440  -14.444 1.00 53.47  ? 2150 HOH A O   1 
HETATM 1428 O  O   . HOH D 4 .   ? -1.992  -3.177  -13.788 1.00 49.87  ? 2151 HOH A O   1 
HETATM 1429 O  O   . HOH D 4 .   ? -0.537  -0.318  -14.485 1.00 58.21  ? 2152 HOH A O   1 
HETATM 1430 O  O   . HOH D 4 .   ? -0.463  -11.709 -2.616  1.00 53.97  ? 2153 HOH A O   1 
HETATM 1431 O  O   . HOH D 4 .   ? 0.941   -15.173 9.541   1.00 61.70  ? 2154 HOH A O   1 
HETATM 1432 O  O   . HOH D 4 .   ? -6.622  -13.204 2.058   1.00 48.21  ? 2155 HOH A O   1 
HETATM 1433 O  O   . HOH D 4 .   ? -2.634  -13.810 -4.583  1.00 55.78  ? 2156 HOH A O   1 
HETATM 1434 O  O   . HOH D 4 .   ? -5.024  -13.934 -6.009  1.00 58.78  ? 2157 HOH A O   1 
HETATM 1435 O  O   . HOH D 4 .   ? -12.063 -6.655  -11.984 1.00 61.77  ? 2158 HOH A O   1 
HETATM 1436 O  O   . HOH D 4 .   ? 20.603  15.037  -2.786  1.00 67.27  ? 2159 HOH A O   1 
HETATM 1437 O  O   . HOH D 4 .   ? -16.244 -8.354  -0.875  1.00 50.75  ? 2160 HOH A O   1 
HETATM 1438 O  O   . HOH D 4 .   ? -13.021 -3.323  0.996   1.00 68.18  ? 2161 HOH A O   1 
HETATM 1439 O  O   . HOH D 4 .   ? -9.286  -15.174 10.636  1.00 55.10  ? 2162 HOH A O   1 
HETATM 1440 O  O   . HOH D 4 .   ? -9.711  -4.772  2.356   1.00 46.84  ? 2163 HOH A O   1 
HETATM 1441 O  O   . HOH D 4 .   ? -10.092 3.816   10.411  1.00 44.60  ? 2164 HOH A O   1 
HETATM 1442 O  O   . HOH D 4 .   ? -8.214  6.673   -0.813  1.00 47.96  ? 2165 HOH A O   1 
HETATM 1443 O  O   . HOH D 4 .   ? 23.327  -8.318  0.815   1.00 57.40  ? 2166 HOH A O   1 
HETATM 1444 O  O   . HOH D 4 .   ? 8.488   -13.747 -0.315  1.00 57.84  ? 2167 HOH A O   1 
HETATM 1445 O  O   . HOH D 4 .   ? 6.956   -12.585 -5.080  1.00 66.15  ? 2168 HOH A O   1 
HETATM 1446 O  O   . HOH D 4 .   ? -15.692 -9.938  7.379   1.00 32.29  ? 2169 HOH A O   1 
HETATM 1447 O  O   . HOH D 4 .   ? -7.458  1.245   2.522   1.00 57.40  ? 2170 HOH A O   1 
HETATM 1448 O  O   . HOH D 4 .   ? -10.638 6.338   -0.428  1.00 60.61  ? 2171 HOH A O   1 
HETATM 1449 O  O   . HOH D 4 .   ? -15.087 4.799   -13.542 1.00 47.53  ? 2172 HOH A O   1 
HETATM 1450 O  O   . HOH D 4 .   ? -13.399 1.807   -15.075 1.00 47.45  ? 2173 HOH A O   1 
HETATM 1451 O  O   . HOH D 4 .   ? 16.553  -11.378 0.742   1.00 42.92  ? 2174 HOH A O   1 
HETATM 1452 O  O   . HOH D 4 .   ? 14.947  -17.385 6.506   1.00 48.68  ? 2175 HOH A O   1 
HETATM 1453 O  O   . HOH D 4 .   ? -7.474  11.255  -1.712  1.00 41.17  ? 2176 HOH A O   1 
HETATM 1454 O  O   . HOH D 4 .   ? -7.691  7.860   -4.272  1.00 47.12  ? 2177 HOH A O   1 
HETATM 1455 O  O   . HOH D 4 .   ? -0.764  17.169  8.923   1.00 65.84  ? 2178 HOH A O   1 
HETATM 1456 O  O   . HOH D 4 .   ? 7.011   16.081  15.887  1.00 37.30  ? 2179 HOH A O   1 
HETATM 1457 O  O   . HOH D 4 .   ? 2.188   15.275  -1.838  1.00 63.49  ? 2180 HOH A O   1 
HETATM 1458 O  O   . HOH D 4 .   ? -3.948  11.730  -8.584  1.00 43.97  ? 2181 HOH A O   1 
HETATM 1459 O  O   . HOH D 4 .   ? -0.211  6.657   -13.632 1.00 48.46  ? 2182 HOH A O   1 
HETATM 1460 O  O   . HOH D 4 .   ? -4.886  1.720   -13.390 1.00 56.43  ? 2183 HOH A O   1 
HETATM 1461 O  O   . HOH D 4 .   ? -18.039 -2.396  -14.491 1.00 67.75  ? 2184 HOH A O   1 
HETATM 1462 O  O   . HOH D 4 .   ? -9.812  -3.038  6.788   1.00 32.37  ? 2185 HOH A O   1 
HETATM 1463 O  O   . HOH D 4 .   ? -10.877 -3.580  8.925   1.00 55.52  ? 2186 HOH A O   1 
HETATM 1464 O  O   . HOH D 4 .   ? -11.930 -1.631  7.672   1.00 55.81  ? 2187 HOH A O   1 
HETATM 1465 O  O   . HOH D 4 .   ? -10.194 2.219   5.923   1.00 40.63  ? 2188 HOH A O   1 
HETATM 1466 O  O   . HOH D 4 .   ? -12.178 1.202   6.830   1.00 44.20  ? 2189 HOH A O   1 
HETATM 1467 O  O   . HOH D 4 .   ? -14.006 0.534   3.682   1.00 71.80  ? 2190 HOH A O   1 
HETATM 1468 O  O   . HOH D 4 .   ? -13.159 0.731   9.181   1.00 49.81  ? 2191 HOH A O   1 
HETATM 1469 O  O   . HOH D 4 .   ? -6.731  3.673   3.847   1.00 45.80  ? 2192 HOH A O   1 
HETATM 1470 O  O   . HOH D 4 .   ? -9.536  5.985   9.665   1.00 87.10  ? 2193 HOH A O   1 
# 
